data_8QPD
#
_entry.id   8QPD
#
_entity_poly.entity_id   1
_entity_poly.type   'polypeptide(L)'
_entity_poly.pdbx_seq_one_letter_code
;AVNEVQVVNDSSWDELVIGSETPVLVDFWAPWCGPCRMIAPIIDELAKEYAGKIKCYKLNTDESPNTATKYGIRSIPTVL
FFKNGEKKDSVIGAVPKATLSEKVEKYI
;
_entity_poly.pdbx_strand_id   A
#
# COMPACT_ATOMS: atom_id res chain seq x y z
N ALA A 1 -1.51 16.13 9.56
CA ALA A 1 -0.99 14.78 9.40
C ALA A 1 0.43 14.66 9.96
N VAL A 2 0.60 13.78 10.94
CA VAL A 2 1.90 13.57 11.56
C VAL A 2 2.23 12.09 11.68
N ASN A 3 1.22 11.30 12.04
CA ASN A 3 1.39 9.86 12.20
C ASN A 3 1.08 9.14 10.90
N GLU A 4 0.86 7.82 10.99
CA GLU A 4 0.56 7.02 9.82
C GLU A 4 1.77 6.93 8.89
N VAL A 5 1.90 5.80 8.21
CA VAL A 5 3.01 5.58 7.29
C VAL A 5 2.76 6.30 5.97
N GLN A 6 3.85 6.67 5.29
CA GLN A 6 3.74 7.36 4.00
C GLN A 6 5.10 7.91 3.58
N VAL A 7 5.45 7.69 2.31
CA VAL A 7 6.72 8.18 1.78
C VAL A 7 7.81 8.14 2.84
N VAL A 8 8.48 7.00 2.97
CA VAL A 8 9.55 6.84 3.96
C VAL A 8 10.79 6.26 3.32
N ASN A 9 10.60 5.34 2.38
CA ASN A 9 11.72 4.70 1.69
C ASN A 9 12.55 3.87 2.66
N ASP A 10 12.76 2.60 2.31
CA ASP A 10 13.54 1.70 3.15
C ASP A 10 12.76 1.30 4.40
N SER A 11 12.47 2.28 5.25
CA SER A 11 11.73 2.04 6.48
C SER A 11 10.57 1.08 6.24
N SER A 12 9.86 1.29 5.13
CA SER A 12 8.72 0.44 4.79
C SER A 12 9.14 -1.02 4.68
N TRP A 13 9.80 -1.35 3.57
CA TRP A 13 10.26 -2.72 3.35
C TRP A 13 11.37 -3.09 4.34
N ASP A 14 11.76 -2.14 5.17
CA ASP A 14 12.80 -2.37 6.17
C ASP A 14 12.30 -3.30 7.27
N GLU A 15 11.39 -2.80 8.09
CA GLU A 15 10.83 -3.59 9.18
C GLU A 15 9.36 -3.27 9.40
N LEU A 16 8.78 -2.52 8.47
CA LEU A 16 7.38 -2.14 8.54
C LEU A 16 6.49 -3.18 7.85
N VAL A 17 6.60 -3.26 6.53
CA VAL A 17 5.83 -4.20 5.75
C VAL A 17 6.14 -5.64 6.15
N ILE A 18 7.23 -5.81 6.88
CA ILE A 18 7.64 -7.14 7.34
C ILE A 18 7.70 -7.20 8.87
N GLY A 19 7.18 -6.16 9.51
CA GLY A 19 7.18 -6.11 10.97
C GLY A 19 5.99 -5.36 11.52
N SER A 20 5.04 -5.04 10.65
CA SER A 20 3.84 -4.32 11.06
C SER A 20 3.00 -5.15 12.02
N GLU A 21 2.69 -4.58 13.18
CA GLU A 21 1.89 -5.27 14.19
C GLU A 21 0.47 -5.52 13.68
N THR A 22 0.10 -4.82 12.61
CA THR A 22 -1.23 -4.95 12.04
C THR A 22 -1.16 -5.00 10.51
N PRO A 23 -2.20 -5.59 9.90
CA PRO A 23 -2.28 -5.71 8.44
C PRO A 23 -2.50 -4.37 7.74
N VAL A 24 -1.42 -3.78 7.25
CA VAL A 24 -1.51 -2.49 6.56
C VAL A 24 -1.82 -2.67 5.08
N LEU A 25 -2.02 -1.56 4.38
CA LEU A 25 -2.32 -1.61 2.96
C LEU A 25 -1.45 -0.62 2.19
N VAL A 26 -0.61 -1.16 1.30
CA VAL A 26 0.27 -0.33 0.49
C VAL A 26 -0.35 0.00 -0.85
N ASP A 27 -0.54 1.30 -1.11
CA ASP A 27 -1.13 1.74 -2.37
C ASP A 27 -0.05 2.20 -3.35
N PHE A 28 -0.20 1.81 -4.61
CA PHE A 28 0.75 2.17 -5.64
C PHE A 28 0.34 3.47 -6.34
N TRP A 29 1.20 3.94 -7.24
CA TRP A 29 0.92 5.17 -7.97
C TRP A 29 1.47 5.08 -9.39
N ALA A 30 2.59 4.38 -9.55
CA ALA A 30 3.22 4.22 -10.86
C ALA A 30 3.71 5.56 -11.40
N PRO A 31 4.99 5.60 -11.80
CA PRO A 31 5.60 6.82 -12.34
C PRO A 31 5.06 7.18 -13.72
N TRP A 32 4.17 6.34 -14.23
CA TRP A 32 3.58 6.57 -15.55
C TRP A 32 3.28 8.05 -15.77
N CYS A 33 3.11 8.79 -14.68
CA CYS A 33 2.83 10.21 -14.74
C CYS A 33 3.07 10.88 -13.40
N GLY A 34 3.54 12.13 -13.44
CA GLY A 34 3.81 12.86 -12.21
C GLY A 34 2.61 12.88 -11.28
N PRO A 35 1.61 13.69 -11.62
CA PRO A 35 0.38 13.82 -10.82
C PRO A 35 -0.48 12.56 -10.87
N CYS A 36 0.02 11.53 -11.55
CA CYS A 36 -0.70 10.27 -11.67
C CYS A 36 -1.29 9.85 -10.31
N ARG A 37 -2.15 8.83 -10.35
CA ARG A 37 -2.78 8.34 -9.13
C ARG A 37 -1.77 8.26 -7.98
N MET A 38 -1.68 9.35 -7.23
CA MET A 38 -0.75 9.41 -6.10
C MET A 38 -1.32 8.69 -4.88
N ILE A 39 -2.27 9.34 -4.20
CA ILE A 39 -2.89 8.75 -3.03
C ILE A 39 -4.32 9.25 -2.86
N ALA A 40 -4.88 9.07 -1.67
CA ALA A 40 -6.24 9.50 -1.38
C ALA A 40 -6.71 8.99 -0.02
N PRO A 41 -7.43 9.85 0.72
CA PRO A 41 -7.95 9.49 2.05
C PRO A 41 -9.06 8.45 1.98
N ILE A 42 -9.52 8.17 0.76
CA ILE A 42 -10.58 7.18 0.56
C ILE A 42 -10.12 5.79 0.96
N ILE A 43 -8.86 5.47 0.64
CA ILE A 43 -8.29 4.17 0.96
C ILE A 43 -8.00 4.05 2.46
N ASP A 44 -7.50 5.14 3.04
CA ASP A 44 -7.17 5.16 4.46
C ASP A 44 -8.44 5.16 5.31
N GLU A 45 -9.32 6.12 5.04
CA GLU A 45 -10.58 6.23 5.78
C GLU A 45 -11.30 4.89 5.81
N LEU A 46 -11.31 4.21 4.69
CA LEU A 46 -11.98 2.91 4.58
C LEU A 46 -11.06 1.78 5.03
N ALA A 47 -9.79 2.11 5.24
CA ALA A 47 -8.82 1.13 5.68
C ALA A 47 -8.94 0.86 7.18
N LYS A 48 -9.50 1.82 7.90
CA LYS A 48 -9.68 1.68 9.35
C LYS A 48 -11.17 1.70 9.71
N GLU A 49 -12.00 2.07 8.74
CA GLU A 49 -13.44 2.13 8.96
C GLU A 49 -13.96 0.81 9.52
N TYR A 50 -13.40 -0.28 9.03
CA TYR A 50 -13.81 -1.61 9.48
C TYR A 50 -13.19 -1.96 10.82
N ALA A 51 -12.59 -0.96 11.47
CA ALA A 51 -11.97 -1.14 12.77
C ALA A 51 -11.21 0.10 13.20
N GLY A 52 -9.92 0.15 12.88
CA GLY A 52 -9.10 1.30 13.24
C GLY A 52 -7.66 0.91 13.53
N LYS A 53 -7.42 -0.38 13.71
CA LYS A 53 -6.07 -0.88 14.00
C LYS A 53 -5.29 -1.10 12.71
N ILE A 54 -6.01 -1.15 11.60
CA ILE A 54 -5.38 -1.35 10.30
C ILE A 54 -4.53 -0.15 9.90
N LYS A 55 -3.61 -0.36 8.96
CA LYS A 55 -2.74 0.71 8.50
C LYS A 55 -2.77 0.81 6.98
N CYS A 56 -2.10 1.82 6.44
CA CYS A 56 -2.06 2.04 5.00
C CYS A 56 -1.22 3.27 4.66
N TYR A 57 -0.75 3.33 3.42
CA TYR A 57 0.07 4.45 2.97
C TYR A 57 0.44 4.28 1.50
N LYS A 58 1.09 5.31 0.94
CA LYS A 58 1.51 5.29 -0.45
C LYS A 58 3.03 5.16 -0.57
N LEU A 59 3.48 4.41 -1.56
CA LEU A 59 4.91 4.21 -1.78
C LEU A 59 5.60 5.53 -2.14
N ASN A 60 6.85 5.66 -1.74
CA ASN A 60 7.62 6.87 -2.02
C ASN A 60 7.99 6.95 -3.50
N THR A 61 7.82 8.13 -4.08
CA THR A 61 8.13 8.34 -5.49
C THR A 61 9.53 8.91 -5.66
N ASP A 62 10.08 9.44 -4.58
CA ASP A 62 11.42 10.02 -4.62
C ASP A 62 12.38 9.12 -5.39
N GLU A 63 12.13 7.82 -5.34
CA GLU A 63 12.98 6.85 -6.03
C GLU A 63 12.52 5.42 -5.75
N SER A 64 11.92 5.22 -4.57
CA SER A 64 11.44 3.91 -4.18
C SER A 64 12.51 2.84 -4.41
N PRO A 65 13.56 2.87 -3.57
CA PRO A 65 14.66 1.91 -3.67
C PRO A 65 14.26 0.50 -3.26
N ASN A 66 13.25 0.40 -2.41
CA ASN A 66 12.76 -0.88 -1.94
C ASN A 66 12.02 -1.62 -3.07
N THR A 67 10.69 -1.46 -3.10
CA THR A 67 9.87 -2.11 -4.11
C THR A 67 10.63 -2.22 -5.43
N ALA A 68 11.12 -1.10 -5.94
CA ALA A 68 11.86 -1.09 -7.19
C ALA A 68 12.96 -2.15 -7.19
N THR A 69 13.68 -2.24 -6.08
CA THR A 69 14.77 -3.21 -5.95
C THR A 69 14.22 -4.63 -5.89
N LYS A 70 12.93 -4.75 -5.64
CA LYS A 70 12.28 -6.06 -5.56
C LYS A 70 10.99 -6.08 -6.36
N TYR A 71 9.89 -5.73 -5.71
CA TYR A 71 8.58 -5.70 -6.35
C TYR A 71 8.69 -5.13 -7.76
N GLY A 72 9.08 -3.86 -7.86
CA GLY A 72 9.20 -3.22 -9.15
C GLY A 72 7.92 -2.56 -9.60
N ILE A 73 7.70 -1.34 -9.15
CA ILE A 73 6.50 -0.59 -9.51
C ILE A 73 6.80 0.46 -10.56
N ARG A 74 7.53 0.06 -11.60
CA ARG A 74 7.89 0.96 -12.68
C ARG A 74 6.64 1.60 -13.30
N SER A 75 5.48 1.04 -12.98
CA SER A 75 4.21 1.55 -13.50
C SER A 75 3.05 0.73 -12.97
N ILE A 76 2.01 0.58 -13.79
CA ILE A 76 0.83 -0.17 -13.41
C ILE A 76 0.66 -0.20 -11.89
N PRO A 77 -0.09 0.78 -11.36
CA PRO A 77 -0.34 0.89 -9.92
C PRO A 77 -1.26 -0.21 -9.41
N THR A 78 -0.77 -0.97 -8.43
CA THR A 78 -1.54 -2.06 -7.86
C THR A 78 -1.82 -1.81 -6.38
N VAL A 79 -2.62 -2.70 -5.77
CA VAL A 79 -2.95 -2.57 -4.36
C VAL A 79 -2.68 -3.88 -3.62
N LEU A 80 -1.79 -3.83 -2.64
CA LEU A 80 -1.44 -5.00 -1.86
C LEU A 80 -1.42 -4.68 -0.37
N PHE A 81 -1.83 -5.63 0.46
CA PHE A 81 -1.86 -5.45 1.90
C PHE A 81 -0.95 -6.46 2.59
N PHE A 82 -0.28 -6.00 3.65
CA PHE A 82 0.63 -6.86 4.41
C PHE A 82 0.42 -6.68 5.90
N LYS A 83 0.74 -7.73 6.66
CA LYS A 83 0.60 -7.69 8.12
C LYS A 83 1.82 -8.30 8.80
N ASN A 84 2.80 -8.70 8.01
CA ASN A 84 4.02 -9.30 8.53
C ASN A 84 4.99 -9.67 7.41
N GLY A 85 4.91 -8.92 6.30
CA GLY A 85 5.78 -9.19 5.18
C GLY A 85 5.48 -10.52 4.51
N GLU A 86 4.24 -10.99 4.66
CA GLU A 86 3.84 -12.26 4.07
C GLU A 86 3.00 -12.03 2.81
N LYS A 87 2.99 -10.79 2.34
CA LYS A 87 2.23 -10.44 1.14
C LYS A 87 0.78 -10.93 1.26
N LYS A 88 0.05 -10.37 2.21
CA LYS A 88 -1.34 -10.74 2.42
C LYS A 88 -2.05 -10.96 1.09
N ASP A 89 -2.31 -9.88 0.37
CA ASP A 89 -2.98 -9.95 -0.92
C ASP A 89 -2.48 -8.87 -1.86
N SER A 90 -2.95 -8.90 -3.10
CA SER A 90 -2.55 -7.91 -4.10
C SER A 90 -3.57 -7.84 -5.23
N VAL A 91 -3.72 -6.65 -5.81
CA VAL A 91 -4.66 -6.44 -6.90
C VAL A 91 -4.22 -5.28 -7.80
N ILE A 92 -3.83 -5.61 -9.02
CA ILE A 92 -3.40 -4.58 -9.98
C ILE A 92 -4.57 -3.74 -10.46
N GLY A 93 -4.27 -2.72 -11.25
CA GLY A 93 -5.31 -1.84 -11.76
C GLY A 93 -6.48 -2.62 -12.34
N ALA A 94 -7.51 -1.89 -12.76
CA ALA A 94 -8.70 -2.52 -13.34
C ALA A 94 -9.49 -3.28 -12.28
N VAL A 95 -9.93 -2.54 -11.25
CA VAL A 95 -10.70 -3.15 -10.17
C VAL A 95 -9.78 -3.83 -9.15
N PRO A 96 -8.77 -3.09 -8.68
CA PRO A 96 -7.80 -3.60 -7.70
C PRO A 96 -8.42 -3.80 -6.33
N LYS A 97 -8.36 -2.77 -5.49
CA LYS A 97 -8.92 -2.83 -4.14
C LYS A 97 -10.39 -3.24 -4.19
N ALA A 98 -11.01 -3.09 -5.35
CA ALA A 98 -12.41 -3.46 -5.51
C ALA A 98 -12.57 -4.96 -5.66
N THR A 99 -11.83 -5.55 -6.59
CA THR A 99 -11.90 -6.98 -6.83
C THR A 99 -11.70 -7.77 -5.54
N LEU A 100 -10.60 -7.49 -4.84
CA LEU A 100 -10.29 -8.16 -3.59
C LEU A 100 -11.34 -7.84 -2.53
N SER A 101 -11.32 -6.59 -2.06
CA SER A 101 -12.27 -6.15 -1.04
C SER A 101 -13.67 -6.67 -1.34
N GLU A 102 -14.05 -6.63 -2.61
CA GLU A 102 -15.37 -7.10 -3.03
C GLU A 102 -15.60 -8.55 -2.59
N LYS A 103 -14.57 -9.37 -2.76
CA LYS A 103 -14.66 -10.78 -2.38
C LYS A 103 -14.91 -10.93 -0.89
N VAL A 104 -14.35 -10.03 -0.10
CA VAL A 104 -14.52 -10.05 1.34
C VAL A 104 -15.19 -8.78 1.84
N GLU A 105 -14.42 -7.71 1.95
CA GLU A 105 -14.94 -6.43 2.43
C GLU A 105 -13.84 -5.36 2.43
N LYS A 106 -12.62 -5.79 2.70
CA LYS A 106 -11.48 -4.87 2.73
C LYS A 106 -10.18 -5.63 2.89
N TYR A 107 -9.92 -6.14 4.09
CA TYR A 107 -8.70 -6.89 4.37
C TYR A 107 -9.03 -8.24 4.99
N ILE A 108 -10.23 -8.36 5.54
CA ILE A 108 -10.66 -9.61 6.16
C ILE A 108 -12.18 -9.65 6.29
N ALA A 1 -2.00 9.93 19.52
CA ALA A 1 -2.02 10.34 18.12
C ALA A 1 -1.28 9.34 17.24
N VAL A 2 -1.77 9.17 16.01
CA VAL A 2 -1.15 8.25 15.06
C VAL A 2 0.25 8.71 14.69
N ASN A 3 0.85 8.02 13.72
CA ASN A 3 2.19 8.37 13.26
C ASN A 3 2.14 9.14 11.95
N GLU A 4 1.96 8.43 10.85
CA GLU A 4 1.90 9.05 9.53
C GLU A 4 1.83 8.01 8.43
N VAL A 5 2.43 6.84 8.68
CA VAL A 5 2.44 5.76 7.72
C VAL A 5 2.38 6.29 6.29
N GLN A 6 3.54 6.51 5.70
CA GLN A 6 3.62 7.02 4.33
C GLN A 6 5.06 7.39 3.97
N VAL A 7 5.30 7.60 2.68
CA VAL A 7 6.63 7.97 2.20
C VAL A 7 7.71 7.40 3.11
N VAL A 8 8.18 6.19 2.79
CA VAL A 8 9.21 5.54 3.58
C VAL A 8 9.99 4.54 2.73
N ASN A 9 9.29 3.86 1.84
CA ASN A 9 9.91 2.87 0.97
C ASN A 9 11.04 2.14 1.70
N ASP A 10 12.27 2.61 1.49
CA ASP A 10 13.42 2.01 2.13
C ASP A 10 13.07 1.48 3.52
N SER A 11 13.23 2.33 4.53
CA SER A 11 12.94 1.94 5.91
C SER A 11 11.62 1.17 5.98
N SER A 12 10.67 1.55 5.14
CA SER A 12 9.37 0.90 5.11
C SER A 12 9.52 -0.61 4.94
N TRP A 13 9.93 -1.02 3.75
CA TRP A 13 10.12 -2.45 3.45
C TRP A 13 11.22 -3.04 4.33
N ASP A 14 11.92 -2.18 5.06
CA ASP A 14 12.99 -2.63 5.94
C ASP A 14 12.44 -3.46 7.08
N GLU A 15 11.62 -2.85 7.92
CA GLU A 15 11.03 -3.54 9.06
C GLU A 15 9.62 -3.02 9.34
N LEU A 16 9.09 -2.22 8.42
CA LEU A 16 7.76 -1.66 8.56
C LEU A 16 6.70 -2.62 8.03
N VAL A 17 6.68 -2.78 6.70
CA VAL A 17 5.72 -3.66 6.07
C VAL A 17 6.07 -5.13 6.32
N ILE A 18 7.27 -5.36 6.85
CA ILE A 18 7.72 -6.71 7.15
C ILE A 18 7.92 -6.90 8.65
N GLY A 19 7.48 -5.94 9.43
CA GLY A 19 7.63 -6.02 10.87
C GLY A 19 6.51 -5.30 11.61
N SER A 20 5.49 -4.89 10.88
CA SER A 20 4.36 -4.18 11.47
C SER A 20 3.41 -5.15 12.18
N GLU A 21 2.73 -4.66 13.20
CA GLU A 21 1.79 -5.49 13.96
C GLU A 21 0.37 -5.33 13.43
N THR A 22 0.23 -4.55 12.36
CA THR A 22 -1.08 -4.32 11.75
C THR A 22 -0.99 -4.37 10.23
N PRO A 23 -2.02 -4.95 9.59
CA PRO A 23 -2.08 -5.07 8.14
C PRO A 23 -2.29 -3.72 7.45
N VAL A 24 -1.23 -3.21 6.81
CA VAL A 24 -1.31 -1.93 6.12
C VAL A 24 -1.39 -2.13 4.61
N LEU A 25 -2.26 -1.35 3.96
CA LEU A 25 -2.43 -1.44 2.52
C LEU A 25 -1.52 -0.44 1.79
N VAL A 26 -0.50 -0.97 1.12
CA VAL A 26 0.44 -0.13 0.39
C VAL A 26 -0.09 0.21 -1.00
N ASP A 27 -0.04 1.49 -1.35
CA ASP A 27 -0.51 1.94 -2.65
C ASP A 27 0.64 2.48 -3.49
N PHE A 28 0.65 2.12 -4.78
CA PHE A 28 1.71 2.56 -5.68
C PHE A 28 1.35 3.91 -6.30
N TRP A 29 2.28 4.46 -7.07
CA TRP A 29 2.06 5.75 -7.72
C TRP A 29 2.57 5.73 -9.16
N ALA A 30 3.59 4.92 -9.41
CA ALA A 30 4.16 4.79 -10.75
C ALA A 30 4.80 6.10 -11.18
N PRO A 31 6.12 6.04 -11.47
CA PRO A 31 6.88 7.23 -11.91
C PRO A 31 6.49 7.68 -13.31
N TRP A 32 6.07 6.74 -14.14
CA TRP A 32 5.66 7.04 -15.50
C TRP A 32 5.01 8.42 -15.58
N CYS A 33 3.77 8.51 -15.10
CA CYS A 33 3.03 9.76 -15.11
C CYS A 33 3.95 10.93 -14.77
N GLY A 34 4.29 11.72 -15.79
CA GLY A 34 5.16 12.87 -15.58
C GLY A 34 4.84 13.60 -14.29
N PRO A 35 3.70 14.29 -14.26
CA PRO A 35 3.25 15.05 -13.09
C PRO A 35 2.85 14.15 -11.93
N CYS A 36 3.04 12.84 -12.11
CA CYS A 36 2.70 11.88 -11.07
C CYS A 36 1.19 11.89 -10.79
N ARG A 37 0.58 10.72 -10.80
CA ARG A 37 -0.85 10.60 -10.54
C ARG A 37 -1.11 9.93 -9.20
N MET A 38 -0.07 9.32 -8.64
CA MET A 38 -0.18 8.64 -7.35
C MET A 38 -1.57 8.03 -7.18
N ILE A 39 -2.04 7.98 -5.94
CA ILE A 39 -3.35 7.42 -5.64
C ILE A 39 -4.11 8.28 -4.63
N ALA A 40 -5.39 8.52 -4.90
CA ALA A 40 -6.22 9.33 -4.02
C ALA A 40 -6.44 8.63 -2.68
N PRO A 41 -6.98 9.37 -1.71
CA PRO A 41 -7.26 8.85 -0.36
C PRO A 41 -8.40 7.83 -0.36
N ILE A 42 -9.09 7.73 -1.50
CA ILE A 42 -10.20 6.78 -1.62
C ILE A 42 -9.80 5.39 -1.15
N ILE A 43 -8.64 4.94 -1.60
CA ILE A 43 -8.13 3.62 -1.22
C ILE A 43 -7.98 3.50 0.29
N ASP A 44 -7.59 4.60 0.92
CA ASP A 44 -7.40 4.63 2.37
C ASP A 44 -8.75 4.63 3.09
N GLU A 45 -9.72 5.32 2.52
CA GLU A 45 -11.05 5.39 3.11
C GLU A 45 -11.71 4.01 3.15
N LEU A 46 -11.57 3.27 2.05
CA LEU A 46 -12.15 1.94 1.96
C LEU A 46 -11.32 0.92 2.73
N ALA A 47 -10.06 1.28 2.99
CA ALA A 47 -9.15 0.40 3.71
C ALA A 47 -9.34 0.54 5.23
N LYS A 48 -10.00 1.62 5.64
CA LYS A 48 -10.24 1.87 7.05
C LYS A 48 -11.73 2.05 7.32
N GLU A 49 -12.52 2.12 6.24
CA GLU A 49 -13.96 2.29 6.37
C GLU A 49 -14.57 1.22 7.27
N TYR A 50 -13.95 0.03 7.25
CA TYR A 50 -14.43 -1.08 8.07
C TYR A 50 -14.31 -0.76 9.56
N ALA A 51 -13.48 0.22 9.88
CA ALA A 51 -13.28 0.63 11.26
C ALA A 51 -12.22 1.72 11.37
N GLY A 52 -10.96 1.34 11.30
CA GLY A 52 -9.87 2.29 11.38
C GLY A 52 -8.66 1.73 12.09
N LYS A 53 -8.82 0.57 12.72
CA LYS A 53 -7.73 -0.07 13.44
C LYS A 53 -6.61 -0.48 12.48
N ILE A 54 -6.91 -0.43 11.18
CA ILE A 54 -5.92 -0.79 10.17
C ILE A 54 -5.03 0.40 9.83
N LYS A 55 -4.52 0.41 8.60
CA LYS A 55 -3.65 1.49 8.15
C LYS A 55 -3.62 1.56 6.62
N CYS A 56 -2.94 2.57 6.09
CA CYS A 56 -2.84 2.75 4.65
C CYS A 56 -1.86 3.86 4.31
N TYR A 57 -1.21 3.74 3.15
CA TYR A 57 -0.25 4.75 2.71
C TYR A 57 0.32 4.39 1.35
N LYS A 58 1.13 5.28 0.79
CA LYS A 58 1.74 5.06 -0.51
C LYS A 58 3.27 5.17 -0.43
N LEU A 59 3.96 4.31 -1.16
CA LEU A 59 5.42 4.31 -1.18
C LEU A 59 5.96 5.73 -1.25
N ASN A 60 7.27 5.88 -1.02
CA ASN A 60 7.90 7.19 -1.07
C ASN A 60 8.30 7.56 -2.49
N THR A 61 9.37 8.34 -2.63
CA THR A 61 9.84 8.76 -3.94
C THR A 61 11.32 9.17 -3.89
N ASP A 62 12.04 8.60 -2.94
CA ASP A 62 13.47 8.89 -2.78
C ASP A 62 14.31 8.06 -3.73
N GLU A 63 13.76 6.93 -4.15
CA GLU A 63 14.46 6.03 -5.06
C GLU A 63 13.79 4.67 -5.13
N SER A 64 13.04 4.33 -4.08
CA SER A 64 12.35 3.06 -4.01
C SER A 64 13.19 1.95 -4.62
N PRO A 65 14.43 1.82 -4.14
CA PRO A 65 15.37 0.80 -4.63
C PRO A 65 14.96 -0.61 -4.20
N ASN A 66 14.51 -0.74 -2.96
CA ASN A 66 14.08 -2.03 -2.43
C ASN A 66 12.68 -2.37 -2.89
N THR A 67 11.90 -1.35 -3.24
CA THR A 67 10.53 -1.54 -3.70
C THR A 67 10.50 -1.95 -5.16
N ALA A 68 11.37 -1.34 -5.96
CA ALA A 68 11.43 -1.65 -7.38
C ALA A 68 12.07 -3.02 -7.62
N THR A 69 13.02 -3.38 -6.76
CA THR A 69 13.71 -4.66 -6.88
C THR A 69 12.92 -5.77 -6.20
N LYS A 70 12.00 -5.39 -5.33
CA LYS A 70 11.17 -6.35 -4.62
C LYS A 70 9.78 -6.44 -5.23
N TYR A 71 9.51 -5.57 -6.20
CA TYR A 71 8.23 -5.55 -6.87
C TYR A 71 8.37 -5.03 -8.30
N GLY A 72 9.09 -3.94 -8.46
CA GLY A 72 9.29 -3.35 -9.78
C GLY A 72 8.11 -2.53 -10.24
N ILE A 73 8.09 -1.26 -9.86
CA ILE A 73 7.00 -0.36 -10.24
C ILE A 73 7.47 0.69 -11.24
N ARG A 74 7.66 0.26 -12.49
CA ARG A 74 8.11 1.16 -13.54
C ARG A 74 6.93 1.93 -14.13
N SER A 75 5.72 1.45 -13.87
CA SER A 75 4.52 2.10 -14.39
C SER A 75 3.27 1.31 -13.99
N ILE A 76 2.17 2.02 -13.77
CA ILE A 76 0.92 1.39 -13.39
C ILE A 76 0.96 0.91 -11.95
N PRO A 77 0.50 1.77 -11.03
CA PRO A 77 0.48 1.45 -9.60
C PRO A 77 -0.55 0.38 -9.25
N THR A 78 -0.21 -0.50 -8.32
CA THR A 78 -1.10 -1.57 -7.91
C THR A 78 -1.48 -1.43 -6.44
N VAL A 79 -2.49 -2.19 -6.02
CA VAL A 79 -2.95 -2.15 -4.63
C VAL A 79 -2.70 -3.49 -3.94
N LEU A 80 -1.83 -3.47 -2.95
CA LEU A 80 -1.50 -4.69 -2.21
C LEU A 80 -1.57 -4.44 -0.70
N PHE A 81 -1.39 -5.49 0.08
CA PHE A 81 -1.42 -5.39 1.53
C PHE A 81 -0.52 -6.44 2.18
N PHE A 82 0.26 -6.01 3.16
CA PHE A 82 1.18 -6.91 3.86
C PHE A 82 1.43 -6.42 5.28
N LYS A 83 2.17 -7.22 6.05
CA LYS A 83 2.49 -6.87 7.43
C LYS A 83 3.10 -8.06 8.17
N ASN A 84 4.04 -7.79 9.06
CA ASN A 84 4.69 -8.84 9.83
C ASN A 84 5.36 -9.85 8.90
N GLY A 85 5.46 -9.51 7.63
CA GLY A 85 6.07 -10.40 6.67
C GLY A 85 5.08 -11.36 6.04
N GLU A 86 3.89 -10.86 5.73
CA GLU A 86 2.85 -11.68 5.13
C GLU A 86 2.11 -10.92 4.04
N LYS A 87 2.40 -11.23 2.79
CA LYS A 87 1.76 -10.57 1.66
C LYS A 87 0.28 -10.94 1.59
N LYS A 88 -0.55 -10.14 2.25
CA LYS A 88 -1.99 -10.38 2.26
C LYS A 88 -2.50 -10.67 0.86
N ASP A 89 -2.14 -9.81 -0.09
CA ASP A 89 -2.56 -9.97 -1.47
C ASP A 89 -2.14 -8.76 -2.31
N SER A 90 -2.38 -8.84 -3.62
CA SER A 90 -2.03 -7.76 -4.52
C SER A 90 -2.93 -7.77 -5.76
N VAL A 91 -3.13 -6.59 -6.34
CA VAL A 91 -3.97 -6.47 -7.53
C VAL A 91 -3.72 -5.15 -8.24
N ILE A 92 -4.18 -5.05 -9.48
CA ILE A 92 -4.01 -3.84 -10.27
C ILE A 92 -5.30 -3.04 -10.35
N GLY A 93 -5.23 -1.85 -10.96
CA GLY A 93 -6.40 -1.02 -11.09
C GLY A 93 -7.58 -1.75 -11.72
N ALA A 94 -8.71 -1.74 -11.04
CA ALA A 94 -9.91 -2.41 -11.54
C ALA A 94 -10.91 -2.64 -10.42
N VAL A 95 -11.13 -1.62 -9.60
CA VAL A 95 -12.06 -1.71 -8.48
C VAL A 95 -11.82 -2.98 -7.66
N PRO A 96 -10.54 -3.25 -7.36
CA PRO A 96 -10.14 -4.42 -6.58
C PRO A 96 -10.55 -4.31 -5.12
N LYS A 97 -10.55 -3.08 -4.60
CA LYS A 97 -10.92 -2.84 -3.21
C LYS A 97 -12.03 -3.81 -2.78
N ALA A 98 -12.89 -4.17 -3.70
CA ALA A 98 -13.99 -5.08 -3.42
C ALA A 98 -13.53 -6.53 -3.48
N THR A 99 -13.00 -6.94 -4.63
CA THR A 99 -12.51 -8.29 -4.82
C THR A 99 -11.62 -8.72 -3.68
N LEU A 100 -10.74 -7.81 -3.24
CA LEU A 100 -9.82 -8.09 -2.15
C LEU A 100 -10.55 -8.11 -0.81
N SER A 101 -11.51 -7.20 -0.66
CA SER A 101 -12.28 -7.11 0.58
C SER A 101 -12.84 -8.47 0.98
N GLU A 102 -13.87 -8.92 0.26
CA GLU A 102 -14.50 -10.20 0.54
C GLU A 102 -13.48 -11.33 0.43
N LYS A 103 -12.48 -11.15 -0.42
CA LYS A 103 -11.44 -12.15 -0.62
C LYS A 103 -10.55 -12.26 0.61
N VAL A 104 -10.39 -11.14 1.32
CA VAL A 104 -9.56 -11.10 2.52
C VAL A 104 -10.38 -11.45 3.76
N GLU A 105 -11.07 -10.45 4.30
CA GLU A 105 -11.90 -10.65 5.48
C GLU A 105 -12.38 -9.30 6.04
N LYS A 106 -11.44 -8.38 6.21
CA LYS A 106 -11.78 -7.05 6.73
C LYS A 106 -10.54 -6.37 7.33
N TYR A 107 -9.52 -7.18 7.62
CA TYR A 107 -8.28 -6.65 8.18
C TYR A 107 -8.53 -6.05 9.56
N ILE A 108 -9.70 -6.33 10.12
CA ILE A 108 -10.07 -5.82 11.44
C ILE A 108 -11.39 -6.39 11.92
N ALA A 1 9.13 11.05 17.68
CA ALA A 1 8.32 10.96 16.48
C ALA A 1 7.01 10.23 16.75
N VAL A 2 5.91 10.98 16.79
CA VAL A 2 4.60 10.40 17.03
C VAL A 2 4.21 9.41 15.94
N ASN A 3 4.59 9.72 14.71
CA ASN A 3 4.28 8.84 13.58
C ASN A 3 5.23 9.12 12.41
N GLU A 4 4.85 8.65 11.23
CA GLU A 4 5.67 8.84 10.04
C GLU A 4 4.88 8.50 8.77
N VAL A 5 5.06 7.27 8.29
CA VAL A 5 4.36 6.81 7.10
C VAL A 5 4.49 7.84 5.96
N GLN A 6 3.96 7.48 4.80
CA GLN A 6 4.02 8.35 3.63
C GLN A 6 5.45 8.50 3.13
N VAL A 7 5.71 7.96 1.94
CA VAL A 7 7.04 8.03 1.34
C VAL A 7 8.12 8.05 2.42
N VAL A 8 8.16 7.01 3.24
CA VAL A 8 9.15 6.91 4.30
C VAL A 8 10.48 6.38 3.77
N ASN A 9 10.50 6.03 2.49
CA ASN A 9 11.72 5.51 1.86
C ASN A 9 11.87 4.01 2.14
N ASP A 10 12.92 3.42 1.59
CA ASP A 10 13.18 2.00 1.76
C ASP A 10 12.75 1.55 3.16
N SER A 11 12.89 2.43 4.13
CA SER A 11 12.52 2.13 5.51
C SER A 11 11.31 1.19 5.55
N SER A 12 10.31 1.50 4.72
CA SER A 12 9.10 0.70 4.66
C SER A 12 9.42 -0.77 4.41
N TRP A 13 10.03 -1.04 3.27
CA TRP A 13 10.40 -2.40 2.90
C TRP A 13 11.54 -2.92 3.78
N ASP A 14 12.15 -2.01 4.53
CA ASP A 14 13.25 -2.37 5.41
C ASP A 14 12.76 -3.34 6.50
N GLU A 15 11.86 -2.86 7.35
CA GLU A 15 11.33 -3.68 8.45
C GLU A 15 9.88 -3.32 8.71
N LEU A 16 9.28 -2.53 7.83
CA LEU A 16 7.90 -2.12 7.96
C LEU A 16 6.96 -3.11 7.29
N VAL A 17 6.97 -3.11 5.95
CA VAL A 17 6.14 -4.01 5.17
C VAL A 17 6.56 -5.46 5.38
N ILE A 18 7.73 -5.65 5.97
CA ILE A 18 8.25 -7.00 6.22
C ILE A 18 8.48 -7.23 7.70
N GLY A 19 8.00 -6.30 8.52
CA GLY A 19 8.15 -6.42 9.96
C GLY A 19 6.96 -5.88 10.72
N SER A 20 5.89 -5.58 10.00
CA SER A 20 4.68 -5.05 10.63
C SER A 20 3.95 -6.13 11.40
N GLU A 21 2.96 -5.72 12.20
CA GLU A 21 2.19 -6.65 13.00
C GLU A 21 0.74 -6.17 13.14
N THR A 22 0.38 -5.17 12.35
CA THR A 22 -0.98 -4.63 12.38
C THR A 22 -1.54 -4.47 10.97
N PRO A 23 -2.85 -4.22 10.89
CA PRO A 23 -3.55 -4.04 9.61
C PRO A 23 -3.15 -2.74 8.91
N VAL A 24 -2.44 -2.87 7.80
CA VAL A 24 -2.00 -1.70 7.04
C VAL A 24 -2.35 -1.85 5.56
N LEU A 25 -2.22 -0.75 4.82
CA LEU A 25 -2.53 -0.76 3.39
C LEU A 25 -1.57 0.15 2.63
N VAL A 26 -0.95 -0.39 1.59
CA VAL A 26 -0.01 0.38 0.78
C VAL A 26 -0.50 0.51 -0.66
N ASP A 27 -0.54 1.73 -1.16
CA ASP A 27 -0.99 2.00 -2.53
C ASP A 27 0.15 2.51 -3.39
N PHE A 28 0.19 2.06 -4.64
CA PHE A 28 1.23 2.48 -5.57
C PHE A 28 0.84 3.78 -6.28
N TRP A 29 1.77 4.30 -7.08
CA TRP A 29 1.52 5.54 -7.82
C TRP A 29 2.30 5.55 -9.12
N ALA A 30 3.51 5.00 -9.10
CA ALA A 30 4.35 4.95 -10.28
C ALA A 30 4.65 6.35 -10.81
N PRO A 31 5.94 6.66 -10.99
CA PRO A 31 6.38 7.97 -11.48
C PRO A 31 6.03 8.17 -12.95
N TRP A 32 6.06 7.08 -13.71
CA TRP A 32 5.75 7.15 -15.14
C TRP A 32 4.58 8.10 -15.40
N CYS A 33 3.63 8.13 -14.48
CA CYS A 33 2.47 8.99 -14.62
C CYS A 33 2.73 10.36 -13.99
N GLY A 34 2.75 11.39 -14.83
CA GLY A 34 2.99 12.74 -14.34
C GLY A 34 2.41 12.97 -12.96
N PRO A 35 1.10 13.26 -12.90
CA PRO A 35 0.41 13.50 -11.63
C PRO A 35 0.26 12.24 -10.80
N CYS A 36 0.74 11.12 -11.33
CA CYS A 36 0.66 9.84 -10.63
C CYS A 36 -0.66 9.71 -9.89
N ARG A 37 -0.69 8.82 -8.89
CA ARG A 37 -1.90 8.59 -8.10
C ARG A 37 -1.67 8.95 -6.65
N MET A 38 -0.40 9.16 -6.28
CA MET A 38 -0.04 9.52 -4.91
C MET A 38 -1.01 8.87 -3.92
N ILE A 39 -2.05 9.61 -3.55
CA ILE A 39 -3.03 9.10 -2.61
C ILE A 39 -4.45 9.31 -3.13
N ALA A 40 -5.44 8.97 -2.31
CA ALA A 40 -6.84 9.11 -2.70
C ALA A 40 -7.77 8.47 -1.66
N PRO A 41 -9.05 8.88 -1.69
CA PRO A 41 -10.05 8.35 -0.75
C PRO A 41 -10.41 6.90 -1.05
N ILE A 42 -9.93 6.40 -2.18
CA ILE A 42 -10.19 5.02 -2.57
C ILE A 42 -9.59 4.03 -1.57
N ILE A 43 -8.31 4.24 -1.25
CA ILE A 43 -7.62 3.38 -0.32
C ILE A 43 -8.12 3.60 1.11
N ASP A 44 -8.46 4.84 1.43
CA ASP A 44 -8.95 5.18 2.75
C ASP A 44 -10.20 4.36 3.10
N GLU A 45 -11.11 4.27 2.15
CA GLU A 45 -12.35 3.51 2.35
C GLU A 45 -12.05 2.02 2.49
N LEU A 46 -11.17 1.51 1.63
CA LEU A 46 -10.81 0.10 1.67
C LEU A 46 -9.81 -0.18 2.78
N ALA A 47 -9.48 0.85 3.54
CA ALA A 47 -8.53 0.72 4.64
C ALA A 47 -9.21 0.99 5.98
N LYS A 48 -10.37 1.65 5.94
CA LYS A 48 -11.12 1.96 7.14
C LYS A 48 -12.22 0.94 7.37
N GLU A 49 -12.57 0.19 6.34
CA GLU A 49 -13.61 -0.82 6.43
C GLU A 49 -13.61 -1.47 7.81
N TYR A 50 -12.43 -1.90 8.25
CA TYR A 50 -12.29 -2.54 9.55
C TYR A 50 -12.89 -1.68 10.66
N ALA A 51 -12.59 -0.38 10.62
CA ALA A 51 -13.08 0.55 11.61
C ALA A 51 -12.19 1.78 11.72
N GLY A 52 -10.97 1.67 11.18
CA GLY A 52 -10.04 2.78 11.22
C GLY A 52 -8.81 2.54 10.36
N LYS A 53 -8.63 3.38 9.34
CA LYS A 53 -7.49 3.24 8.45
C LYS A 53 -6.19 3.06 9.23
N ILE A 54 -6.24 3.39 10.53
CA ILE A 54 -5.07 3.26 11.38
C ILE A 54 -3.79 3.58 10.62
N LYS A 55 -3.17 2.54 10.06
CA LYS A 55 -1.93 2.71 9.31
C LYS A 55 -2.20 2.62 7.80
N CYS A 56 -1.64 3.56 7.05
CA CYS A 56 -1.81 3.58 5.60
C CYS A 56 -0.94 4.66 4.96
N TYR A 57 -0.49 4.40 3.75
CA TYR A 57 0.37 5.35 3.04
C TYR A 57 0.73 4.82 1.65
N LYS A 58 1.41 5.65 0.87
CA LYS A 58 1.83 5.25 -0.48
C LYS A 58 3.34 5.09 -0.56
N LEU A 59 3.80 4.35 -1.56
CA LEU A 59 5.23 4.12 -1.75
C LEU A 59 6.01 5.43 -1.71
N ASN A 60 7.32 5.33 -1.62
CA ASN A 60 8.18 6.51 -1.57
C ASN A 60 8.72 6.84 -2.96
N THR A 61 8.66 8.12 -3.31
CA THR A 61 9.14 8.57 -4.62
C THR A 61 10.65 8.82 -4.60
N ASP A 62 11.20 8.98 -3.40
CA ASP A 62 12.63 9.22 -3.24
C ASP A 62 13.44 8.26 -4.10
N GLU A 63 12.85 7.09 -4.38
CA GLU A 63 13.52 6.07 -5.18
C GLU A 63 12.88 4.71 -4.97
N SER A 64 12.60 4.39 -3.71
CA SER A 64 12.00 3.10 -3.37
C SER A 64 12.47 2.01 -4.32
N PRO A 65 13.78 1.71 -4.28
CA PRO A 65 14.38 0.68 -5.12
C PRO A 65 13.95 -0.73 -4.73
N ASN A 66 13.66 -0.91 -3.45
CA ASN A 66 13.23 -2.21 -2.95
C ASN A 66 11.82 -2.55 -3.42
N THR A 67 11.06 -1.51 -3.78
CA THR A 67 9.69 -1.68 -4.25
C THR A 67 9.66 -2.16 -5.69
N ALA A 68 10.60 -1.66 -6.49
CA ALA A 68 10.69 -2.05 -7.90
C ALA A 68 11.21 -3.47 -8.05
N THR A 69 12.08 -3.88 -7.12
CA THR A 69 12.65 -5.22 -7.16
C THR A 69 11.77 -6.21 -6.41
N LYS A 70 10.84 -5.70 -5.62
CA LYS A 70 9.94 -6.55 -4.85
C LYS A 70 8.52 -6.46 -5.41
N TYR A 71 8.23 -5.40 -6.16
CA TYR A 71 6.92 -5.20 -6.75
C TYR A 71 7.04 -4.65 -8.17
N GLY A 72 6.96 -3.33 -8.30
CA GLY A 72 7.06 -2.71 -9.61
C GLY A 72 6.36 -1.37 -9.67
N ILE A 73 6.85 -0.41 -8.89
CA ILE A 73 6.26 0.92 -8.86
C ILE A 73 6.95 1.85 -9.84
N ARG A 74 7.55 1.27 -10.87
CA ARG A 74 8.24 2.05 -11.90
C ARG A 74 7.26 2.66 -12.88
N SER A 75 6.12 1.99 -13.07
CA SER A 75 5.10 2.47 -13.98
C SER A 75 3.83 1.62 -13.88
N ILE A 76 3.56 1.13 -12.68
CA ILE A 76 2.38 0.31 -12.43
C ILE A 76 1.80 0.57 -11.05
N PRO A 77 0.93 1.59 -10.96
CA PRO A 77 0.29 1.97 -9.69
C PRO A 77 -0.73 0.93 -9.24
N THR A 78 -0.24 -0.18 -8.72
CA THR A 78 -1.11 -1.26 -8.24
C THR A 78 -1.48 -1.06 -6.78
N VAL A 79 -2.43 -1.85 -6.30
CA VAL A 79 -2.88 -1.76 -4.92
C VAL A 79 -2.47 -3.00 -4.12
N LEU A 80 -1.75 -2.79 -3.03
CA LEU A 80 -1.31 -3.88 -2.18
C LEU A 80 -1.96 -3.83 -0.81
N PHE A 81 -2.27 -4.99 -0.25
CA PHE A 81 -2.90 -5.06 1.07
C PHE A 81 -2.03 -5.83 2.04
N PHE A 82 -1.67 -5.17 3.15
CA PHE A 82 -0.83 -5.79 4.17
C PHE A 82 -1.54 -5.82 5.51
N LYS A 83 -0.92 -6.46 6.50
CA LYS A 83 -1.48 -6.56 7.83
C LYS A 83 -0.52 -7.29 8.78
N ASN A 84 0.26 -8.21 8.24
CA ASN A 84 1.22 -8.96 9.03
C ASN A 84 2.57 -9.06 8.32
N GLY A 85 2.82 -8.12 7.42
CA GLY A 85 4.06 -8.12 6.68
C GLY A 85 4.22 -9.35 5.81
N GLU A 86 3.12 -9.84 5.26
CA GLU A 86 3.13 -11.02 4.42
C GLU A 86 2.28 -10.81 3.16
N LYS A 87 2.32 -9.59 2.63
CA LYS A 87 1.55 -9.25 1.44
C LYS A 87 0.20 -9.97 1.44
N LYS A 88 -0.81 -9.33 2.01
CA LYS A 88 -2.15 -9.90 2.07
C LYS A 88 -2.67 -10.23 0.67
N ASP A 89 -2.41 -9.32 -0.27
CA ASP A 89 -2.85 -9.52 -1.65
C ASP A 89 -2.31 -8.42 -2.55
N SER A 90 -2.49 -8.58 -3.86
CA SER A 90 -2.02 -7.60 -4.82
C SER A 90 -2.91 -7.58 -6.06
N VAL A 91 -3.10 -6.39 -6.61
CA VAL A 91 -3.94 -6.23 -7.80
C VAL A 91 -3.71 -4.86 -8.45
N ILE A 92 -4.24 -4.70 -9.66
CA ILE A 92 -4.09 -3.44 -10.39
C ILE A 92 -5.41 -2.68 -10.44
N GLY A 93 -5.37 -1.47 -10.99
CA GLY A 93 -6.57 -0.66 -11.08
C GLY A 93 -7.70 -1.36 -11.82
N ALA A 94 -8.85 -1.46 -11.17
CA ALA A 94 -10.00 -2.12 -11.76
C ALA A 94 -11.04 -2.49 -10.70
N VAL A 95 -10.99 -3.75 -10.28
CA VAL A 95 -11.93 -4.24 -9.26
C VAL A 95 -11.18 -4.72 -8.03
N PRO A 96 -10.25 -3.89 -7.52
CA PRO A 96 -9.45 -4.22 -6.34
C PRO A 96 -10.29 -4.21 -5.06
N LYS A 97 -11.28 -3.32 -5.00
CA LYS A 97 -12.14 -3.22 -3.84
C LYS A 97 -12.83 -4.55 -3.56
N ALA A 98 -14.05 -4.70 -4.04
CA ALA A 98 -14.81 -5.94 -3.84
C ALA A 98 -13.91 -7.16 -3.89
N THR A 99 -13.38 -7.44 -5.08
CA THR A 99 -12.50 -8.59 -5.27
C THR A 99 -11.65 -8.84 -4.02
N LEU A 100 -10.65 -8.00 -3.80
CA LEU A 100 -9.78 -8.12 -2.64
C LEU A 100 -10.59 -8.18 -1.35
N SER A 101 -11.31 -7.09 -1.07
CA SER A 101 -12.13 -7.02 0.14
C SER A 101 -12.71 -8.38 0.49
N GLU A 102 -13.60 -8.88 -0.36
CA GLU A 102 -14.25 -10.17 -0.14
C GLU A 102 -13.19 -11.25 0.06
N LYS A 103 -12.08 -11.13 -0.63
CA LYS A 103 -10.99 -12.11 -0.52
C LYS A 103 -10.24 -11.94 0.80
N VAL A 104 -10.32 -10.74 1.36
CA VAL A 104 -9.64 -10.44 2.62
C VAL A 104 -10.35 -11.11 3.79
N GLU A 105 -11.46 -10.53 4.23
CA GLU A 105 -12.23 -11.07 5.34
C GLU A 105 -13.22 -10.04 5.87
N LYS A 106 -12.71 -8.86 6.21
CA LYS A 106 -13.55 -7.79 6.73
C LYS A 106 -13.76 -6.70 5.69
N TYR A 107 -12.72 -6.42 4.91
CA TYR A 107 -12.78 -5.40 3.87
C TYR A 107 -14.01 -5.60 2.99
N ILE A 108 -14.58 -6.80 3.04
CA ILE A 108 -15.76 -7.12 2.25
C ILE A 108 -16.66 -5.91 2.09
N ALA A 1 9.57 2.48 14.53
CA ALA A 1 8.23 1.90 14.62
C ALA A 1 7.17 2.99 14.70
N VAL A 2 6.37 3.13 13.64
CA VAL A 2 5.32 4.12 13.60
C VAL A 2 4.45 3.95 12.36
N ASN A 3 3.18 3.59 12.58
CA ASN A 3 2.25 3.39 11.48
C ASN A 3 2.54 4.36 10.33
N GLU A 4 2.03 5.58 10.45
CA GLU A 4 2.25 6.60 9.43
C GLU A 4 1.49 6.24 8.16
N VAL A 5 1.77 6.96 7.07
CA VAL A 5 1.13 6.72 5.80
C VAL A 5 2.05 7.10 4.64
N GLN A 6 3.20 6.46 4.57
CA GLN A 6 4.16 6.73 3.50
C GLN A 6 5.45 5.94 3.71
N VAL A 7 5.81 5.14 2.72
CA VAL A 7 7.02 4.33 2.80
C VAL A 7 8.26 5.19 2.98
N VAL A 8 8.88 5.08 4.15
CA VAL A 8 10.07 5.84 4.47
C VAL A 8 11.32 5.21 3.87
N ASN A 9 11.26 4.90 2.58
CA ASN A 9 12.38 4.28 1.88
C ASN A 9 12.68 2.90 2.45
N ASP A 10 13.79 2.32 2.03
CA ASP A 10 14.19 1.00 2.51
C ASP A 10 13.79 0.80 3.96
N SER A 11 13.99 1.82 4.78
CA SER A 11 13.65 1.76 6.19
C SER A 11 12.41 0.91 6.41
N SER A 12 11.28 1.37 5.90
CA SER A 12 10.01 0.66 6.05
C SER A 12 10.19 -0.81 5.70
N TRP A 13 10.51 -1.08 4.44
CA TRP A 13 10.70 -2.46 3.98
C TRP A 13 11.84 -3.13 4.72
N ASP A 14 12.62 -2.34 5.46
CA ASP A 14 13.74 -2.86 6.23
C ASP A 14 13.25 -3.77 7.35
N GLU A 15 12.50 -3.21 8.28
CA GLU A 15 11.96 -3.98 9.40
C GLU A 15 10.59 -3.48 9.80
N LEU A 16 10.02 -2.61 8.98
CA LEU A 16 8.70 -2.05 9.25
C LEU A 16 7.60 -2.92 8.63
N VAL A 17 7.53 -2.92 7.30
CA VAL A 17 6.54 -3.72 6.59
C VAL A 17 6.71 -5.21 6.88
N ILE A 18 7.87 -5.57 7.41
CA ILE A 18 8.17 -6.96 7.72
C ILE A 18 8.41 -7.14 9.22
N GLY A 19 8.12 -6.10 9.99
CA GLY A 19 8.31 -6.17 11.44
C GLY A 19 7.26 -5.39 12.19
N SER A 20 6.22 -4.95 11.48
CA SER A 20 5.14 -4.19 12.11
C SER A 20 4.46 -5.00 13.20
N GLU A 21 4.01 -4.31 14.24
CA GLU A 21 3.34 -4.97 15.36
C GLU A 21 1.88 -5.26 15.03
N THR A 22 1.50 -4.98 13.79
CA THR A 22 0.13 -5.21 13.34
C THR A 22 0.02 -5.08 11.82
N PRO A 23 -1.12 -5.53 11.27
CA PRO A 23 -1.38 -5.46 9.83
C PRO A 23 -1.58 -4.04 9.33
N VAL A 24 -1.17 -3.79 8.09
CA VAL A 24 -1.30 -2.46 7.50
C VAL A 24 -1.45 -2.56 5.98
N LEU A 25 -2.25 -1.65 5.41
CA LEU A 25 -2.47 -1.63 3.98
C LEU A 25 -1.65 -0.52 3.31
N VAL A 26 -0.79 -0.92 2.38
CA VAL A 26 0.05 0.03 1.66
C VAL A 26 -0.47 0.27 0.25
N ASP A 27 -0.86 1.52 -0.03
CA ASP A 27 -1.37 1.88 -1.34
C ASP A 27 -0.25 2.38 -2.24
N PHE A 28 -0.57 2.65 -3.51
CA PHE A 28 0.40 3.12 -4.47
C PHE A 28 -0.03 4.45 -5.07
N TRP A 29 0.83 5.03 -5.90
CA TRP A 29 0.54 6.31 -6.55
C TRP A 29 0.49 6.15 -8.07
N ALA A 30 1.43 5.37 -8.61
CA ALA A 30 1.50 5.14 -10.04
C ALA A 30 2.32 6.22 -10.73
N PRO A 31 3.52 5.86 -11.20
CA PRO A 31 4.42 6.78 -11.89
C PRO A 31 3.90 7.19 -13.27
N TRP A 32 3.13 6.29 -13.88
CA TRP A 32 2.57 6.56 -15.20
C TRP A 32 2.30 8.05 -15.39
N CYS A 33 1.69 8.67 -14.39
CA CYS A 33 1.38 10.09 -14.45
C CYS A 33 2.62 10.94 -14.15
N GLY A 34 2.94 11.86 -15.05
CA GLY A 34 4.10 12.71 -14.86
C GLY A 34 4.23 13.19 -13.43
N PRO A 35 3.30 14.04 -12.99
CA PRO A 35 3.29 14.59 -11.64
C PRO A 35 2.97 13.54 -10.58
N CYS A 36 2.87 12.29 -11.01
CA CYS A 36 2.58 11.19 -10.11
C CYS A 36 1.26 11.43 -9.36
N ARG A 37 0.25 10.64 -9.70
CA ARG A 37 -1.06 10.78 -9.06
C ARG A 37 -1.03 10.26 -7.62
N MET A 38 -0.35 11.00 -6.75
CA MET A 38 -0.24 10.61 -5.35
C MET A 38 -1.62 10.51 -4.71
N ILE A 39 -2.63 10.99 -5.41
CA ILE A 39 -4.00 10.94 -4.91
C ILE A 39 -4.25 9.69 -4.10
N ALA A 40 -5.19 9.78 -3.15
CA ALA A 40 -5.52 8.64 -2.31
C ALA A 40 -7.00 8.67 -1.90
N PRO A 41 -7.87 8.99 -2.87
CA PRO A 41 -9.31 9.07 -2.64
C PRO A 41 -9.93 7.69 -2.40
N ILE A 42 -10.38 7.05 -3.49
CA ILE A 42 -10.99 5.74 -3.39
C ILE A 42 -10.03 4.72 -2.77
N ILE A 43 -8.83 4.65 -3.32
CA ILE A 43 -7.81 3.73 -2.82
C ILE A 43 -7.72 3.79 -1.30
N ASP A 44 -7.31 4.94 -0.78
CA ASP A 44 -7.18 5.13 0.66
C ASP A 44 -8.51 4.89 1.36
N GLU A 45 -9.61 5.05 0.62
CA GLU A 45 -10.94 4.86 1.17
C GLU A 45 -11.12 3.42 1.66
N LEU A 46 -10.72 2.47 0.84
CA LEU A 46 -10.83 1.05 1.19
C LEU A 46 -9.69 0.64 2.13
N ALA A 47 -8.65 1.46 2.20
CA ALA A 47 -7.51 1.19 3.06
C ALA A 47 -7.73 1.72 4.46
N LYS A 48 -8.71 2.60 4.61
CA LYS A 48 -9.04 3.20 5.90
C LYS A 48 -10.41 2.74 6.38
N GLU A 49 -11.14 2.06 5.51
CA GLU A 49 -12.48 1.58 5.84
C GLU A 49 -12.50 1.00 7.26
N TYR A 50 -11.80 -0.12 7.44
CA TYR A 50 -11.75 -0.78 8.74
C TYR A 50 -11.55 0.24 9.87
N ALA A 51 -10.99 1.40 9.51
CA ALA A 51 -10.75 2.45 10.48
C ALA A 51 -10.00 3.63 9.85
N GLY A 52 -8.70 3.47 9.69
CA GLY A 52 -7.89 4.52 9.09
C GLY A 52 -6.75 4.95 9.98
N LYS A 53 -6.68 4.38 11.18
CA LYS A 53 -5.62 4.70 12.13
C LYS A 53 -4.47 3.70 12.03
N ILE A 54 -4.75 2.55 11.44
CA ILE A 54 -3.74 1.51 11.28
C ILE A 54 -3.40 1.29 9.82
N LYS A 55 -4.33 0.71 9.07
CA LYS A 55 -4.12 0.45 7.65
C LYS A 55 -4.18 1.75 6.85
N CYS A 56 -3.04 2.16 6.30
CA CYS A 56 -2.96 3.37 5.51
C CYS A 56 -1.52 3.72 5.18
N TYR A 57 -1.11 3.44 3.95
CA TYR A 57 0.25 3.72 3.50
C TYR A 57 0.27 4.16 2.04
N LYS A 58 1.45 4.53 1.55
CA LYS A 58 1.60 4.97 0.18
C LYS A 58 3.08 5.10 -0.19
N LEU A 59 3.55 4.19 -1.03
CA LEU A 59 4.95 4.20 -1.46
C LEU A 59 5.43 5.63 -1.70
N ASN A 60 6.72 5.86 -1.45
CA ASN A 60 7.30 7.19 -1.65
C ASN A 60 7.96 7.29 -3.01
N THR A 61 8.37 8.50 -3.38
CA THR A 61 9.02 8.74 -4.66
C THR A 61 10.37 9.42 -4.48
N ASP A 62 10.57 10.01 -3.30
CA ASP A 62 11.82 10.69 -3.00
C ASP A 62 12.80 9.76 -2.29
N GLU A 63 12.50 8.47 -2.30
CA GLU A 63 13.34 7.48 -1.65
C GLU A 63 12.58 6.18 -1.42
N SER A 64 12.69 5.25 -2.38
CA SER A 64 12.00 3.97 -2.27
C SER A 64 12.66 2.93 -3.18
N PRO A 65 13.98 2.74 -3.00
CA PRO A 65 14.76 1.77 -3.78
C PRO A 65 14.40 0.34 -3.45
N ASN A 66 13.92 0.11 -2.23
CA ASN A 66 13.54 -1.23 -1.79
C ASN A 66 12.32 -1.73 -2.56
N THR A 67 11.52 -0.80 -3.06
CA THR A 67 10.32 -1.14 -3.81
C THR A 67 10.66 -1.47 -5.26
N ALA A 68 11.63 -0.74 -5.82
CA ALA A 68 12.05 -0.96 -7.20
C ALA A 68 12.76 -2.29 -7.35
N THR A 69 13.35 -2.77 -6.26
CA THR A 69 14.07 -4.04 -6.27
C THR A 69 13.12 -5.22 -5.99
N LYS A 70 12.09 -4.96 -5.20
CA LYS A 70 11.12 -5.99 -4.86
C LYS A 70 9.85 -5.83 -5.69
N TYR A 71 9.23 -4.66 -5.63
CA TYR A 71 8.02 -4.39 -6.37
C TYR A 71 8.34 -3.78 -7.74
N GLY A 72 8.52 -2.45 -7.76
CA GLY A 72 8.84 -1.77 -8.99
C GLY A 72 7.62 -1.59 -9.88
N ILE A 73 6.98 -0.43 -9.77
CA ILE A 73 5.80 -0.13 -10.57
C ILE A 73 6.17 0.62 -11.84
N ARG A 74 5.59 0.19 -12.96
CA ARG A 74 5.86 0.82 -14.25
C ARG A 74 4.75 1.81 -14.61
N SER A 75 3.51 1.47 -14.27
CA SER A 75 2.37 2.32 -14.56
C SER A 75 1.16 1.90 -13.74
N ILE A 76 0.22 2.83 -13.57
CA ILE A 76 -0.99 2.55 -12.82
C ILE A 76 -0.66 2.17 -11.38
N PRO A 77 -1.46 2.69 -10.42
CA PRO A 77 -1.27 2.41 -9.00
C PRO A 77 -1.63 0.97 -8.64
N THR A 78 -1.57 0.66 -7.35
CA THR A 78 -1.89 -0.68 -6.87
C THR A 78 -2.17 -0.68 -5.37
N VAL A 79 -2.59 -1.82 -4.86
CA VAL A 79 -2.90 -1.96 -3.43
C VAL A 79 -2.40 -3.29 -2.88
N LEU A 80 -1.38 -3.22 -2.03
CA LEU A 80 -0.81 -4.41 -1.42
C LEU A 80 -0.90 -4.37 0.09
N PHE A 81 -1.31 -5.48 0.70
CA PHE A 81 -1.45 -5.55 2.15
C PHE A 81 -0.45 -6.55 2.73
N PHE A 82 0.14 -6.21 3.87
CA PHE A 82 1.10 -7.07 4.52
C PHE A 82 0.89 -7.07 6.04
N LYS A 83 1.39 -8.12 6.70
CA LYS A 83 1.25 -8.24 8.15
C LYS A 83 2.51 -8.85 8.75
N ASN A 84 3.41 -8.00 9.23
CA ASN A 84 4.65 -8.45 9.84
C ASN A 84 5.57 -9.08 8.80
N GLY A 85 5.13 -9.07 7.54
CA GLY A 85 5.92 -9.64 6.47
C GLY A 85 5.31 -10.91 5.90
N GLU A 86 4.03 -11.10 6.15
CA GLU A 86 3.33 -12.29 5.67
C GLU A 86 2.75 -12.04 4.28
N LYS A 87 3.16 -10.93 3.66
CA LYS A 87 2.68 -10.58 2.33
C LYS A 87 1.23 -11.03 2.13
N LYS A 88 0.34 -10.51 2.96
CA LYS A 88 -1.08 -10.85 2.87
C LYS A 88 -1.49 -11.08 1.42
N ASP A 89 -1.85 -10.00 0.73
CA ASP A 89 -2.26 -10.08 -0.67
C ASP A 89 -1.92 -8.81 -1.42
N SER A 90 -2.13 -8.82 -2.72
CA SER A 90 -1.83 -7.65 -3.55
C SER A 90 -2.79 -7.59 -4.75
N VAL A 91 -2.94 -6.39 -5.30
CA VAL A 91 -3.83 -6.19 -6.45
C VAL A 91 -3.42 -4.96 -7.24
N ILE A 92 -3.80 -4.92 -8.52
CA ILE A 92 -3.48 -3.79 -9.38
C ILE A 92 -4.67 -3.43 -10.27
N GLY A 93 -4.52 -2.34 -11.01
CA GLY A 93 -5.59 -1.90 -11.90
C GLY A 93 -6.91 -1.69 -11.17
N ALA A 94 -8.00 -2.08 -11.82
CA ALA A 94 -9.33 -1.93 -11.21
C ALA A 94 -10.25 -3.07 -11.65
N VAL A 95 -10.12 -4.21 -11.00
CA VAL A 95 -10.95 -5.37 -11.31
C VAL A 95 -10.78 -6.47 -10.26
N PRO A 96 -9.55 -6.97 -10.11
CA PRO A 96 -9.24 -8.02 -9.15
C PRO A 96 -9.31 -7.53 -7.71
N LYS A 97 -8.96 -6.27 -7.50
CA LYS A 97 -8.99 -5.68 -6.17
C LYS A 97 -10.28 -6.02 -5.44
N ALA A 98 -11.31 -6.38 -6.21
CA ALA A 98 -12.59 -6.76 -5.64
C ALA A 98 -12.54 -8.15 -5.01
N THR A 99 -12.04 -9.12 -5.78
CA THR A 99 -11.92 -10.49 -5.30
C THR A 99 -11.15 -10.56 -3.99
N LEU A 100 -10.16 -9.69 -3.85
CA LEU A 100 -9.34 -9.65 -2.65
C LEU A 100 -10.14 -9.12 -1.46
N SER A 101 -10.37 -7.81 -1.46
CA SER A 101 -11.12 -7.17 -0.38
C SER A 101 -12.44 -7.90 -0.13
N GLU A 102 -13.10 -8.31 -1.21
CA GLU A 102 -14.36 -9.02 -1.10
C GLU A 102 -14.22 -10.29 -0.25
N LYS A 103 -13.09 -10.97 -0.43
CA LYS A 103 -12.83 -12.19 0.33
C LYS A 103 -12.44 -11.88 1.77
N VAL A 104 -12.05 -10.62 2.01
CA VAL A 104 -11.67 -10.19 3.34
C VAL A 104 -12.88 -10.08 4.27
N GLU A 105 -13.69 -9.05 4.06
CA GLU A 105 -14.88 -8.84 4.86
C GLU A 105 -15.49 -7.47 4.59
N LYS A 106 -14.78 -6.42 5.00
CA LYS A 106 -15.25 -5.06 4.79
C LYS A 106 -14.27 -4.27 3.91
N TYR A 107 -13.07 -4.81 3.74
CA TYR A 107 -12.06 -4.16 2.93
C TYR A 107 -12.62 -3.75 1.58
N ILE A 108 -13.75 -4.35 1.21
CA ILE A 108 -14.39 -4.05 -0.07
C ILE A 108 -14.20 -2.58 -0.44
N ALA A 1 -1.47 15.41 12.38
CA ALA A 1 -0.48 14.67 13.17
C ALA A 1 -0.33 13.25 12.66
N VAL A 2 0.18 13.12 11.42
CA VAL A 2 0.37 11.82 10.82
C VAL A 2 1.21 10.91 11.71
N ASN A 3 1.03 9.61 11.57
CA ASN A 3 1.77 8.63 12.36
C ASN A 3 2.94 8.06 11.57
N GLU A 4 2.68 6.98 10.84
CA GLU A 4 3.71 6.33 10.04
C GLU A 4 3.34 6.36 8.56
N VAL A 5 2.76 5.26 8.09
CA VAL A 5 2.36 5.14 6.68
C VAL A 5 3.49 5.56 5.75
N GLN A 6 3.26 5.42 4.45
CA GLN A 6 4.27 5.79 3.45
C GLN A 6 5.56 5.00 3.67
N VAL A 7 6.29 4.77 2.58
CA VAL A 7 7.55 4.02 2.65
C VAL A 7 8.72 4.96 2.91
N VAL A 8 9.12 5.06 4.17
CA VAL A 8 10.24 5.92 4.55
C VAL A 8 11.41 5.76 3.60
N ASN A 9 12.05 4.59 3.65
CA ASN A 9 13.19 4.29 2.79
C ASN A 9 14.01 3.14 3.34
N ASP A 10 13.82 1.95 2.77
CA ASP A 10 14.54 0.77 3.21
C ASP A 10 14.01 0.27 4.55
N SER A 11 14.18 1.08 5.59
CA SER A 11 13.73 0.73 6.93
C SER A 11 12.31 0.18 6.89
N SER A 12 11.48 0.75 6.02
CA SER A 12 10.10 0.31 5.87
C SER A 12 10.01 -1.19 5.61
N TRP A 13 10.35 -1.58 4.40
CA TRP A 13 10.33 -2.99 4.02
C TRP A 13 11.28 -3.81 4.88
N ASP A 14 12.10 -3.12 5.66
CA ASP A 14 13.06 -3.79 6.53
C ASP A 14 12.35 -4.60 7.60
N GLU A 15 11.76 -3.91 8.58
CA GLU A 15 11.04 -4.57 9.66
C GLU A 15 9.85 -3.74 10.11
N LEU A 16 9.53 -2.69 9.35
CA LEU A 16 8.42 -1.81 9.68
C LEU A 16 7.16 -2.21 8.90
N VAL A 17 7.37 -2.69 7.68
CA VAL A 17 6.25 -3.11 6.84
C VAL A 17 5.83 -4.54 7.15
N ILE A 18 6.67 -5.25 7.88
CA ILE A 18 6.39 -6.64 8.26
C ILE A 18 6.56 -6.84 9.76
N GLY A 19 6.73 -5.74 10.49
CA GLY A 19 6.89 -5.82 11.93
C GLY A 19 5.67 -5.33 12.69
N SER A 20 4.78 -4.63 11.99
CA SER A 20 3.57 -4.10 12.60
C SER A 20 2.69 -5.23 13.13
N GLU A 21 1.38 -5.00 13.13
CA GLU A 21 0.43 -6.00 13.62
C GLU A 21 -0.82 -6.03 12.75
N THR A 22 -1.23 -4.85 12.28
CA THR A 22 -2.42 -4.73 11.45
C THR A 22 -2.07 -4.88 9.97
N PRO A 23 -3.10 -5.07 9.14
CA PRO A 23 -2.92 -5.23 7.68
C PRO A 23 -2.49 -3.94 7.01
N VAL A 24 -1.23 -3.88 6.59
CA VAL A 24 -0.69 -2.69 5.93
C VAL A 24 -0.93 -2.76 4.43
N LEU A 25 -1.89 -1.97 3.95
CA LEU A 25 -2.20 -1.95 2.52
C LEU A 25 -1.35 -0.90 1.80
N VAL A 26 -0.55 -1.36 0.85
CA VAL A 26 0.31 -0.48 0.07
C VAL A 26 -0.38 0.01 -1.19
N ASP A 27 -0.28 1.31 -1.46
CA ASP A 27 -0.91 1.90 -2.64
C ASP A 27 0.14 2.50 -3.56
N PHE A 28 0.15 2.06 -4.81
CA PHE A 28 1.11 2.55 -5.79
C PHE A 28 0.61 3.84 -6.44
N TRP A 29 1.52 4.57 -7.07
CA TRP A 29 1.17 5.83 -7.73
C TRP A 29 1.71 5.86 -9.15
N ALA A 30 2.68 4.99 -9.44
CA ALA A 30 3.29 4.93 -10.76
C ALA A 30 3.88 6.27 -11.16
N PRO A 31 5.21 6.28 -11.38
CA PRO A 31 5.93 7.50 -11.77
C PRO A 31 5.59 7.95 -13.19
N TRP A 32 4.71 7.20 -13.85
CA TRP A 32 4.30 7.52 -15.21
C TRP A 32 4.27 9.04 -15.42
N CYS A 33 3.13 9.65 -15.17
CA CYS A 33 2.99 11.09 -15.34
C CYS A 33 4.02 11.85 -14.52
N GLY A 34 4.37 13.06 -14.97
CA GLY A 34 5.36 13.85 -14.27
C GLY A 34 5.13 13.85 -12.76
N PRO A 35 3.97 14.36 -12.33
CA PRO A 35 3.60 14.44 -10.92
C PRO A 35 3.33 13.06 -10.32
N CYS A 36 3.52 12.02 -11.12
CA CYS A 36 3.29 10.65 -10.67
C CYS A 36 1.88 10.48 -10.12
N ARG A 37 1.06 9.72 -10.85
CA ARG A 37 -0.31 9.48 -10.44
C ARG A 37 -0.39 9.09 -8.96
N MET A 38 -0.47 10.09 -8.10
CA MET A 38 -0.55 9.86 -6.65
C MET A 38 -1.92 9.34 -6.26
N ILE A 39 -2.77 9.11 -7.26
CA ILE A 39 -4.12 8.60 -7.02
C ILE A 39 -4.88 9.50 -6.05
N ALA A 40 -5.77 8.91 -5.26
CA ALA A 40 -6.56 9.65 -4.30
C ALA A 40 -6.81 8.83 -3.04
N PRO A 41 -7.33 9.50 -1.99
CA PRO A 41 -7.62 8.84 -0.71
C PRO A 41 -8.80 7.88 -0.81
N ILE A 42 -9.49 7.91 -1.95
CA ILE A 42 -10.64 7.03 -2.17
C ILE A 42 -10.34 5.61 -1.70
N ILE A 43 -9.13 5.14 -1.97
CA ILE A 43 -8.72 3.81 -1.58
C ILE A 43 -8.44 3.73 -0.09
N ASP A 44 -7.83 4.78 0.45
CA ASP A 44 -7.51 4.84 1.87
C ASP A 44 -8.78 4.84 2.72
N GLU A 45 -9.81 5.53 2.22
CA GLU A 45 -11.08 5.62 2.93
C GLU A 45 -11.82 4.29 2.90
N LEU A 46 -11.68 3.57 1.78
CA LEU A 46 -12.34 2.28 1.62
C LEU A 46 -11.53 1.17 2.29
N ALA A 47 -10.33 1.50 2.74
CA ALA A 47 -9.46 0.54 3.40
C ALA A 47 -9.45 0.77 4.91
N LYS A 48 -9.85 1.96 5.33
CA LYS A 48 -9.90 2.30 6.75
C LYS A 48 -11.32 2.25 7.28
N GLU A 49 -12.29 2.18 6.37
CA GLU A 49 -13.70 2.11 6.75
C GLU A 49 -13.97 0.89 7.62
N TYR A 50 -13.18 -0.16 7.41
CA TYR A 50 -13.35 -1.40 8.16
C TYR A 50 -13.50 -1.11 9.65
N ALA A 51 -13.06 0.07 10.07
CA ALA A 51 -13.14 0.46 11.47
C ALA A 51 -12.16 -0.32 12.33
N GLY A 52 -11.32 -1.11 11.68
CA GLY A 52 -10.33 -1.91 12.41
C GLY A 52 -9.14 -1.09 12.86
N LYS A 53 -9.27 0.23 12.80
CA LYS A 53 -8.20 1.12 13.20
C LYS A 53 -6.97 0.92 12.33
N ILE A 54 -7.14 0.27 11.19
CA ILE A 54 -6.05 0.02 10.27
C ILE A 54 -5.45 1.33 9.76
N LYS A 55 -4.50 1.21 8.84
CA LYS A 55 -3.85 2.39 8.26
C LYS A 55 -3.51 2.15 6.79
N CYS A 56 -3.39 3.24 6.04
CA CYS A 56 -3.07 3.16 4.62
C CYS A 56 -1.58 3.37 4.38
N TYR A 57 -1.12 3.01 3.19
CA TYR A 57 0.30 3.17 2.84
C TYR A 57 0.45 3.56 1.37
N LYS A 58 1.69 3.82 0.98
CA LYS A 58 1.98 4.21 -0.40
C LYS A 58 3.49 4.28 -0.64
N LEU A 59 3.91 3.95 -1.86
CA LEU A 59 5.32 3.98 -2.22
C LEU A 59 5.98 5.26 -1.71
N ASN A 60 7.30 5.33 -1.85
CA ASN A 60 8.05 6.50 -1.42
C ASN A 60 7.93 7.63 -2.43
N THR A 61 8.25 7.33 -3.68
CA THR A 61 8.17 8.32 -4.75
C THR A 61 9.38 9.26 -4.71
N ASP A 62 10.16 9.17 -3.65
CA ASP A 62 11.34 10.00 -3.49
C ASP A 62 12.58 9.31 -4.05
N GLU A 63 12.42 8.04 -4.42
CA GLU A 63 13.52 7.27 -4.97
C GLU A 63 13.19 5.77 -4.98
N SER A 64 12.51 5.32 -3.92
CA SER A 64 12.13 3.92 -3.80
C SER A 64 13.19 3.02 -4.44
N PRO A 65 14.40 3.05 -3.88
CA PRO A 65 15.52 2.24 -4.37
C PRO A 65 15.33 0.76 -4.10
N ASN A 66 15.03 0.43 -2.84
CA ASN A 66 14.82 -0.97 -2.45
C ASN A 66 13.42 -1.43 -2.83
N THR A 67 12.49 -0.48 -2.94
CA THR A 67 11.12 -0.81 -3.29
C THR A 67 11.01 -1.22 -4.75
N ALA A 68 11.56 -0.39 -5.64
CA ALA A 68 11.54 -0.68 -7.07
C ALA A 68 12.48 -1.83 -7.42
N THR A 69 13.51 -2.01 -6.61
CA THR A 69 14.49 -3.06 -6.83
C THR A 69 13.97 -4.41 -6.33
N LYS A 70 12.96 -4.35 -5.46
CA LYS A 70 12.38 -5.57 -4.90
C LYS A 70 11.06 -5.91 -5.61
N TYR A 71 10.24 -4.90 -5.83
CA TYR A 71 8.95 -5.10 -6.48
C TYR A 71 8.97 -4.51 -7.90
N GLY A 72 9.32 -3.23 -7.99
CA GLY A 72 9.37 -2.57 -9.28
C GLY A 72 8.15 -1.72 -9.55
N ILE A 73 8.09 -0.55 -8.91
CA ILE A 73 6.96 0.36 -9.07
C ILE A 73 7.26 1.41 -10.15
N ARG A 74 8.06 1.02 -11.14
CA ARG A 74 8.41 1.92 -12.22
C ARG A 74 7.17 2.40 -12.97
N SER A 75 6.03 1.78 -12.67
CA SER A 75 4.77 2.14 -13.31
C SER A 75 3.65 1.21 -12.86
N ILE A 76 2.41 1.58 -13.19
CA ILE A 76 1.25 0.79 -12.82
C ILE A 76 0.95 0.93 -11.32
N PRO A 77 0.08 1.90 -10.98
CA PRO A 77 -0.31 2.15 -9.60
C PRO A 77 -1.18 1.03 -9.02
N THR A 78 -0.60 -0.16 -8.89
CA THR A 78 -1.32 -1.30 -8.36
C THR A 78 -1.57 -1.15 -6.87
N VAL A 79 -2.36 -2.06 -6.31
CA VAL A 79 -2.68 -2.03 -4.89
C VAL A 79 -2.58 -3.41 -4.27
N LEU A 80 -1.62 -3.58 -3.37
CA LEU A 80 -1.41 -4.85 -2.69
C LEU A 80 -1.19 -4.66 -1.20
N PHE A 81 -1.72 -5.58 -0.40
CA PHE A 81 -1.59 -5.52 1.04
C PHE A 81 -0.78 -6.70 1.57
N PHE A 82 -0.11 -6.48 2.70
CA PHE A 82 0.71 -7.53 3.31
C PHE A 82 0.62 -7.46 4.84
N LYS A 83 1.02 -8.56 5.49
CA LYS A 83 0.98 -8.63 6.94
C LYS A 83 1.36 -10.02 7.43
N ASN A 84 2.60 -10.17 7.88
CA ASN A 84 3.07 -11.46 8.38
C ASN A 84 3.55 -12.34 7.22
N GLY A 85 3.07 -12.04 6.01
CA GLY A 85 3.45 -12.82 4.85
C GLY A 85 4.14 -11.97 3.79
N GLU A 86 4.28 -10.68 4.08
CA GLU A 86 4.92 -9.77 3.14
C GLU A 86 4.22 -9.79 1.78
N LYS A 87 3.04 -10.39 1.75
CA LYS A 87 2.26 -10.49 0.51
C LYS A 87 0.91 -11.15 0.77
N LYS A 88 -0.14 -10.33 0.81
CA LYS A 88 -1.49 -10.84 1.04
C LYS A 88 -2.30 -10.82 -0.25
N ASP A 89 -2.81 -9.65 -0.61
CA ASP A 89 -3.61 -9.51 -1.83
C ASP A 89 -3.04 -8.41 -2.73
N SER A 90 -3.44 -8.42 -3.98
CA SER A 90 -2.97 -7.42 -4.95
C SER A 90 -3.92 -7.31 -6.13
N VAL A 91 -3.98 -6.13 -6.73
CA VAL A 91 -4.85 -5.88 -7.88
C VAL A 91 -4.58 -4.51 -8.49
N ILE A 92 -5.22 -4.25 -9.62
CA ILE A 92 -5.06 -2.98 -10.32
C ILE A 92 -6.22 -2.03 -10.01
N GLY A 93 -6.11 -0.79 -10.48
CA GLY A 93 -7.16 0.18 -10.26
C GLY A 93 -7.82 0.01 -8.91
N ALA A 94 -9.15 0.15 -8.89
CA ALA A 94 -9.91 0.01 -7.65
C ALA A 94 -11.13 -0.88 -7.87
N VAL A 95 -11.70 -0.83 -9.06
CA VAL A 95 -12.87 -1.62 -9.39
C VAL A 95 -12.88 -2.93 -8.61
N PRO A 96 -11.82 -3.74 -8.78
CA PRO A 96 -11.69 -5.03 -8.10
C PRO A 96 -11.43 -4.86 -6.60
N LYS A 97 -10.74 -3.80 -6.24
CA LYS A 97 -10.43 -3.53 -4.83
C LYS A 97 -11.61 -3.88 -3.94
N ALA A 98 -12.81 -3.84 -4.51
CA ALA A 98 -14.02 -4.15 -3.77
C ALA A 98 -14.10 -5.65 -3.47
N THR A 99 -13.82 -6.47 -4.48
CA THR A 99 -13.87 -7.92 -4.34
C THR A 99 -12.87 -8.39 -3.27
N LEU A 100 -11.72 -7.72 -3.19
CA LEU A 100 -10.70 -8.07 -2.22
C LEU A 100 -11.17 -7.77 -0.80
N SER A 101 -11.86 -6.65 -0.64
CA SER A 101 -12.37 -6.26 0.68
C SER A 101 -13.45 -7.22 1.16
N GLU A 102 -14.33 -7.61 0.24
CA GLU A 102 -15.41 -8.53 0.57
C GLU A 102 -14.86 -9.84 1.14
N LYS A 103 -13.77 -10.32 0.56
CA LYS A 103 -13.14 -11.56 1.00
C LYS A 103 -12.60 -11.42 2.41
N VAL A 104 -11.59 -10.55 2.58
CA VAL A 104 -10.99 -10.33 3.88
C VAL A 104 -12.05 -10.01 4.93
N GLU A 105 -12.51 -8.76 4.93
CA GLU A 105 -13.53 -8.34 5.89
C GLU A 105 -12.89 -7.94 7.23
N LYS A 106 -11.56 -7.84 7.23
CA LYS A 106 -10.82 -7.47 8.43
C LYS A 106 -9.36 -7.87 8.32
N TYR A 107 -9.06 -8.76 7.38
CA TYR A 107 -7.69 -9.23 7.17
C TYR A 107 -7.11 -9.80 8.46
N ILE A 108 -7.99 -10.19 9.38
CA ILE A 108 -7.57 -10.76 10.65
C ILE A 108 -6.35 -11.64 10.48
N ALA A 1 -1.30 11.52 14.15
CA ALA A 1 -2.59 10.83 14.20
C ALA A 1 -2.43 9.40 14.68
N VAL A 2 -1.24 8.84 14.49
CA VAL A 2 -0.97 7.47 14.90
C VAL A 2 0.52 7.27 15.17
N ASN A 3 1.26 6.88 14.12
CA ASN A 3 2.69 6.65 14.24
C ASN A 3 3.45 7.39 13.13
N GLU A 4 3.20 6.99 11.89
CA GLU A 4 3.86 7.60 10.75
C GLU A 4 3.04 7.40 9.47
N VAL A 5 3.20 6.23 8.85
CA VAL A 5 2.48 5.92 7.62
C VAL A 5 2.71 6.98 6.56
N GLN A 6 2.15 6.75 5.37
CA GLN A 6 2.30 7.69 4.27
C GLN A 6 3.75 7.79 3.81
N VAL A 7 4.03 7.24 2.64
CA VAL A 7 5.38 7.25 2.10
C VAL A 7 6.43 7.30 3.21
N VAL A 8 6.87 6.12 3.64
CA VAL A 8 7.87 6.01 4.70
C VAL A 8 9.21 5.56 4.16
N ASN A 9 9.23 5.22 2.87
CA ASN A 9 10.45 4.76 2.22
C ASN A 9 10.87 3.38 2.75
N ASP A 10 12.11 3.01 2.49
CA ASP A 10 12.64 1.73 2.93
C ASP A 10 12.03 1.33 4.27
N SER A 11 11.91 2.30 5.18
CA SER A 11 11.34 2.05 6.49
C SER A 11 10.24 0.99 6.43
N SER A 12 9.21 1.27 5.63
CA SER A 12 8.10 0.34 5.48
C SER A 12 8.60 -1.08 5.28
N TRP A 13 9.29 -1.31 4.16
CA TRP A 13 9.82 -2.64 3.85
C TRP A 13 10.96 -3.00 4.81
N ASP A 14 11.39 -2.03 5.60
CA ASP A 14 12.47 -2.25 6.55
C ASP A 14 12.07 -3.30 7.59
N GLU A 15 11.15 -2.94 8.46
CA GLU A 15 10.68 -3.85 9.51
C GLU A 15 9.20 -3.62 9.81
N LEU A 16 8.56 -2.83 8.97
CA LEU A 16 7.13 -2.54 9.15
C LEU A 16 6.27 -3.52 8.38
N VAL A 17 6.27 -3.41 7.06
CA VAL A 17 5.49 -4.29 6.21
C VAL A 17 5.87 -5.75 6.43
N ILE A 18 6.99 -5.96 7.13
CA ILE A 18 7.46 -7.31 7.42
C ILE A 18 7.60 -7.53 8.92
N GLY A 19 7.09 -6.58 9.70
CA GLY A 19 7.17 -6.68 11.15
C GLY A 19 6.01 -6.00 11.84
N SER A 20 5.01 -5.60 11.06
CA SER A 20 3.85 -4.92 11.60
C SER A 20 3.06 -5.86 12.51
N GLU A 21 2.19 -5.27 13.34
CA GLU A 21 1.38 -6.05 14.27
C GLU A 21 0.00 -6.35 13.67
N THR A 22 -0.15 -6.05 12.39
CA THR A 22 -1.40 -6.28 11.68
C THR A 22 -1.23 -6.14 10.18
N PRO A 23 -2.25 -6.58 9.42
CA PRO A 23 -2.24 -6.51 7.95
C PRO A 23 -2.34 -5.08 7.44
N VAL A 24 -1.24 -4.56 6.92
CA VAL A 24 -1.21 -3.20 6.39
C VAL A 24 -1.56 -3.18 4.91
N LEU A 25 -2.30 -2.15 4.49
CA LEU A 25 -2.70 -2.02 3.09
C LEU A 25 -1.87 -0.95 2.39
N VAL A 26 -1.04 -1.38 1.45
CA VAL A 26 -0.19 -0.47 0.69
C VAL A 26 -0.79 -0.16 -0.68
N ASP A 27 -0.76 1.11 -1.05
CA ASP A 27 -1.30 1.54 -2.34
C ASP A 27 -0.19 2.05 -3.25
N PHE A 28 -0.44 2.02 -4.56
CA PHE A 28 0.54 2.48 -5.53
C PHE A 28 0.28 3.94 -5.90
N TRP A 29 1.17 4.49 -6.73
CA TRP A 29 1.06 5.88 -7.17
C TRP A 29 1.18 5.99 -8.68
N ALA A 30 1.92 5.06 -9.28
CA ALA A 30 2.12 5.04 -10.72
C ALA A 30 3.26 5.96 -11.12
N PRO A 31 4.49 5.41 -11.16
CA PRO A 31 5.68 6.16 -11.53
C PRO A 31 5.70 6.54 -13.01
N TRP A 32 5.10 5.70 -13.83
CA TRP A 32 5.04 5.94 -15.26
C TRP A 32 4.74 7.41 -15.56
N CYS A 33 3.50 7.80 -15.32
CA CYS A 33 3.07 9.19 -15.56
C CYS A 33 4.16 10.17 -15.15
N GLY A 34 4.09 10.64 -13.91
CA GLY A 34 5.08 11.58 -13.41
C GLY A 34 4.62 12.30 -12.16
N PRO A 35 3.66 13.22 -12.32
CA PRO A 35 3.11 14.00 -11.19
C PRO A 35 2.28 13.13 -10.25
N CYS A 36 2.02 11.90 -10.65
CA CYS A 36 1.23 10.98 -9.85
C CYS A 36 2.06 10.41 -8.69
N ARG A 37 3.28 10.92 -8.54
CA ARG A 37 4.17 10.47 -7.49
C ARG A 37 3.39 10.13 -6.23
N MET A 38 2.28 10.82 -6.02
CA MET A 38 1.44 10.58 -4.84
C MET A 38 -0.04 10.67 -5.22
N ILE A 39 -0.90 10.29 -4.27
CA ILE A 39 -2.34 10.32 -4.49
C ILE A 39 -3.09 9.66 -3.34
N ALA A 40 -4.39 9.93 -3.26
CA ALA A 40 -5.22 9.35 -2.21
C ALA A 40 -6.70 9.58 -2.50
N PRO A 41 -7.13 9.22 -3.72
CA PRO A 41 -8.53 9.39 -4.14
C PRO A 41 -9.46 8.42 -3.42
N ILE A 42 -10.66 8.24 -3.98
CA ILE A 42 -11.65 7.35 -3.38
C ILE A 42 -10.98 6.15 -2.74
N ILE A 43 -10.21 5.41 -3.54
CA ILE A 43 -9.50 4.23 -3.04
C ILE A 43 -8.99 4.45 -1.62
N ASP A 44 -8.38 5.61 -1.38
CA ASP A 44 -7.86 5.94 -0.07
C ASP A 44 -8.97 6.06 0.95
N GLU A 45 -10.01 6.82 0.61
CA GLU A 45 -11.15 7.01 1.51
C GLU A 45 -11.56 5.68 2.16
N LEU A 46 -11.76 4.66 1.33
CA LEU A 46 -12.15 3.34 1.82
C LEU A 46 -10.94 2.58 2.36
N ALA A 47 -9.75 3.10 2.09
CA ALA A 47 -8.52 2.47 2.56
C ALA A 47 -8.30 2.74 4.04
N LYS A 48 -8.98 3.74 4.57
CA LYS A 48 -8.87 4.10 5.98
C LYS A 48 -10.25 4.20 6.63
N GLU A 49 -11.29 4.04 5.83
CA GLU A 49 -12.65 4.12 6.33
C GLU A 49 -12.76 3.51 7.73
N TYR A 50 -12.11 2.37 7.92
CA TYR A 50 -12.12 1.69 9.21
C TYR A 50 -10.70 1.41 9.70
N ALA A 51 -9.73 1.58 8.80
CA ALA A 51 -8.34 1.35 9.14
C ALA A 51 -7.87 2.34 10.22
N GLY A 52 -8.73 3.28 10.57
CA GLY A 52 -8.38 4.27 11.57
C GLY A 52 -7.58 3.66 12.71
N LYS A 53 -7.74 2.37 12.93
CA LYS A 53 -7.03 1.67 14.00
C LYS A 53 -6.02 0.69 13.42
N ILE A 54 -6.19 0.34 12.16
CA ILE A 54 -5.29 -0.60 11.49
C ILE A 54 -4.10 0.13 10.87
N LYS A 55 -4.23 0.47 9.60
CA LYS A 55 -3.17 1.17 8.89
C LYS A 55 -3.45 1.21 7.39
N CYS A 56 -2.76 2.10 6.69
CA CYS A 56 -2.94 2.24 5.25
C CYS A 56 -2.12 3.41 4.70
N TYR A 57 -1.45 3.18 3.58
CA TYR A 57 -0.62 4.22 2.96
C TYR A 57 -0.12 3.76 1.59
N LYS A 58 0.58 4.65 0.90
CA LYS A 58 1.12 4.35 -0.42
C LYS A 58 2.65 4.32 -0.38
N LEU A 59 3.23 3.39 -1.13
CA LEU A 59 4.68 3.26 -1.19
C LEU A 59 5.34 4.62 -1.46
N ASN A 60 6.67 4.63 -1.43
CA ASN A 60 7.42 5.85 -1.67
C ASN A 60 7.53 6.14 -3.17
N THR A 61 7.85 7.39 -3.51
CA THR A 61 7.99 7.78 -4.91
C THR A 61 9.19 8.70 -5.10
N ASP A 62 9.92 8.94 -4.01
CA ASP A 62 11.11 9.79 -4.06
C ASP A 62 12.23 9.10 -4.83
N GLU A 63 12.28 7.78 -4.75
CA GLU A 63 13.31 7.01 -5.44
C GLU A 63 12.97 5.53 -5.44
N SER A 64 12.34 5.06 -4.36
CA SER A 64 11.96 3.66 -4.24
C SER A 64 13.00 2.75 -4.90
N PRO A 65 14.23 2.79 -4.38
CA PRO A 65 15.33 1.97 -4.91
C PRO A 65 15.14 0.49 -4.63
N ASN A 66 14.90 0.16 -3.37
CA ASN A 66 14.69 -1.23 -2.96
C ASN A 66 13.27 -1.68 -3.28
N THR A 67 12.33 -0.74 -3.26
CA THR A 67 10.94 -1.05 -3.55
C THR A 67 10.75 -1.46 -5.01
N ALA A 68 11.42 -0.74 -5.90
CA ALA A 68 11.33 -1.04 -7.33
C ALA A 68 12.10 -2.30 -7.68
N THR A 69 13.23 -2.51 -7.00
CA THR A 69 14.06 -3.67 -7.25
C THR A 69 13.40 -4.94 -6.71
N LYS A 70 12.43 -4.76 -5.82
CA LYS A 70 11.73 -5.89 -5.22
C LYS A 70 10.36 -6.08 -5.87
N TYR A 71 9.64 -4.98 -6.07
CA TYR A 71 8.32 -5.03 -6.68
C TYR A 71 8.35 -4.42 -8.08
N GLY A 72 8.98 -3.27 -8.20
CA GLY A 72 9.06 -2.61 -9.49
C GLY A 72 7.70 -2.31 -10.09
N ILE A 73 7.24 -1.07 -9.91
CA ILE A 73 5.94 -0.66 -10.43
C ILE A 73 6.01 -0.36 -11.92
N ARG A 74 6.10 -1.41 -12.73
CA ARG A 74 6.17 -1.25 -14.18
C ARG A 74 5.36 -0.03 -14.64
N SER A 75 4.22 0.19 -14.00
CA SER A 75 3.36 1.31 -14.34
C SER A 75 1.94 1.09 -13.82
N ILE A 76 1.12 2.13 -13.89
CA ILE A 76 -0.25 2.05 -13.43
C ILE A 76 -0.31 1.73 -11.94
N PRO A 77 -1.11 2.51 -11.20
CA PRO A 77 -1.27 2.32 -9.75
C PRO A 77 -2.05 1.05 -9.41
N THR A 78 -1.36 0.11 -8.76
CA THR A 78 -1.99 -1.15 -8.39
C THR A 78 -2.22 -1.21 -6.88
N VAL A 79 -2.90 -2.27 -6.44
CA VAL A 79 -3.19 -2.45 -5.02
C VAL A 79 -2.56 -3.73 -4.49
N LEU A 80 -2.01 -3.65 -3.28
CA LEU A 80 -1.37 -4.80 -2.66
C LEU A 80 -1.54 -4.77 -1.15
N PHE A 81 -1.98 -5.89 -0.58
CA PHE A 81 -2.18 -5.97 0.87
C PHE A 81 -1.36 -7.11 1.46
N PHE A 82 -0.62 -6.80 2.52
CA PHE A 82 0.22 -7.79 3.18
C PHE A 82 0.08 -7.71 4.70
N LYS A 83 0.71 -8.65 5.40
CA LYS A 83 0.65 -8.67 6.86
C LYS A 83 1.87 -9.39 7.43
N ASN A 84 2.89 -8.62 7.79
CA ASN A 84 4.11 -9.18 8.36
C ASN A 84 4.86 -10.01 7.32
N GLY A 85 4.34 -10.04 6.10
CA GLY A 85 4.96 -10.80 5.04
C GLY A 85 5.30 -9.94 3.83
N GLU A 86 4.51 -8.89 3.61
CA GLU A 86 4.73 -8.00 2.48
C GLU A 86 4.08 -8.55 1.21
N LYS A 87 3.65 -9.80 1.28
CA LYS A 87 3.01 -10.46 0.13
C LYS A 87 1.87 -11.35 0.60
N LYS A 88 0.64 -10.86 0.45
CA LYS A 88 -0.54 -11.61 0.85
C LYS A 88 -1.61 -11.57 -0.24
N ASP A 89 -1.66 -10.46 -0.97
CA ASP A 89 -2.64 -10.30 -2.05
C ASP A 89 -2.28 -9.10 -2.92
N SER A 90 -2.99 -8.96 -4.03
CA SER A 90 -2.75 -7.86 -4.96
C SER A 90 -3.67 -7.96 -6.17
N VAL A 91 -4.06 -6.81 -6.71
CA VAL A 91 -4.94 -6.76 -7.87
C VAL A 91 -4.86 -5.42 -8.56
N ILE A 92 -4.67 -5.44 -9.88
CA ILE A 92 -4.58 -4.21 -10.66
C ILE A 92 -5.90 -3.45 -10.66
N GLY A 93 -5.90 -2.27 -11.26
CA GLY A 93 -7.12 -1.47 -11.31
C GLY A 93 -8.30 -2.24 -11.83
N ALA A 94 -8.04 -3.39 -12.45
CA ALA A 94 -9.10 -4.23 -12.98
C ALA A 94 -10.26 -4.35 -12.00
N VAL A 95 -10.26 -5.45 -11.24
CA VAL A 95 -11.31 -5.68 -10.25
C VAL A 95 -10.75 -5.70 -8.84
N PRO A 96 -10.05 -4.63 -8.47
CA PRO A 96 -9.44 -4.50 -7.14
C PRO A 96 -10.48 -4.32 -6.03
N LYS A 97 -11.55 -3.59 -6.35
CA LYS A 97 -12.61 -3.35 -5.39
C LYS A 97 -13.18 -4.66 -4.87
N ALA A 98 -12.99 -5.73 -5.63
CA ALA A 98 -13.49 -7.05 -5.25
C ALA A 98 -12.48 -7.77 -4.37
N THR A 99 -11.32 -8.12 -4.96
CA THR A 99 -10.28 -8.82 -4.23
C THR A 99 -9.84 -8.04 -3.00
N LEU A 100 -9.94 -6.72 -3.08
CA LEU A 100 -9.55 -5.85 -1.97
C LEU A 100 -10.67 -5.76 -0.95
N SER A 101 -11.91 -5.63 -1.43
CA SER A 101 -13.07 -5.53 -0.55
C SER A 101 -13.13 -6.71 0.41
N GLU A 102 -12.63 -7.87 -0.04
CA GLU A 102 -12.62 -9.07 0.78
C GLU A 102 -11.28 -9.24 1.49
N LYS A 103 -10.25 -8.61 0.96
CA LYS A 103 -8.91 -8.68 1.54
C LYS A 103 -8.55 -7.38 2.25
N VAL A 104 -9.54 -6.51 2.41
CA VAL A 104 -9.32 -5.22 3.08
C VAL A 104 -10.45 -4.92 4.07
N GLU A 105 -11.64 -5.40 3.75
CA GLU A 105 -12.80 -5.19 4.62
C GLU A 105 -12.39 -5.23 6.10
N LYS A 106 -11.79 -6.34 6.51
CA LYS A 106 -11.35 -6.50 7.89
C LYS A 106 -10.04 -7.29 7.95
N TYR A 107 -9.44 -7.51 6.79
CA TYR A 107 -8.18 -8.25 6.71
C TYR A 107 -8.25 -9.52 7.56
N ILE A 108 -9.46 -9.97 7.85
CA ILE A 108 -9.67 -11.17 8.64
C ILE A 108 -11.07 -11.73 8.44
N ALA A 1 2.14 9.81 21.01
CA ALA A 1 3.30 9.81 20.12
C ALA A 1 3.17 8.72 19.06
N VAL A 2 3.39 9.10 17.80
CA VAL A 2 3.29 8.16 16.68
C VAL A 2 4.67 7.67 16.27
N ASN A 3 4.70 6.68 15.37
CA ASN A 3 5.96 6.13 14.89
C ASN A 3 6.39 6.80 13.60
N GLU A 4 5.84 6.34 12.48
CA GLU A 4 6.16 6.91 11.18
C GLU A 4 5.10 6.53 10.13
N VAL A 5 4.97 7.36 9.11
CA VAL A 5 4.01 7.12 8.04
C VAL A 5 4.41 7.83 6.76
N GLN A 6 3.66 7.57 5.69
CA GLN A 6 3.93 8.19 4.40
C GLN A 6 5.32 7.80 3.90
N VAL A 7 5.48 7.78 2.58
CA VAL A 7 6.77 7.42 1.97
C VAL A 7 7.30 6.11 2.54
N VAL A 8 8.41 5.64 1.99
CA VAL A 8 9.02 4.40 2.43
C VAL A 8 10.38 4.66 3.08
N ASN A 9 11.15 5.57 2.49
CA ASN A 9 12.46 5.90 2.99
C ASN A 9 13.31 4.65 3.20
N ASP A 10 12.93 3.57 2.52
CA ASP A 10 13.66 2.31 2.62
C ASP A 10 13.35 1.62 3.95
N SER A 11 13.63 2.30 5.05
CA SER A 11 13.38 1.74 6.38
C SER A 11 12.07 0.97 6.41
N SER A 12 11.05 1.51 5.75
CA SER A 12 9.74 0.88 5.70
C SER A 12 9.87 -0.60 5.37
N TRP A 13 10.29 -0.88 4.14
CA TRP A 13 10.45 -2.26 3.69
C TRP A 13 11.60 -2.94 4.41
N ASP A 14 12.52 -2.14 4.95
CA ASP A 14 13.67 -2.66 5.67
C ASP A 14 13.24 -3.72 6.68
N GLU A 15 12.58 -3.28 7.75
CA GLU A 15 12.12 -4.19 8.79
C GLU A 15 10.83 -3.67 9.44
N LEU A 16 10.25 -2.65 8.82
CA LEU A 16 9.02 -2.06 9.34
C LEU A 16 7.79 -2.73 8.73
N VAL A 17 7.88 -3.04 7.43
CA VAL A 17 6.78 -3.70 6.73
C VAL A 17 6.75 -5.20 7.02
N ILE A 18 7.72 -5.65 7.80
CA ILE A 18 7.81 -7.06 8.16
C ILE A 18 7.76 -7.25 9.67
N GLY A 19 7.58 -6.16 10.40
CA GLY A 19 7.52 -6.23 11.85
C GLY A 19 6.63 -5.16 12.45
N SER A 20 5.89 -4.46 11.59
CA SER A 20 4.98 -3.41 12.03
C SER A 20 3.79 -3.98 12.77
N GLU A 21 3.05 -3.11 13.46
CA GLU A 21 1.86 -3.55 14.21
C GLU A 21 0.61 -3.41 13.36
N THR A 22 -0.42 -4.17 13.72
CA THR A 22 -1.69 -4.13 12.99
C THR A 22 -1.46 -4.38 11.49
N PRO A 23 -2.56 -4.62 10.76
CA PRO A 23 -2.51 -4.87 9.32
C PRO A 23 -2.14 -3.62 8.52
N VAL A 24 -0.96 -3.63 7.95
CA VAL A 24 -0.48 -2.49 7.16
C VAL A 24 -1.06 -2.52 5.75
N LEU A 25 -0.92 -1.41 5.04
CA LEU A 25 -1.44 -1.30 3.68
C LEU A 25 -0.80 -0.14 2.94
N VAL A 26 0.01 -0.44 1.93
CA VAL A 26 0.68 0.59 1.15
C VAL A 26 -0.18 1.01 -0.05
N ASP A 27 -0.25 2.32 -0.27
CA ASP A 27 -1.03 2.85 -1.38
C ASP A 27 -0.15 3.12 -2.59
N PHE A 28 -0.70 2.96 -3.78
CA PHE A 28 0.04 3.20 -5.02
C PHE A 28 -0.23 4.58 -5.57
N TRP A 29 0.47 4.94 -6.64
CA TRP A 29 0.31 6.26 -7.25
C TRP A 29 0.61 6.20 -8.75
N ALA A 30 1.56 5.34 -9.13
CA ALA A 30 1.94 5.19 -10.52
C ALA A 30 3.00 6.20 -10.91
N PRO A 31 4.25 5.72 -11.06
CA PRO A 31 5.39 6.58 -11.43
C PRO A 31 5.30 7.05 -12.88
N TRP A 32 4.53 6.33 -13.68
CA TRP A 32 4.36 6.68 -15.10
C TRP A 32 3.97 8.16 -15.24
N CYS A 33 3.10 8.63 -14.36
CA CYS A 33 2.65 10.01 -14.40
C CYS A 33 3.53 10.89 -13.51
N GLY A 34 4.21 11.84 -14.14
CA GLY A 34 5.08 12.74 -13.40
C GLY A 34 4.54 13.06 -12.02
N PRO A 35 3.39 13.74 -11.98
CA PRO A 35 2.74 14.14 -10.72
C PRO A 35 2.16 12.94 -9.97
N CYS A 36 3.04 12.02 -9.59
CA CYS A 36 2.62 10.83 -8.85
C CYS A 36 1.47 11.15 -7.90
N ARG A 37 0.36 10.44 -8.07
CA ARG A 37 -0.81 10.65 -7.22
C ARG A 37 -0.65 9.93 -5.89
N MET A 38 0.18 10.50 -5.01
CA MET A 38 0.41 9.92 -3.69
C MET A 38 -0.85 9.26 -3.16
N ILE A 39 -1.65 10.01 -2.42
CA ILE A 39 -2.89 9.50 -1.86
C ILE A 39 -3.87 9.08 -2.95
N ALA A 40 -5.15 9.08 -2.62
CA ALA A 40 -6.19 8.71 -3.58
C ALA A 40 -7.57 8.75 -2.93
N PRO A 41 -8.59 9.04 -3.74
CA PRO A 41 -9.98 9.12 -3.27
C PRO A 41 -10.55 7.75 -2.90
N ILE A 42 -11.17 7.08 -3.88
CA ILE A 42 -11.74 5.77 -3.65
C ILE A 42 -10.83 4.90 -2.79
N ILE A 43 -9.53 4.93 -3.11
CA ILE A 43 -8.56 4.16 -2.35
C ILE A 43 -8.63 4.47 -0.86
N ASP A 44 -8.84 5.74 -0.55
CA ASP A 44 -8.93 6.17 0.85
C ASP A 44 -10.11 5.51 1.55
N GLU A 45 -11.30 5.69 0.98
CA GLU A 45 -12.52 5.11 1.54
C GLU A 45 -12.28 3.68 1.99
N LEU A 46 -11.68 2.88 1.11
CA LEU A 46 -11.39 1.48 1.42
C LEU A 46 -10.35 1.37 2.54
N ALA A 47 -9.52 2.39 2.68
CA ALA A 47 -8.50 2.41 3.72
C ALA A 47 -9.12 2.57 5.10
N LYS A 48 -10.33 3.11 5.13
CA LYS A 48 -11.03 3.33 6.40
C LYS A 48 -12.04 2.22 6.65
N GLU A 49 -12.36 1.47 5.60
CA GLU A 49 -13.32 0.37 5.71
C GLU A 49 -13.17 -0.35 7.05
N TYR A 50 -12.26 -1.32 7.10
CA TYR A 50 -12.01 -2.09 8.31
C TYR A 50 -11.82 -1.16 9.51
N ALA A 51 -11.52 0.10 9.23
CA ALA A 51 -11.31 1.10 10.29
C ALA A 51 -10.72 2.37 9.72
N GLY A 52 -9.41 2.37 9.53
CA GLY A 52 -8.73 3.54 8.99
C GLY A 52 -7.58 4.00 9.87
N LYS A 53 -7.55 3.51 11.11
CA LYS A 53 -6.50 3.88 12.05
C LYS A 53 -5.31 2.93 11.92
N ILE A 54 -5.53 1.79 11.28
CA ILE A 54 -4.47 0.81 11.09
C ILE A 54 -3.22 1.45 10.49
N LYS A 55 -2.24 0.62 10.14
CA LYS A 55 -1.00 1.11 9.55
C LYS A 55 -1.10 1.15 8.04
N CYS A 56 -0.40 2.11 7.43
CA CYS A 56 -0.41 2.26 5.98
C CYS A 56 0.32 3.54 5.56
N TYR A 57 0.64 3.63 4.28
CA TYR A 57 1.35 4.80 3.75
C TYR A 57 1.49 4.71 2.23
N LYS A 58 1.92 5.80 1.62
CA LYS A 58 2.10 5.85 0.18
C LYS A 58 3.56 5.64 -0.20
N LEU A 59 3.81 4.72 -1.12
CA LEU A 59 5.16 4.43 -1.58
C LEU A 59 5.78 5.63 -2.28
N ASN A 60 7.05 5.53 -2.61
CA ASN A 60 7.76 6.61 -3.28
C ASN A 60 8.90 6.06 -4.15
N THR A 61 9.54 6.95 -4.90
CA THR A 61 10.64 6.55 -5.78
C THR A 61 11.73 7.63 -5.81
N ASP A 62 12.44 7.79 -4.70
CA ASP A 62 13.51 8.78 -4.61
C ASP A 62 14.56 8.36 -3.59
N GLU A 63 14.53 7.08 -3.22
CA GLU A 63 15.48 6.55 -2.26
C GLU A 63 14.97 5.23 -1.66
N SER A 64 14.29 4.45 -2.47
CA SER A 64 13.75 3.17 -2.02
C SER A 64 13.70 2.16 -3.16
N PRO A 65 14.88 1.82 -3.69
CA PRO A 65 15.00 0.86 -4.80
C PRO A 65 14.67 -0.56 -4.37
N ASN A 66 14.76 -0.82 -3.07
CA ASN A 66 14.46 -2.15 -2.53
C ASN A 66 13.04 -2.57 -2.88
N THR A 67 12.13 -1.60 -2.91
CA THR A 67 10.73 -1.87 -3.23
C THR A 67 10.59 -2.42 -4.65
N ALA A 68 11.33 -1.83 -5.57
CA ALA A 68 11.28 -2.26 -6.97
C ALA A 68 12.02 -3.58 -7.16
N THR A 69 12.84 -3.94 -6.18
CA THR A 69 13.60 -5.19 -6.25
C THR A 69 12.80 -6.35 -5.68
N LYS A 70 11.78 -6.03 -4.90
CA LYS A 70 10.93 -7.05 -4.30
C LYS A 70 9.45 -6.71 -4.46
N TYR A 71 9.18 -5.68 -5.28
CA TYR A 71 7.81 -5.25 -5.52
C TYR A 71 7.71 -4.45 -6.82
N GLY A 72 8.00 -3.16 -6.74
CA GLY A 72 7.94 -2.32 -7.92
C GLY A 72 6.53 -1.93 -8.29
N ILE A 73 6.24 -0.63 -8.24
CA ILE A 73 4.91 -0.14 -8.57
C ILE A 73 4.50 -0.55 -9.98
N ARG A 74 3.50 -1.40 -10.08
CA ARG A 74 3.02 -1.88 -11.37
C ARG A 74 2.02 -0.89 -11.97
N SER A 75 2.25 0.40 -11.72
CA SER A 75 1.37 1.44 -12.23
C SER A 75 0.00 1.37 -11.55
N ILE A 76 -0.77 2.45 -11.69
CA ILE A 76 -2.10 2.52 -11.10
C ILE A 76 -2.01 2.58 -9.57
N PRO A 77 -2.83 3.45 -8.97
CA PRO A 77 -2.87 3.61 -7.51
C PRO A 77 -3.48 2.40 -6.80
N THR A 78 -3.04 1.21 -7.19
CA THR A 78 -3.55 -0.02 -6.60
C THR A 78 -3.40 0.00 -5.09
N VAL A 79 -3.92 -1.03 -4.43
CA VAL A 79 -3.85 -1.13 -2.98
C VAL A 79 -3.38 -2.51 -2.55
N LEU A 80 -2.38 -2.55 -1.67
CA LEU A 80 -1.84 -3.81 -1.17
C LEU A 80 -1.81 -3.82 0.35
N PHE A 81 -2.31 -4.91 0.94
CA PHE A 81 -2.33 -5.04 2.39
C PHE A 81 -1.59 -6.31 2.83
N PHE A 82 -0.84 -6.19 3.92
CA PHE A 82 -0.08 -7.32 4.44
C PHE A 82 -0.04 -7.29 5.97
N LYS A 83 0.47 -8.36 6.56
CA LYS A 83 0.57 -8.46 8.02
C LYS A 83 1.42 -9.67 8.43
N ASN A 84 2.57 -9.40 9.04
CA ASN A 84 3.45 -10.47 9.49
C ASN A 84 3.97 -11.28 8.30
N GLY A 85 3.67 -10.80 7.10
CA GLY A 85 4.11 -11.49 5.89
C GLY A 85 4.62 -10.54 4.83
N GLU A 86 4.07 -9.33 4.81
CA GLU A 86 4.47 -8.32 3.83
C GLU A 86 3.74 -8.52 2.51
N LYS A 87 3.14 -9.70 2.33
CA LYS A 87 2.40 -10.01 1.13
C LYS A 87 1.18 -10.85 1.45
N LYS A 88 0.00 -10.23 1.39
CA LYS A 88 -1.25 -10.92 1.67
C LYS A 88 -2.19 -10.87 0.46
N ASP A 89 -2.41 -9.67 -0.05
CA ASP A 89 -3.28 -9.49 -1.21
C ASP A 89 -3.26 -8.04 -1.68
N SER A 90 -3.94 -7.77 -2.79
CA SER A 90 -4.00 -6.43 -3.36
C SER A 90 -5.37 -6.16 -3.96
N VAL A 91 -5.57 -4.92 -4.42
CA VAL A 91 -6.83 -4.53 -5.03
C VAL A 91 -6.63 -3.42 -6.05
N ILE A 92 -7.37 -3.49 -7.15
CA ILE A 92 -7.27 -2.48 -8.21
C ILE A 92 -8.55 -2.41 -9.02
N GLY A 93 -9.39 -1.43 -8.71
CA GLY A 93 -10.64 -1.26 -9.43
C GLY A 93 -10.53 -1.67 -10.89
N ALA A 94 -11.42 -2.55 -11.32
CA ALA A 94 -11.43 -3.03 -12.70
C ALA A 94 -12.29 -4.27 -12.85
N VAL A 95 -12.35 -5.08 -11.80
CA VAL A 95 -13.14 -6.30 -11.82
C VAL A 95 -12.63 -7.30 -10.79
N PRO A 96 -11.34 -7.64 -10.89
CA PRO A 96 -10.70 -8.59 -9.97
C PRO A 96 -10.54 -8.03 -8.56
N LYS A 97 -10.35 -6.71 -8.47
CA LYS A 97 -10.18 -6.06 -7.18
C LYS A 97 -11.09 -6.69 -6.13
N ALA A 98 -12.22 -7.23 -6.57
CA ALA A 98 -13.17 -7.86 -5.67
C ALA A 98 -12.66 -9.23 -5.23
N THR A 99 -12.16 -10.01 -6.18
CA THR A 99 -11.65 -11.35 -5.88
C THR A 99 -10.60 -11.30 -4.78
N LEU A 100 -9.71 -10.32 -4.86
CA LEU A 100 -8.66 -10.15 -3.86
C LEU A 100 -9.22 -9.59 -2.56
N SER A 101 -10.12 -8.63 -2.68
CA SER A 101 -10.74 -8.01 -1.51
C SER A 101 -11.54 -9.03 -0.71
N GLU A 102 -12.18 -9.95 -1.42
CA GLU A 102 -12.99 -10.98 -0.78
C GLU A 102 -12.11 -12.01 -0.07
N LYS A 103 -10.95 -12.27 -0.66
CA LYS A 103 -10.01 -13.24 -0.09
C LYS A 103 -9.50 -12.75 1.27
N VAL A 104 -8.86 -11.60 1.28
CA VAL A 104 -8.32 -11.03 2.51
C VAL A 104 -9.38 -11.01 3.62
N GLU A 105 -10.48 -10.30 3.36
CA GLU A 105 -11.56 -10.21 4.34
C GLU A 105 -12.81 -9.60 3.70
N LYS A 106 -12.61 -8.58 2.86
CA LYS A 106 -13.72 -7.92 2.19
C LYS A 106 -13.22 -6.76 1.34
N TYR A 107 -12.62 -5.77 1.98
CA TYR A 107 -12.09 -4.60 1.28
C TYR A 107 -13.00 -4.21 0.12
N ILE A 108 -14.28 -4.53 0.25
CA ILE A 108 -15.26 -4.20 -0.78
C ILE A 108 -14.66 -4.38 -2.17
N ALA A 1 -5.30 10.16 18.53
CA ALA A 1 -5.74 11.48 18.11
C ALA A 1 -5.47 11.69 16.61
N VAL A 2 -4.20 11.70 16.24
CA VAL A 2 -3.82 11.89 14.85
C VAL A 2 -2.96 10.74 14.36
N ASN A 3 -2.41 10.89 13.15
CA ASN A 3 -1.56 9.86 12.57
C ASN A 3 -0.92 10.35 11.27
N GLU A 4 -0.67 9.43 10.35
CA GLU A 4 -0.06 9.77 9.07
C GLU A 4 -0.02 8.55 8.15
N VAL A 5 0.29 8.79 6.88
CA VAL A 5 0.37 7.71 5.90
C VAL A 5 1.35 8.06 4.77
N GLN A 6 2.58 7.60 4.91
CA GLN A 6 3.61 7.87 3.91
C GLN A 6 4.77 6.88 4.06
N VAL A 7 5.30 6.44 2.92
CA VAL A 7 6.41 5.50 2.91
C VAL A 7 7.72 6.20 3.24
N VAL A 8 8.47 5.64 4.18
CA VAL A 8 9.75 6.21 4.59
C VAL A 8 10.85 5.85 3.60
N ASN A 9 10.61 4.81 2.82
CA ASN A 9 11.59 4.36 1.83
C ASN A 9 12.81 3.74 2.50
N ASP A 10 13.23 2.59 2.00
CA ASP A 10 14.39 1.90 2.55
C ASP A 10 14.05 1.25 3.90
N SER A 11 13.73 2.08 4.88
CA SER A 11 13.39 1.59 6.22
C SER A 11 12.12 0.75 6.17
N SER A 12 11.20 1.11 5.27
CA SER A 12 9.95 0.38 5.13
C SER A 12 10.21 -1.09 4.80
N TRP A 13 10.49 -1.35 3.53
CA TRP A 13 10.76 -2.71 3.07
C TRP A 13 11.95 -3.32 3.81
N ASP A 14 12.68 -2.46 4.52
CA ASP A 14 13.85 -2.91 5.28
C ASP A 14 13.44 -3.90 6.37
N GLU A 15 12.70 -3.41 7.36
CA GLU A 15 12.25 -4.25 8.46
C GLU A 15 10.87 -3.81 8.94
N LEU A 16 10.23 -2.94 8.18
CA LEU A 16 8.90 -2.45 8.53
C LEU A 16 7.82 -3.37 7.97
N VAL A 17 7.66 -3.37 6.65
CA VAL A 17 6.66 -4.21 5.99
C VAL A 17 6.88 -5.67 6.32
N ILE A 18 8.04 -5.98 6.91
CA ILE A 18 8.37 -7.36 7.27
C ILE A 18 8.70 -7.46 8.76
N GLY A 19 8.42 -6.39 9.50
CA GLY A 19 8.69 -6.38 10.92
C GLY A 19 7.72 -5.51 11.69
N SER A 20 6.68 -5.05 11.02
CA SER A 20 5.68 -4.18 11.64
C SER A 20 4.60 -5.01 12.32
N GLU A 21 3.80 -4.36 13.17
CA GLU A 21 2.74 -5.03 13.89
C GLU A 21 1.39 -4.82 13.18
N THR A 22 0.47 -5.75 13.40
CA THR A 22 -0.85 -5.67 12.79
C THR A 22 -0.75 -5.64 11.27
N PRO A 23 -1.77 -6.19 10.59
CA PRO A 23 -1.82 -6.24 9.13
C PRO A 23 -2.02 -4.86 8.52
N VAL A 24 -0.93 -4.26 8.04
CA VAL A 24 -0.99 -2.95 7.42
C VAL A 24 -1.19 -3.05 5.91
N LEU A 25 -1.36 -1.91 5.25
CA LEU A 25 -1.56 -1.87 3.82
C LEU A 25 -0.80 -0.71 3.18
N VAL A 26 -0.36 -0.90 1.95
CA VAL A 26 0.38 0.14 1.23
C VAL A 26 -0.07 0.22 -0.22
N ASP A 27 -0.65 1.36 -0.59
CA ASP A 27 -1.12 1.56 -1.96
C ASP A 27 -0.02 2.19 -2.82
N PHE A 28 -0.29 2.30 -4.12
CA PHE A 28 0.68 2.87 -5.05
C PHE A 28 0.30 4.30 -5.42
N TRP A 29 1.16 4.96 -6.18
CA TRP A 29 0.91 6.34 -6.60
C TRP A 29 0.69 6.41 -8.10
N ALA A 30 1.39 5.57 -8.84
CA ALA A 30 1.27 5.55 -10.30
C ALA A 30 2.17 6.58 -10.95
N PRO A 31 3.13 6.12 -11.77
CA PRO A 31 4.07 6.99 -12.46
C PRO A 31 3.40 7.82 -13.56
N TRP A 32 2.09 7.66 -13.70
CA TRP A 32 1.33 8.39 -14.71
C TRP A 32 1.84 9.82 -14.84
N CYS A 33 2.42 10.34 -13.77
CA CYS A 33 2.96 11.70 -13.78
C CYS A 33 4.29 11.76 -13.04
N GLY A 34 5.22 12.54 -13.59
CA GLY A 34 6.54 12.66 -12.98
C GLY A 34 6.46 12.67 -11.46
N PRO A 35 5.90 13.75 -10.90
CA PRO A 35 5.76 13.90 -9.44
C PRO A 35 4.74 12.94 -8.85
N CYS A 36 4.06 12.20 -9.72
CA CYS A 36 3.05 11.24 -9.29
C CYS A 36 1.93 11.94 -8.51
N ARG A 37 0.69 11.66 -8.89
CA ARG A 37 -0.46 12.25 -8.23
C ARG A 37 -0.86 11.46 -6.99
N MET A 38 -0.08 10.43 -6.69
CA MET A 38 -0.35 9.59 -5.53
C MET A 38 -1.85 9.34 -5.38
N ILE A 39 -2.25 8.93 -4.18
CA ILE A 39 -3.65 8.67 -3.89
C ILE A 39 -4.10 9.37 -2.61
N ALA A 40 -5.15 8.83 -1.98
CA ALA A 40 -5.67 9.40 -0.75
C ALA A 40 -7.09 8.90 -0.48
N PRO A 41 -8.00 9.16 -1.41
CA PRO A 41 -9.41 8.75 -1.30
C PRO A 41 -9.57 7.24 -1.42
N ILE A 42 -9.76 6.77 -2.64
CA ILE A 42 -9.93 5.35 -2.90
C ILE A 42 -9.30 4.51 -1.80
N ILE A 43 -8.08 4.86 -1.42
CA ILE A 43 -7.35 4.15 -0.37
C ILE A 43 -7.97 4.41 1.00
N ASP A 44 -7.50 5.46 1.66
CA ASP A 44 -8.01 5.82 2.98
C ASP A 44 -9.48 5.43 3.12
N GLU A 45 -10.27 5.70 2.09
CA GLU A 45 -11.69 5.37 2.09
C GLU A 45 -11.90 3.89 2.41
N LEU A 46 -11.22 3.03 1.66
CA LEU A 46 -11.34 1.59 1.86
C LEU A 46 -10.33 1.11 2.92
N ALA A 47 -9.43 1.99 3.32
CA ALA A 47 -8.42 1.65 4.32
C ALA A 47 -8.91 2.00 5.72
N LYS A 48 -9.98 2.79 5.80
CA LYS A 48 -10.55 3.19 7.09
C LYS A 48 -12.01 2.77 7.19
N GLU A 49 -12.58 2.32 6.07
CA GLU A 49 -13.97 1.89 6.05
C GLU A 49 -14.28 0.98 7.23
N TYR A 50 -13.24 0.40 7.81
CA TYR A 50 -13.40 -0.50 8.95
C TYR A 50 -13.19 0.26 10.26
N ALA A 51 -12.40 1.31 10.21
CA ALA A 51 -12.12 2.12 11.39
C ALA A 51 -11.05 3.17 11.10
N GLY A 52 -9.78 2.75 11.15
CA GLY A 52 -8.69 3.66 10.89
C GLY A 52 -7.60 3.56 11.94
N LYS A 53 -7.75 2.62 12.87
CA LYS A 53 -6.77 2.43 13.93
C LYS A 53 -5.53 1.70 13.40
N ILE A 54 -5.64 1.17 12.19
CA ILE A 54 -4.54 0.45 11.57
C ILE A 54 -3.47 1.41 11.05
N LYS A 55 -2.74 0.99 10.03
CA LYS A 55 -1.69 1.81 9.44
C LYS A 55 -1.51 1.48 7.96
N CYS A 56 -1.21 2.50 7.16
CA CYS A 56 -1.01 2.32 5.73
C CYS A 56 -0.54 3.62 5.09
N TYR A 57 -0.03 3.52 3.86
CA TYR A 57 0.47 4.68 3.14
C TYR A 57 0.89 4.29 1.72
N LYS A 58 1.17 5.30 0.91
CA LYS A 58 1.59 5.08 -0.47
C LYS A 58 3.10 5.08 -0.59
N LEU A 59 3.62 4.39 -1.60
CA LEU A 59 5.06 4.33 -1.83
C LEU A 59 5.60 5.66 -2.35
N ASN A 60 6.91 5.74 -2.49
CA ASN A 60 7.55 6.96 -2.98
C ASN A 60 8.32 6.69 -4.27
N THR A 61 9.27 7.57 -4.58
CA THR A 61 10.08 7.42 -5.79
C THR A 61 11.46 8.03 -5.59
N ASP A 62 11.81 8.31 -4.34
CA ASP A 62 13.12 8.89 -4.02
C ASP A 62 14.24 7.90 -4.32
N GLU A 63 13.94 6.61 -4.22
CA GLU A 63 14.92 5.57 -4.49
C GLU A 63 14.25 4.21 -4.64
N SER A 64 13.18 4.00 -3.87
CA SER A 64 12.45 2.74 -3.92
C SER A 64 13.40 1.57 -4.18
N PRO A 65 14.25 1.26 -3.20
CA PRO A 65 15.22 0.17 -3.30
C PRO A 65 14.56 -1.19 -3.28
N ASN A 66 14.28 -1.70 -2.07
CA ASN A 66 13.63 -3.00 -1.92
C ASN A 66 12.28 -3.02 -2.61
N THR A 67 11.74 -1.84 -2.91
CA THR A 67 10.44 -1.73 -3.58
C THR A 67 10.56 -2.11 -5.05
N ALA A 68 11.67 -1.72 -5.67
CA ALA A 68 11.90 -2.01 -7.08
C ALA A 68 12.26 -3.48 -7.28
N THR A 69 12.92 -4.07 -6.29
CA THR A 69 13.32 -5.46 -6.36
C THR A 69 12.20 -6.38 -5.91
N LYS A 70 11.19 -5.81 -5.27
CA LYS A 70 10.04 -6.57 -4.78
C LYS A 70 8.76 -6.14 -5.49
N TYR A 71 8.81 -4.98 -6.13
CA TYR A 71 7.65 -4.45 -6.84
C TYR A 71 8.07 -3.55 -7.99
N GLY A 72 7.26 -3.50 -9.04
CA GLY A 72 7.57 -2.67 -10.19
C GLY A 72 6.33 -2.23 -10.93
N ILE A 73 5.92 -0.98 -10.71
CA ILE A 73 4.74 -0.44 -11.38
C ILE A 73 5.12 0.31 -12.65
N ARG A 74 5.12 -0.43 -13.77
CA ARG A 74 5.46 0.16 -15.06
C ARG A 74 4.29 0.99 -15.61
N SER A 75 3.20 1.03 -14.85
CA SER A 75 2.03 1.78 -15.26
C SER A 75 0.84 1.47 -14.35
N ILE A 76 0.01 2.49 -14.11
CA ILE A 76 -1.15 2.32 -13.25
C ILE A 76 -0.75 1.89 -11.84
N PRO A 77 -1.42 2.47 -10.83
CA PRO A 77 -1.15 2.16 -9.42
C PRO A 77 -1.60 0.76 -9.04
N THR A 78 -1.72 0.50 -7.74
CA THR A 78 -2.14 -0.80 -7.25
C THR A 78 -2.38 -0.77 -5.76
N VAL A 79 -2.87 -1.89 -5.21
CA VAL A 79 -3.15 -1.99 -3.79
C VAL A 79 -2.61 -3.29 -3.21
N LEU A 80 -1.63 -3.17 -2.31
CA LEU A 80 -1.03 -4.35 -1.68
C LEU A 80 -1.20 -4.30 -0.16
N PHE A 81 -1.32 -5.48 0.45
CA PHE A 81 -1.48 -5.58 1.90
C PHE A 81 -0.49 -6.57 2.49
N PHE A 82 0.25 -6.14 3.50
CA PHE A 82 1.22 -6.99 4.16
C PHE A 82 1.25 -6.72 5.66
N LYS A 83 2.04 -7.52 6.38
CA LYS A 83 2.16 -7.39 7.83
C LYS A 83 3.56 -7.77 8.30
N ASN A 84 4.13 -8.78 7.66
CA ASN A 84 5.47 -9.24 8.01
C ASN A 84 6.16 -9.88 6.82
N GLY A 85 5.75 -9.47 5.62
CA GLY A 85 6.34 -10.00 4.41
C GLY A 85 5.51 -11.11 3.80
N GLU A 86 4.38 -11.42 4.43
CA GLU A 86 3.49 -12.47 3.94
C GLU A 86 2.57 -11.94 2.85
N LYS A 87 2.76 -10.68 2.48
CA LYS A 87 1.94 -10.05 1.45
C LYS A 87 0.51 -10.58 1.48
N LYS A 88 -0.24 -10.17 2.50
CA LYS A 88 -1.62 -10.61 2.65
C LYS A 88 -2.29 -10.78 1.29
N ASP A 89 -1.89 -9.94 0.34
CA ASP A 89 -2.45 -9.99 -1.00
C ASP A 89 -1.90 -8.86 -1.87
N SER A 90 -2.26 -8.87 -3.15
CA SER A 90 -1.79 -7.86 -4.09
C SER A 90 -2.63 -7.87 -5.36
N VAL A 91 -3.18 -6.71 -5.71
CA VAL A 91 -4.00 -6.59 -6.91
C VAL A 91 -3.74 -5.26 -7.63
N ILE A 92 -3.68 -5.31 -8.95
CA ILE A 92 -3.44 -4.11 -9.75
C ILE A 92 -4.43 -4.00 -10.90
N GLY A 93 -4.37 -2.90 -11.63
CA GLY A 93 -5.28 -2.70 -12.74
C GLY A 93 -6.60 -2.10 -12.31
N ALA A 94 -6.91 -2.23 -11.02
CA ALA A 94 -8.16 -1.70 -10.49
C ALA A 94 -9.31 -2.68 -10.71
N VAL A 95 -9.15 -3.56 -11.69
CA VAL A 95 -10.17 -4.56 -12.01
C VAL A 95 -10.24 -5.64 -10.92
N PRO A 96 -9.11 -6.33 -10.71
CA PRO A 96 -9.01 -7.39 -9.71
C PRO A 96 -9.07 -6.86 -8.28
N LYS A 97 -8.52 -5.66 -8.08
CA LYS A 97 -8.51 -5.04 -6.76
C LYS A 97 -9.87 -5.16 -6.10
N ALA A 98 -10.91 -5.37 -6.90
CA ALA A 98 -12.26 -5.51 -6.38
C ALA A 98 -12.43 -6.84 -5.64
N THR A 99 -12.13 -7.93 -6.33
CA THR A 99 -12.24 -9.26 -5.74
C THR A 99 -11.48 -9.36 -4.43
N LEU A 100 -10.29 -8.77 -4.41
CA LEU A 100 -9.45 -8.78 -3.21
C LEU A 100 -10.08 -7.93 -2.09
N SER A 101 -10.26 -6.65 -2.37
CA SER A 101 -10.84 -5.73 -1.40
C SER A 101 -12.19 -6.25 -0.91
N GLU A 102 -12.91 -6.94 -1.79
CA GLU A 102 -14.22 -7.48 -1.45
C GLU A 102 -14.10 -8.54 -0.36
N LYS A 103 -13.07 -9.37 -0.46
CA LYS A 103 -12.83 -10.43 0.51
C LYS A 103 -12.18 -9.87 1.78
N VAL A 104 -11.34 -8.85 1.60
CA VAL A 104 -10.66 -8.22 2.72
C VAL A 104 -11.42 -7.01 3.23
N GLU A 105 -12.64 -6.85 2.75
CA GLU A 105 -13.49 -5.73 3.16
C GLU A 105 -13.70 -5.73 4.67
N LYS A 106 -13.32 -6.83 5.32
CA LYS A 106 -13.46 -6.96 6.75
C LYS A 106 -12.30 -7.75 7.35
N TYR A 107 -11.28 -8.00 6.54
CA TYR A 107 -10.11 -8.74 6.99
C TYR A 107 -10.51 -9.89 7.92
N ILE A 108 -11.74 -10.37 7.75
CA ILE A 108 -12.25 -11.45 8.57
C ILE A 108 -11.14 -12.43 8.94
N ALA A 1 -1.35 7.83 15.27
CA ALA A 1 -0.47 8.44 14.29
C ALA A 1 0.93 8.66 14.88
N VAL A 2 1.49 7.61 15.47
CA VAL A 2 2.82 7.69 16.06
C VAL A 2 3.87 7.14 15.12
N ASN A 3 3.48 6.19 14.28
CA ASN A 3 4.40 5.58 13.33
C ASN A 3 4.51 6.43 12.06
N GLU A 4 3.71 6.08 11.06
CA GLU A 4 3.72 6.81 9.80
C GLU A 4 2.81 6.14 8.78
N VAL A 5 2.78 6.67 7.56
CA VAL A 5 1.95 6.13 6.50
C VAL A 5 2.55 6.42 5.12
N GLN A 6 3.77 5.93 4.90
CA GLN A 6 4.46 6.13 3.63
C GLN A 6 5.83 5.47 3.64
N VAL A 7 6.29 5.06 2.47
CA VAL A 7 7.59 4.40 2.34
C VAL A 7 8.72 5.43 2.34
N VAL A 8 9.35 5.59 3.50
CA VAL A 8 10.45 6.54 3.63
C VAL A 8 11.72 6.01 2.98
N ASN A 9 11.93 4.71 3.08
CA ASN A 9 13.11 4.07 2.49
C ASN A 9 13.24 2.63 2.97
N ASP A 10 14.31 1.96 2.55
CA ASP A 10 14.57 0.59 2.94
C ASP A 10 14.06 0.32 4.34
N SER A 11 14.37 1.22 5.27
CA SER A 11 13.94 1.08 6.65
C SER A 11 12.57 0.40 6.74
N SER A 12 11.57 1.03 6.13
CA SER A 12 10.22 0.50 6.15
C SER A 12 10.21 -0.96 5.70
N TRP A 13 10.68 -1.21 4.49
CA TRP A 13 10.72 -2.57 3.95
C TRP A 13 11.73 -3.42 4.71
N ASP A 14 12.42 -2.80 5.66
CA ASP A 14 13.42 -3.51 6.46
C ASP A 14 12.75 -4.39 7.51
N GLU A 15 12.00 -3.77 8.40
CA GLU A 15 11.31 -4.50 9.46
C GLU A 15 10.00 -3.80 9.84
N LEU A 16 9.60 -2.83 9.03
CA LEU A 16 8.37 -2.08 9.28
C LEU A 16 7.17 -2.78 8.66
N VAL A 17 7.11 -2.78 7.33
CA VAL A 17 6.01 -3.43 6.63
C VAL A 17 6.09 -4.94 6.76
N ILE A 18 7.11 -5.42 7.46
CA ILE A 18 7.29 -6.85 7.67
C ILE A 18 7.47 -7.17 9.14
N GLY A 19 7.43 -6.14 9.98
CA GLY A 19 7.59 -6.33 11.41
C GLY A 19 6.84 -5.30 12.22
N SER A 20 6.00 -4.52 11.55
CA SER A 20 5.22 -3.47 12.22
C SER A 20 4.58 -4.01 13.49
N GLU A 21 3.31 -4.40 13.38
CA GLU A 21 2.58 -4.93 14.52
C GLU A 21 1.10 -5.13 14.18
N THR A 22 0.62 -4.33 13.23
CA THR A 22 -0.78 -4.41 12.81
C THR A 22 -0.89 -4.52 11.30
N PRO A 23 -2.10 -4.85 10.81
CA PRO A 23 -2.37 -5.00 9.38
C PRO A 23 -2.34 -3.66 8.65
N VAL A 24 -1.58 -3.61 7.55
CA VAL A 24 -1.47 -2.39 6.76
C VAL A 24 -1.32 -2.70 5.27
N LEU A 25 -1.68 -1.75 4.43
CA LEU A 25 -1.59 -1.92 2.98
C LEU A 25 -0.78 -0.80 2.35
N VAL A 26 -0.12 -1.10 1.23
CA VAL A 26 0.67 -0.11 0.53
C VAL A 26 -0.09 0.50 -0.65
N ASP A 27 -0.21 1.82 -0.65
CA ASP A 27 -0.92 2.51 -1.72
C ASP A 27 0.04 2.92 -2.84
N PHE A 28 -0.39 2.71 -4.08
CA PHE A 28 0.43 3.05 -5.24
C PHE A 28 0.03 4.40 -5.80
N TRP A 29 0.77 4.86 -6.81
CA TRP A 29 0.49 6.15 -7.45
C TRP A 29 0.84 6.11 -8.92
N ALA A 30 1.97 5.48 -9.24
CA ALA A 30 2.43 5.38 -10.63
C ALA A 30 3.18 6.63 -11.05
N PRO A 31 4.44 6.45 -11.48
CA PRO A 31 5.29 7.55 -11.93
C PRO A 31 4.82 8.14 -13.25
N TRP A 32 3.75 7.59 -13.80
CA TRP A 32 3.20 8.07 -15.06
C TRP A 32 3.40 9.58 -15.20
N CYS A 33 2.53 10.34 -14.55
CA CYS A 33 2.60 11.80 -14.60
C CYS A 33 3.96 12.29 -14.10
N GLY A 34 4.41 13.42 -14.66
CA GLY A 34 5.69 13.98 -14.25
C GLY A 34 5.96 13.81 -12.78
N PRO A 35 5.42 14.71 -11.96
CA PRO A 35 5.59 14.68 -10.50
C PRO A 35 4.85 13.51 -9.86
N CYS A 36 4.91 12.35 -10.50
CA CYS A 36 4.24 11.16 -9.99
C CYS A 36 2.77 11.43 -9.70
N ARG A 37 1.90 10.89 -10.55
CA ARG A 37 0.46 11.08 -10.38
C ARG A 37 -0.02 10.49 -9.06
N MET A 38 0.25 11.19 -7.97
CA MET A 38 -0.15 10.72 -6.65
C MET A 38 -1.55 11.23 -6.30
N ILE A 39 -2.28 10.45 -5.51
CA ILE A 39 -3.64 10.82 -5.11
C ILE A 39 -4.26 9.74 -4.23
N ALA A 40 -4.92 8.78 -4.85
CA ALA A 40 -5.57 7.69 -4.13
C ALA A 40 -6.94 8.10 -3.63
N PRO A 41 -7.84 8.43 -4.58
CA PRO A 41 -9.20 8.84 -4.25
C PRO A 41 -10.05 7.70 -3.71
N ILE A 42 -10.74 7.00 -4.61
CA ILE A 42 -11.58 5.87 -4.22
C ILE A 42 -10.75 4.73 -3.66
N ILE A 43 -9.57 4.52 -4.26
CA ILE A 43 -8.68 3.46 -3.81
C ILE A 43 -8.33 3.60 -2.34
N ASP A 44 -7.97 4.82 -1.94
CA ASP A 44 -7.62 5.10 -0.55
C ASP A 44 -8.85 5.08 0.34
N GLU A 45 -10.01 5.35 -0.26
CA GLU A 45 -11.26 5.37 0.48
C GLU A 45 -11.59 4.00 1.04
N LEU A 46 -11.41 2.97 0.21
CA LEU A 46 -11.69 1.60 0.62
C LEU A 46 -10.43 0.94 1.20
N ALA A 47 -9.30 1.63 1.10
CA ALA A 47 -8.04 1.11 1.61
C ALA A 47 -7.86 1.49 3.07
N LYS A 48 -8.61 2.49 3.53
CA LYS A 48 -8.52 2.94 4.91
C LYS A 48 -9.90 2.92 5.57
N GLU A 49 -10.94 2.72 4.77
CA GLU A 49 -12.30 2.67 5.28
C GLU A 49 -12.50 1.47 6.20
N TYR A 50 -11.81 0.38 5.89
CA TYR A 50 -11.91 -0.85 6.68
C TYR A 50 -11.69 -0.55 8.16
N ALA A 51 -11.09 0.59 8.45
CA ALA A 51 -10.82 0.99 9.83
C ALA A 51 -9.74 2.08 9.89
N GLY A 52 -10.18 3.33 9.96
CA GLY A 52 -9.24 4.44 10.02
C GLY A 52 -8.27 4.30 11.17
N LYS A 53 -8.54 3.38 12.08
CA LYS A 53 -7.68 3.15 13.23
C LYS A 53 -6.47 2.30 12.85
N ILE A 54 -6.61 1.54 11.78
CA ILE A 54 -5.54 0.68 11.30
C ILE A 54 -4.35 1.50 10.83
N LYS A 55 -4.28 1.76 9.53
CA LYS A 55 -3.20 2.54 8.94
C LYS A 55 -3.10 2.32 7.44
N CYS A 56 -2.22 3.06 6.79
CA CYS A 56 -2.03 2.94 5.35
C CYS A 56 -0.61 3.28 4.95
N TYR A 57 -0.28 3.07 3.68
CA TYR A 57 1.06 3.35 3.18
C TYR A 57 1.00 4.04 1.83
N LYS A 58 2.16 4.43 1.31
CA LYS A 58 2.25 5.11 0.02
C LYS A 58 3.70 5.23 -0.43
N LEU A 59 4.06 4.44 -1.43
CA LEU A 59 5.42 4.46 -1.96
C LEU A 59 5.91 5.89 -2.15
N ASN A 60 7.21 6.03 -2.44
CA ASN A 60 7.80 7.35 -2.64
C ASN A 60 8.83 7.31 -3.76
N THR A 61 9.30 8.48 -4.17
CA THR A 61 10.29 8.58 -5.24
C THR A 61 11.48 9.44 -4.80
N ASP A 62 11.40 9.99 -3.60
CA ASP A 62 12.47 10.82 -3.06
C ASP A 62 13.67 9.97 -2.66
N GLU A 63 13.43 8.69 -2.42
CA GLU A 63 14.49 7.77 -2.03
C GLU A 63 13.91 6.42 -1.62
N SER A 64 13.64 5.57 -2.61
CA SER A 64 13.10 4.25 -2.36
C SER A 64 13.51 3.26 -3.45
N PRO A 65 14.83 3.08 -3.60
CA PRO A 65 15.39 2.17 -4.61
C PRO A 65 15.13 0.71 -4.29
N ASN A 66 14.91 0.43 -2.99
CA ASN A 66 14.64 -0.94 -2.55
C ASN A 66 13.33 -1.46 -3.13
N THR A 67 12.40 -0.54 -3.39
CA THR A 67 11.11 -0.91 -3.96
C THR A 67 11.23 -1.26 -5.43
N ALA A 68 12.11 -0.56 -6.13
CA ALA A 68 12.32 -0.80 -7.56
C ALA A 68 13.17 -2.06 -7.78
N THR A 69 13.84 -2.50 -6.72
CA THR A 69 14.69 -3.69 -6.81
C THR A 69 13.92 -4.93 -6.39
N LYS A 70 12.85 -4.74 -5.63
CA LYS A 70 12.03 -5.85 -5.17
C LYS A 70 10.62 -5.76 -5.74
N TYR A 71 10.04 -4.57 -5.68
CA TYR A 71 8.69 -4.35 -6.18
C TYR A 71 8.72 -3.79 -7.60
N GLY A 72 8.90 -2.47 -7.71
CA GLY A 72 8.95 -1.84 -9.02
C GLY A 72 7.58 -1.39 -9.50
N ILE A 73 7.15 -0.22 -9.04
CA ILE A 73 5.85 0.32 -9.42
C ILE A 73 5.51 -0.05 -10.87
N ARG A 74 4.41 -0.78 -11.04
CA ARG A 74 3.98 -1.20 -12.37
C ARG A 74 3.17 -0.10 -13.04
N SER A 75 3.49 1.15 -12.74
CA SER A 75 2.79 2.30 -13.30
C SER A 75 1.28 2.15 -13.12
N ILE A 76 0.81 2.52 -11.93
CA ILE A 76 -0.62 2.43 -11.63
C ILE A 76 -0.85 2.46 -10.12
N PRO A 77 -1.74 3.36 -9.68
CA PRO A 77 -2.08 3.49 -8.25
C PRO A 77 -2.87 2.31 -7.73
N THR A 78 -2.24 1.14 -7.71
CA THR A 78 -2.88 -0.07 -7.22
C THR A 78 -2.95 -0.10 -5.70
N VAL A 79 -3.61 -1.12 -5.15
CA VAL A 79 -3.74 -1.25 -3.71
C VAL A 79 -3.43 -2.68 -3.26
N LEU A 80 -2.39 -2.83 -2.44
CA LEU A 80 -1.99 -4.14 -1.94
C LEU A 80 -1.91 -4.14 -0.42
N PHE A 81 -2.35 -5.23 0.19
CA PHE A 81 -2.32 -5.36 1.64
C PHE A 81 -1.22 -6.30 2.09
N PHE A 82 -0.55 -5.94 3.18
CA PHE A 82 0.54 -6.76 3.71
C PHE A 82 0.42 -6.91 5.22
N LYS A 83 0.86 -8.05 5.73
CA LYS A 83 0.81 -8.32 7.17
C LYS A 83 1.29 -9.73 7.48
N ASN A 84 2.49 -9.83 8.05
CA ASN A 84 3.06 -11.13 8.39
C ASN A 84 3.44 -11.91 7.15
N GLY A 85 3.35 -11.25 5.99
CA GLY A 85 3.68 -11.90 4.74
C GLY A 85 4.38 -10.96 3.76
N GLU A 86 4.01 -9.69 3.81
CA GLU A 86 4.60 -8.69 2.94
C GLU A 86 3.91 -8.68 1.58
N LYS A 87 3.18 -9.76 1.29
CA LYS A 87 2.46 -9.88 0.02
C LYS A 87 1.12 -10.57 0.22
N LYS A 88 0.35 -10.08 1.19
CA LYS A 88 -0.96 -10.64 1.49
C LYS A 88 -1.81 -10.74 0.22
N ASP A 89 -2.36 -9.60 -0.21
CA ASP A 89 -3.19 -9.56 -1.40
C ASP A 89 -3.00 -8.24 -2.15
N SER A 90 -3.39 -8.22 -3.41
CA SER A 90 -3.25 -7.02 -4.25
C SER A 90 -4.30 -7.00 -5.35
N VAL A 91 -4.81 -5.81 -5.64
CA VAL A 91 -5.82 -5.65 -6.68
C VAL A 91 -5.69 -4.30 -7.38
N ILE A 92 -5.83 -4.31 -8.70
CA ILE A 92 -5.72 -3.09 -9.49
C ILE A 92 -7.07 -2.41 -9.64
N GLY A 93 -7.08 -1.23 -10.26
CA GLY A 93 -8.31 -0.50 -10.44
C GLY A 93 -9.28 -0.67 -9.30
N ALA A 94 -10.26 -1.54 -9.49
CA ALA A 94 -11.27 -1.80 -8.46
C ALA A 94 -12.03 -3.09 -8.75
N VAL A 95 -12.41 -3.28 -10.01
CA VAL A 95 -13.14 -4.47 -10.41
C VAL A 95 -12.76 -5.67 -9.55
N PRO A 96 -11.46 -6.02 -9.57
CA PRO A 96 -10.93 -7.14 -8.79
C PRO A 96 -10.95 -6.87 -7.29
N LYS A 97 -10.65 -5.63 -6.91
CA LYS A 97 -10.64 -5.24 -5.51
C LYS A 97 -11.88 -5.75 -4.78
N ALA A 98 -12.92 -6.05 -5.55
CA ALA A 98 -14.17 -6.55 -4.99
C ALA A 98 -13.99 -7.96 -4.43
N THR A 99 -13.54 -8.87 -5.28
CA THR A 99 -13.33 -10.26 -4.88
C THR A 99 -12.39 -10.35 -3.68
N LEU A 100 -11.31 -9.58 -3.73
CA LEU A 100 -10.33 -9.58 -2.64
C LEU A 100 -10.95 -9.02 -1.36
N SER A 101 -11.78 -7.98 -1.51
CA SER A 101 -12.43 -7.36 -0.36
C SER A 101 -13.30 -8.36 0.38
N GLU A 102 -13.79 -9.36 -0.34
CA GLU A 102 -14.65 -10.38 0.25
C GLU A 102 -13.80 -11.43 0.97
N LYS A 103 -12.61 -11.69 0.46
CA LYS A 103 -11.71 -12.66 1.06
C LYS A 103 -11.12 -12.14 2.37
N VAL A 104 -11.16 -10.83 2.54
CA VAL A 104 -10.64 -10.19 3.74
C VAL A 104 -11.72 -9.38 4.45
N GLU A 105 -12.34 -8.47 3.71
CA GLU A 105 -13.39 -7.61 4.26
C GLU A 105 -13.14 -7.36 5.75
N LYS A 106 -12.39 -6.31 6.05
CA LYS A 106 -12.08 -5.95 7.42
C LYS A 106 -11.08 -6.93 8.03
N TYR A 107 -10.52 -7.80 7.19
CA TYR A 107 -9.56 -8.78 7.65
C TYR A 107 -10.03 -9.48 8.92
N ILE A 108 -11.33 -9.42 9.16
CA ILE A 108 -11.92 -10.05 10.34
C ILE A 108 -11.17 -11.32 10.72
N ALA A 1 -3.99 10.89 18.89
CA ALA A 1 -2.57 10.66 18.62
C ALA A 1 -2.38 9.57 17.57
N VAL A 2 -1.41 9.77 16.67
CA VAL A 2 -1.13 8.80 15.62
C VAL A 2 0.21 8.11 15.86
N ASN A 3 0.42 7.01 15.15
CA ASN A 3 1.66 6.24 15.29
C ASN A 3 2.68 6.65 14.21
N GLU A 4 2.37 6.30 12.97
CA GLU A 4 3.25 6.63 11.85
C GLU A 4 2.55 6.36 10.52
N VAL A 5 3.00 7.07 9.47
CA VAL A 5 2.42 6.90 8.14
C VAL A 5 3.44 7.23 7.06
N GLN A 6 3.05 7.01 5.80
CA GLN A 6 3.94 7.29 4.68
C GLN A 6 5.14 6.36 4.69
N VAL A 7 5.58 5.94 3.51
CA VAL A 7 6.72 5.05 3.38
C VAL A 7 8.04 5.81 3.56
N VAL A 8 9.02 5.14 4.16
CA VAL A 8 10.32 5.76 4.38
C VAL A 8 11.28 5.46 3.23
N ASN A 9 10.93 4.45 2.43
CA ASN A 9 11.76 4.06 1.30
C ASN A 9 13.08 3.46 1.76
N ASP A 10 13.00 2.42 2.58
CA ASP A 10 14.20 1.76 3.10
C ASP A 10 13.86 0.96 4.36
N SER A 11 13.48 1.66 5.41
CA SER A 11 13.14 1.02 6.69
C SER A 11 11.83 0.24 6.57
N SER A 12 10.95 0.72 5.70
CA SER A 12 9.66 0.07 5.48
C SER A 12 9.84 -1.37 5.04
N TRP A 13 10.35 -1.55 3.82
CA TRP A 13 10.57 -2.88 3.27
C TRP A 13 11.69 -3.61 4.03
N ASP A 14 12.44 -2.86 4.83
CA ASP A 14 13.53 -3.43 5.61
C ASP A 14 13.01 -4.45 6.60
N GLU A 15 12.24 -3.99 7.57
CA GLU A 15 11.68 -4.87 8.59
C GLU A 15 10.29 -4.39 9.02
N LEU A 16 9.75 -3.44 8.27
CA LEU A 16 8.43 -2.89 8.58
C LEU A 16 7.33 -3.70 7.89
N VAL A 17 7.25 -3.59 6.58
CA VAL A 17 6.26 -4.32 5.80
C VAL A 17 6.37 -5.83 6.04
N ILE A 18 7.47 -6.24 6.65
CA ILE A 18 7.68 -7.66 6.95
C ILE A 18 7.91 -7.88 8.44
N GLY A 19 7.67 -6.84 9.24
CA GLY A 19 7.85 -6.94 10.67
C GLY A 19 6.92 -6.03 11.43
N SER A 20 5.95 -5.45 10.74
CA SER A 20 4.99 -4.54 11.36
C SER A 20 3.81 -5.31 11.93
N GLU A 21 3.07 -4.67 12.84
CA GLU A 21 1.91 -5.31 13.46
C GLU A 21 0.64 -4.95 12.70
N THR A 22 -0.34 -5.87 12.75
CA THR A 22 -1.61 -5.65 12.07
C THR A 22 -1.43 -5.70 10.55
N PRO A 23 -2.53 -6.00 9.84
CA PRO A 23 -2.52 -6.07 8.37
C PRO A 23 -2.35 -4.70 7.73
N VAL A 24 -1.13 -4.40 7.31
CA VAL A 24 -0.83 -3.12 6.67
C VAL A 24 -0.86 -3.25 5.15
N LEU A 25 -1.32 -2.20 4.48
CA LEU A 25 -1.39 -2.20 3.03
C LEU A 25 -0.69 -0.97 2.45
N VAL A 26 -0.18 -1.10 1.23
CA VAL A 26 0.51 -0.01 0.56
C VAL A 26 -0.31 0.53 -0.60
N ASP A 27 -0.34 1.85 -0.74
CA ASP A 27 -1.08 2.50 -1.82
C ASP A 27 -0.13 3.00 -2.91
N PHE A 28 -0.37 2.54 -4.14
CA PHE A 28 0.46 2.95 -5.27
C PHE A 28 -0.01 4.28 -5.85
N TRP A 29 0.74 4.80 -6.81
CA TRP A 29 0.41 6.07 -7.44
C TRP A 29 0.75 6.05 -8.93
N ALA A 30 1.87 5.41 -9.26
CA ALA A 30 2.31 5.32 -10.64
C ALA A 30 2.90 6.64 -11.12
N PRO A 31 4.18 6.61 -11.50
CA PRO A 31 4.88 7.80 -11.99
C PRO A 31 4.38 8.26 -13.35
N TRP A 32 3.94 7.32 -14.17
CA TRP A 32 3.43 7.63 -15.50
C TRP A 32 2.54 8.87 -15.46
N CYS A 33 1.24 8.65 -15.34
CA CYS A 33 0.28 9.75 -15.29
C CYS A 33 0.88 10.96 -14.60
N GLY A 34 1.23 11.98 -15.38
CA GLY A 34 1.82 13.19 -14.81
C GLY A 34 1.26 13.50 -13.44
N PRO A 35 -0.03 13.89 -13.40
CA PRO A 35 -0.71 14.23 -12.15
C PRO A 35 -0.92 13.02 -11.25
N CYS A 36 0.17 12.38 -10.84
CA CYS A 36 0.10 11.21 -9.97
C CYS A 36 1.48 10.84 -9.46
N ARG A 37 1.59 10.71 -8.14
CA ARG A 37 2.86 10.36 -7.52
C ARG A 37 2.67 10.01 -6.05
N MET A 38 1.71 10.67 -5.41
CA MET A 38 1.42 10.43 -4.00
C MET A 38 0.41 9.30 -3.84
N ILE A 39 -0.87 9.67 -3.74
CA ILE A 39 -1.94 8.69 -3.59
C ILE A 39 -3.19 9.12 -4.34
N ALA A 40 -4.34 8.62 -3.90
CA ALA A 40 -5.61 8.94 -4.54
C ALA A 40 -6.78 8.61 -3.62
N PRO A 41 -7.97 9.13 -3.96
CA PRO A 41 -9.20 8.90 -3.18
C PRO A 41 -9.67 7.46 -3.28
N ILE A 42 -9.18 6.73 -4.28
CA ILE A 42 -9.57 5.35 -4.48
C ILE A 42 -8.90 4.44 -3.46
N ILE A 43 -7.60 4.62 -3.27
CA ILE A 43 -6.85 3.82 -2.32
C ILE A 43 -7.18 4.21 -0.88
N ASP A 44 -7.35 5.51 -0.66
CA ASP A 44 -7.67 6.02 0.67
C ASP A 44 -8.94 5.38 1.20
N GLU A 45 -10.03 5.52 0.46
CA GLU A 45 -11.32 4.95 0.86
C GLU A 45 -11.18 3.45 1.13
N LEU A 46 -10.58 2.74 0.19
CA LEU A 46 -10.38 1.30 0.33
C LEU A 46 -9.24 0.98 1.28
N ALA A 47 -8.66 2.03 1.86
CA ALA A 47 -7.56 1.87 2.80
C ALA A 47 -7.90 2.46 4.16
N LYS A 48 -8.97 3.25 4.21
CA LYS A 48 -9.42 3.88 5.45
C LYS A 48 -10.69 3.22 5.96
N GLU A 49 -11.25 2.33 5.16
CA GLU A 49 -12.48 1.63 5.53
C GLU A 49 -12.55 1.42 7.04
N TYR A 50 -11.86 0.39 7.52
CA TYR A 50 -11.83 0.08 8.95
C TYR A 50 -11.56 1.33 9.78
N ALA A 51 -10.90 2.31 9.16
CA ALA A 51 -10.58 3.56 9.83
C ALA A 51 -9.49 4.32 9.08
N GLY A 52 -8.29 3.77 9.05
CA GLY A 52 -7.18 4.41 8.36
C GLY A 52 -6.02 4.71 9.28
N LYS A 53 -6.26 4.65 10.59
CA LYS A 53 -5.23 4.91 11.57
C LYS A 53 -4.44 3.64 11.89
N ILE A 54 -5.01 2.50 11.53
CA ILE A 54 -4.36 1.22 11.77
C ILE A 54 -2.95 1.20 11.19
N LYS A 55 -2.84 0.72 9.96
CA LYS A 55 -1.55 0.63 9.28
C LYS A 55 -1.72 0.70 7.77
N CYS A 56 -1.45 1.87 7.19
CA CYS A 56 -1.57 2.06 5.76
C CYS A 56 -0.80 3.29 5.30
N TYR A 57 -0.13 3.18 4.15
CA TYR A 57 0.65 4.29 3.61
C TYR A 57 0.91 4.09 2.13
N LYS A 58 1.46 5.12 1.49
CA LYS A 58 1.76 5.07 0.06
C LYS A 58 3.27 5.10 -0.18
N LEU A 59 3.67 4.79 -1.40
CA LEU A 59 5.08 4.78 -1.77
C LEU A 59 5.57 6.19 -2.08
N ASN A 60 6.89 6.36 -2.12
CA ASN A 60 7.49 7.66 -2.40
C ASN A 60 8.48 7.55 -3.55
N THR A 61 9.29 8.60 -3.73
CA THR A 61 10.28 8.62 -4.80
C THR A 61 11.58 9.27 -4.33
N ASP A 62 11.64 9.58 -3.03
CA ASP A 62 12.82 10.20 -2.45
C ASP A 62 14.05 9.31 -2.64
N GLU A 63 13.82 8.07 -3.07
CA GLU A 63 14.91 7.12 -3.28
C GLU A 63 14.36 5.74 -3.63
N SER A 64 13.27 5.36 -2.96
CA SER A 64 12.64 4.06 -3.20
C SER A 64 13.70 3.00 -3.51
N PRO A 65 14.49 2.64 -2.48
CA PRO A 65 15.55 1.64 -2.62
C PRO A 65 14.99 0.23 -2.82
N ASN A 66 14.65 -0.43 -1.72
CA ASN A 66 14.10 -1.78 -1.78
C ASN A 66 12.82 -1.81 -2.61
N THR A 67 12.01 -0.76 -2.49
CA THR A 67 10.75 -0.67 -3.22
C THR A 67 10.98 -0.84 -4.71
N ALA A 68 12.02 -0.21 -5.24
CA ALA A 68 12.34 -0.29 -6.65
C ALA A 68 12.79 -1.71 -7.02
N THR A 69 13.53 -2.35 -6.13
CA THR A 69 14.01 -3.70 -6.37
C THR A 69 12.86 -4.68 -6.50
N LYS A 70 11.71 -4.32 -5.94
CA LYS A 70 10.53 -5.17 -5.99
C LYS A 70 9.33 -4.40 -6.52
N TYR A 71 8.69 -3.64 -5.65
CA TYR A 71 7.52 -2.84 -6.03
C TYR A 71 7.90 -1.78 -7.05
N GLY A 72 8.18 -0.57 -6.55
CA GLY A 72 8.55 0.52 -7.44
C GLY A 72 7.67 0.60 -8.66
N ILE A 73 6.35 0.47 -8.46
CA ILE A 73 5.40 0.53 -9.56
C ILE A 73 5.96 -0.15 -10.81
N ARG A 74 5.65 -1.43 -10.96
CA ARG A 74 6.12 -2.20 -12.11
C ARG A 74 5.31 -1.86 -13.35
N SER A 75 4.14 -1.26 -13.15
CA SER A 75 3.28 -0.89 -14.25
C SER A 75 1.84 -0.66 -13.77
N ILE A 76 1.41 0.60 -13.77
CA ILE A 76 0.06 0.94 -13.33
C ILE A 76 -0.06 0.83 -11.82
N PRO A 77 -0.81 1.78 -11.22
CA PRO A 77 -1.03 1.81 -9.77
C PRO A 77 -1.93 0.67 -9.30
N THR A 78 -2.23 0.66 -8.01
CA THR A 78 -3.09 -0.36 -7.42
C THR A 78 -3.02 -0.34 -5.90
N VAL A 79 -3.85 -1.17 -5.27
CA VAL A 79 -3.88 -1.25 -3.81
C VAL A 79 -3.59 -2.66 -3.33
N LEU A 80 -2.44 -2.86 -2.70
CA LEU A 80 -2.06 -4.16 -2.19
C LEU A 80 -2.03 -4.17 -0.66
N PHE A 81 -2.23 -5.34 -0.08
CA PHE A 81 -2.23 -5.48 1.37
C PHE A 81 -1.20 -6.52 1.82
N PHE A 82 -0.77 -6.42 3.08
CA PHE A 82 0.21 -7.34 3.62
C PHE A 82 0.14 -7.37 5.15
N LYS A 83 0.92 -8.25 5.76
CA LYS A 83 0.95 -8.37 7.21
C LYS A 83 2.31 -8.90 7.68
N ASN A 84 2.43 -10.23 7.75
CA ASN A 84 3.67 -10.86 8.18
C ASN A 84 4.33 -11.60 7.03
N GLY A 85 3.90 -11.30 5.81
CA GLY A 85 4.46 -11.94 4.64
C GLY A 85 4.89 -10.95 3.57
N GLU A 86 4.38 -9.73 3.67
CA GLU A 86 4.70 -8.69 2.71
C GLU A 86 3.83 -8.79 1.47
N LYS A 87 3.14 -9.92 1.33
CA LYS A 87 2.26 -10.15 0.19
C LYS A 87 1.00 -10.90 0.61
N LYS A 88 -0.08 -10.15 0.83
CA LYS A 88 -1.35 -10.74 1.23
C LYS A 88 -2.35 -10.74 0.08
N ASP A 89 -2.31 -9.69 -0.73
CA ASP A 89 -3.20 -9.58 -1.87
C ASP A 89 -2.90 -8.31 -2.67
N SER A 90 -3.55 -8.17 -3.82
CA SER A 90 -3.35 -7.02 -4.69
C SER A 90 -4.59 -6.73 -5.51
N VAL A 91 -5.19 -5.56 -5.27
CA VAL A 91 -6.40 -5.15 -5.99
C VAL A 91 -6.09 -4.04 -6.98
N ILE A 92 -6.31 -4.31 -8.26
CA ILE A 92 -6.07 -3.33 -9.31
C ILE A 92 -7.32 -3.10 -10.15
N GLY A 93 -7.25 -2.10 -11.02
CA GLY A 93 -8.39 -1.79 -11.87
C GLY A 93 -9.71 -1.90 -11.14
N ALA A 94 -10.60 -2.74 -11.67
CA ALA A 94 -11.91 -2.94 -11.06
C ALA A 94 -12.45 -4.35 -11.36
N VAL A 95 -12.10 -5.31 -10.52
CA VAL A 95 -12.54 -6.68 -10.70
C VAL A 95 -12.21 -7.53 -9.47
N PRO A 96 -10.91 -7.64 -9.17
CA PRO A 96 -10.42 -8.42 -8.03
C PRO A 96 -10.79 -7.77 -6.69
N LYS A 97 -10.85 -6.45 -6.68
CA LYS A 97 -11.19 -5.71 -5.47
C LYS A 97 -12.14 -6.51 -4.59
N ALA A 98 -13.43 -6.31 -4.80
CA ALA A 98 -14.45 -7.01 -4.03
C ALA A 98 -13.99 -8.42 -3.67
N THR A 99 -13.40 -9.12 -4.65
CA THR A 99 -12.92 -10.48 -4.43
C THR A 99 -11.94 -10.54 -3.27
N LEU A 100 -10.76 -9.96 -3.46
CA LEU A 100 -9.74 -9.95 -2.42
C LEU A 100 -10.29 -9.39 -1.11
N SER A 101 -10.49 -8.08 -1.09
CA SER A 101 -11.02 -7.42 0.11
C SER A 101 -12.02 -8.31 0.83
N GLU A 102 -13.07 -8.72 0.11
CA GLU A 102 -14.10 -9.58 0.69
C GLU A 102 -13.47 -10.78 1.39
N LYS A 103 -12.43 -11.34 0.77
CA LYS A 103 -11.74 -12.50 1.34
C LYS A 103 -10.94 -12.10 2.57
N VAL A 104 -10.62 -10.82 2.68
CA VAL A 104 -9.85 -10.31 3.81
C VAL A 104 -10.68 -10.36 5.10
N GLU A 105 -11.66 -9.48 5.19
CA GLU A 105 -12.52 -9.43 6.37
C GLU A 105 -13.77 -8.58 6.10
N LYS A 106 -13.55 -7.33 5.73
CA LYS A 106 -14.64 -6.40 5.44
C LYS A 106 -14.19 -5.29 4.50
N TYR A 107 -13.01 -5.47 3.92
CA TYR A 107 -12.46 -4.48 2.99
C TYR A 107 -13.34 -4.37 1.74
N ILE A 108 -14.34 -5.23 1.64
CA ILE A 108 -15.23 -5.23 0.50
C ILE A 108 -14.48 -4.99 -0.80
N ALA A 1 -2.64 12.32 17.53
CA ALA A 1 -3.78 12.35 16.62
C ALA A 1 -3.31 12.49 15.17
N VAL A 2 -2.20 11.85 14.86
CA VAL A 2 -1.65 11.90 13.50
C VAL A 2 -2.57 11.21 12.50
N ASN A 3 -2.32 11.42 11.22
CA ASN A 3 -3.12 10.82 10.17
C ASN A 3 -2.56 9.46 9.74
N GLU A 4 -2.98 8.99 8.59
CA GLU A 4 -2.51 7.70 8.07
C GLU A 4 -1.00 7.72 7.86
N VAL A 5 -0.35 6.63 8.24
CA VAL A 5 1.10 6.52 8.10
C VAL A 5 1.51 6.54 6.62
N GLN A 6 2.77 6.90 6.37
CA GLN A 6 3.28 6.97 5.01
C GLN A 6 4.69 6.42 4.94
N VAL A 7 5.11 6.02 3.73
CA VAL A 7 6.44 5.47 3.53
C VAL A 7 7.44 6.57 3.17
N VAL A 8 8.73 6.27 3.35
CA VAL A 8 9.78 7.23 3.04
C VAL A 8 10.73 6.68 1.99
N ASN A 9 11.12 5.41 2.15
CA ASN A 9 12.03 4.78 1.21
C ASN A 9 12.30 3.33 1.62
N ASP A 10 13.35 2.75 1.03
CA ASP A 10 13.72 1.37 1.34
C ASP A 10 13.41 1.03 2.79
N SER A 11 13.57 2.02 3.66
CA SER A 11 13.32 1.83 5.09
C SER A 11 12.17 0.84 5.31
N SER A 12 11.04 1.11 4.66
CA SER A 12 9.87 0.25 4.79
C SER A 12 10.21 -1.19 4.39
N TRP A 13 10.64 -1.36 3.15
CA TRP A 13 10.99 -2.69 2.65
C TRP A 13 12.26 -3.21 3.31
N ASP A 14 12.85 -2.37 4.17
CA ASP A 14 14.08 -2.75 4.87
C ASP A 14 13.77 -3.72 6.02
N GLU A 15 12.99 -3.24 6.99
CA GLU A 15 12.62 -4.06 8.14
C GLU A 15 11.22 -3.71 8.63
N LEU A 16 10.50 -2.92 7.83
CA LEU A 16 9.14 -2.51 8.18
C LEU A 16 8.11 -3.48 7.59
N VAL A 17 7.97 -3.44 6.28
CA VAL A 17 7.02 -4.31 5.59
C VAL A 17 7.41 -5.77 5.74
N ILE A 18 8.63 -6.01 6.21
CA ILE A 18 9.12 -7.37 6.42
C ILE A 18 9.51 -7.61 7.87
N GLY A 19 9.14 -6.66 8.74
CA GLY A 19 9.46 -6.80 10.14
C GLY A 19 8.29 -6.39 11.04
N SER A 20 7.13 -6.19 10.43
CA SER A 20 5.93 -5.79 11.17
C SER A 20 5.19 -7.01 11.70
N GLU A 21 4.07 -6.78 12.37
CA GLU A 21 3.26 -7.85 12.93
C GLU A 21 1.77 -7.59 12.70
N THR A 22 1.37 -6.34 12.84
CA THR A 22 -0.02 -5.95 12.66
C THR A 22 -0.40 -5.93 11.19
N PRO A 23 -1.69 -6.13 10.90
CA PRO A 23 -2.21 -6.13 9.52
C PRO A 23 -2.18 -4.74 8.89
N VAL A 24 -1.16 -4.50 8.06
CA VAL A 24 -1.01 -3.21 7.39
C VAL A 24 -1.63 -3.26 6.01
N LEU A 25 -1.65 -2.10 5.33
CA LEU A 25 -2.22 -2.00 3.99
C LEU A 25 -1.45 -0.99 3.15
N VAL A 26 -0.71 -1.49 2.17
CA VAL A 26 0.08 -0.63 1.29
C VAL A 26 -0.73 -0.22 0.07
N ASP A 27 -0.62 1.05 -0.32
CA ASP A 27 -1.33 1.56 -1.48
C ASP A 27 -0.36 2.08 -2.53
N PHE A 28 -0.74 1.97 -3.80
CA PHE A 28 0.10 2.42 -4.90
C PHE A 28 -0.47 3.68 -5.54
N TRP A 29 0.26 4.24 -6.49
CA TRP A 29 -0.18 5.46 -7.18
C TRP A 29 0.39 5.51 -8.60
N ALA A 30 1.63 5.08 -8.75
CA ALA A 30 2.29 5.09 -10.05
C ALA A 30 2.77 6.48 -10.42
N PRO A 31 4.06 6.59 -10.79
CA PRO A 31 4.66 7.87 -11.18
C PRO A 31 4.14 8.38 -12.51
N TRP A 32 3.49 7.49 -13.27
CA TRP A 32 2.94 7.85 -14.56
C TRP A 32 1.60 8.59 -14.40
N CYS A 33 0.97 8.89 -15.53
CA CYS A 33 -0.32 9.59 -15.52
C CYS A 33 -0.38 10.59 -14.37
N GLY A 34 0.77 11.17 -14.04
CA GLY A 34 0.82 12.14 -12.95
C GLY A 34 1.57 11.62 -11.74
N PRO A 35 2.87 11.94 -11.67
CA PRO A 35 3.73 11.51 -10.56
C PRO A 35 3.37 12.19 -9.25
N CYS A 36 2.15 11.97 -8.78
CA CYS A 36 1.69 12.57 -7.53
C CYS A 36 2.49 12.05 -6.34
N ARG A 37 3.25 12.95 -5.72
CA ARG A 37 4.07 12.59 -4.57
C ARG A 37 3.23 11.91 -3.50
N MET A 38 1.92 12.03 -3.62
CA MET A 38 1.00 11.41 -2.65
C MET A 38 -0.24 10.89 -3.34
N ILE A 39 -1.29 10.63 -2.56
CA ILE A 39 -2.55 10.13 -3.10
C ILE A 39 -3.55 9.85 -1.99
N ALA A 40 -4.79 9.57 -2.37
CA ALA A 40 -5.85 9.28 -1.41
C ALA A 40 -7.13 8.87 -2.12
N PRO A 41 -7.04 7.86 -2.99
CA PRO A 41 -8.19 7.36 -3.74
C PRO A 41 -9.18 6.62 -2.85
N ILE A 42 -10.13 5.92 -3.48
CA ILE A 42 -11.14 5.18 -2.75
C ILE A 42 -10.51 4.32 -1.66
N ILE A 43 -9.76 3.29 -2.08
CA ILE A 43 -9.10 2.41 -1.13
C ILE A 43 -8.65 3.16 0.11
N ASP A 44 -7.53 3.86 -0.01
CA ASP A 44 -6.98 4.63 1.10
C ASP A 44 -8.10 5.20 1.97
N GLU A 45 -8.92 6.07 1.39
CA GLU A 45 -10.02 6.68 2.11
C GLU A 45 -10.84 5.63 2.85
N LEU A 46 -11.04 4.49 2.21
CA LEU A 46 -11.80 3.39 2.81
C LEU A 46 -10.93 2.57 3.75
N ALA A 47 -9.62 2.76 3.65
CA ALA A 47 -8.68 2.04 4.51
C ALA A 47 -8.44 2.79 5.81
N LYS A 48 -8.74 4.09 5.81
CA LYS A 48 -8.56 4.92 6.99
C LYS A 48 -9.90 5.25 7.64
N GLU A 49 -10.98 5.00 6.91
CA GLU A 49 -12.32 5.27 7.41
C GLU A 49 -12.75 4.19 8.41
N TYR A 50 -11.94 3.15 8.54
CA TYR A 50 -12.23 2.05 9.45
C TYR A 50 -12.09 2.50 10.90
N ALA A 51 -11.73 3.77 11.09
CA ALA A 51 -11.56 4.32 12.43
C ALA A 51 -10.17 4.01 12.98
N GLY A 52 -9.30 3.50 12.12
CA GLY A 52 -7.95 3.17 12.54
C GLY A 52 -7.85 1.76 13.11
N LYS A 53 -8.89 0.96 12.90
CA LYS A 53 -8.92 -0.40 13.40
C LYS A 53 -7.74 -1.19 12.86
N ILE A 54 -7.07 -0.65 11.85
CA ILE A 54 -5.92 -1.31 11.24
C ILE A 54 -4.84 -0.29 10.87
N LYS A 55 -4.04 -0.62 9.87
CA LYS A 55 -2.96 0.25 9.41
C LYS A 55 -2.89 0.27 7.89
N CYS A 56 -2.69 1.47 7.33
CA CYS A 56 -2.60 1.62 5.88
C CYS A 56 -1.64 2.76 5.52
N TYR A 57 -1.15 2.75 4.29
CA TYR A 57 -0.23 3.77 3.82
C TYR A 57 0.14 3.55 2.36
N LYS A 58 0.91 4.47 1.80
CA LYS A 58 1.34 4.37 0.41
C LYS A 58 2.87 4.37 0.31
N LEU A 59 3.40 3.45 -0.48
CA LEU A 59 4.84 3.33 -0.66
C LEU A 59 5.38 4.51 -1.46
N ASN A 60 6.46 5.10 -0.96
CA ASN A 60 7.08 6.24 -1.64
C ASN A 60 8.29 5.79 -2.45
N THR A 61 8.66 6.60 -3.44
CA THR A 61 9.81 6.28 -4.30
C THR A 61 11.05 7.04 -3.84
N ASP A 62 11.26 8.22 -4.40
CA ASP A 62 12.42 9.04 -4.05
C ASP A 62 13.72 8.26 -4.26
N GLU A 63 13.62 7.14 -4.95
CA GLU A 63 14.79 6.31 -5.21
C GLU A 63 14.38 4.87 -5.56
N SER A 64 13.15 4.51 -5.19
CA SER A 64 12.63 3.18 -5.46
C SER A 64 13.73 2.13 -5.34
N PRO A 65 14.31 2.02 -4.12
CA PRO A 65 15.38 1.06 -3.85
C PRO A 65 14.89 -0.38 -3.86
N ASN A 66 14.32 -0.82 -2.74
CA ASN A 66 13.80 -2.18 -2.62
C ASN A 66 12.57 -2.37 -3.49
N THR A 67 11.73 -1.34 -3.55
CA THR A 67 10.51 -1.38 -4.34
C THR A 67 10.80 -1.86 -5.77
N ALA A 68 11.70 -1.15 -6.44
CA ALA A 68 12.07 -1.50 -7.81
C ALA A 68 12.69 -2.89 -7.88
N THR A 69 13.50 -3.22 -6.88
CA THR A 69 14.16 -4.52 -6.83
C THR A 69 13.13 -5.65 -6.82
N LYS A 70 11.90 -5.33 -6.44
CA LYS A 70 10.83 -6.32 -6.39
C LYS A 70 9.57 -5.79 -7.06
N TYR A 71 8.78 -5.04 -6.32
CA TYR A 71 7.54 -4.46 -6.84
C TYR A 71 7.82 -3.57 -8.04
N GLY A 72 8.34 -2.38 -7.78
CA GLY A 72 8.65 -1.44 -8.84
C GLY A 72 7.41 -0.76 -9.38
N ILE A 73 7.26 0.52 -9.06
CA ILE A 73 6.11 1.30 -9.52
C ILE A 73 6.39 1.94 -10.87
N ARG A 74 6.87 1.13 -11.82
CA ARG A 74 7.17 1.63 -13.15
C ARG A 74 6.17 2.70 -13.59
N SER A 75 4.95 2.26 -13.88
CA SER A 75 3.90 3.18 -14.31
C SER A 75 2.53 2.49 -14.25
N ILE A 76 2.07 2.20 -13.03
CA ILE A 76 0.79 1.56 -12.84
C ILE A 76 0.50 1.34 -11.36
N PRO A 77 -0.61 1.93 -10.87
CA PRO A 77 -1.02 1.81 -9.47
C PRO A 77 -1.50 0.40 -9.12
N THR A 78 -1.93 0.22 -7.88
CA THR A 78 -2.41 -1.07 -7.42
C THR A 78 -2.78 -1.03 -5.94
N VAL A 79 -3.31 -2.13 -5.44
CA VAL A 79 -3.71 -2.22 -4.03
C VAL A 79 -3.15 -3.48 -3.38
N LEU A 80 -2.08 -3.30 -2.61
CA LEU A 80 -1.45 -4.42 -1.92
C LEU A 80 -1.72 -4.37 -0.42
N PHE A 81 -1.72 -5.54 0.21
CA PHE A 81 -1.97 -5.62 1.65
C PHE A 81 -0.94 -6.53 2.32
N PHE A 82 -0.54 -6.17 3.54
CA PHE A 82 0.43 -6.94 4.30
C PHE A 82 0.12 -6.91 5.79
N LYS A 83 0.76 -7.80 6.54
CA LYS A 83 0.55 -7.88 7.98
C LYS A 83 1.84 -8.27 8.70
N ASN A 84 2.95 -8.26 7.96
CA ASN A 84 4.24 -8.61 8.53
C ASN A 84 5.30 -8.76 7.43
N GLY A 85 4.84 -9.07 6.22
CA GLY A 85 5.75 -9.23 5.10
C GLY A 85 5.53 -10.54 4.36
N GLU A 86 4.35 -11.15 4.58
CA GLU A 86 4.02 -12.41 3.92
C GLU A 86 3.32 -12.16 2.59
N LYS A 87 3.26 -10.89 2.18
CA LYS A 87 2.61 -10.51 0.93
C LYS A 87 1.16 -10.97 0.91
N LYS A 88 0.35 -10.36 1.78
CA LYS A 88 -1.06 -10.70 1.86
C LYS A 88 -1.66 -10.90 0.48
N ASP A 89 -1.64 -9.84 -0.33
CA ASP A 89 -2.18 -9.90 -1.68
C ASP A 89 -2.01 -8.57 -2.40
N SER A 90 -2.31 -8.55 -3.69
CA SER A 90 -2.19 -7.34 -4.49
C SER A 90 -3.18 -7.35 -5.65
N VAL A 91 -4.15 -6.44 -5.60
CA VAL A 91 -5.15 -6.34 -6.64
C VAL A 91 -4.82 -5.24 -7.64
N ILE A 92 -5.06 -5.50 -8.92
CA ILE A 92 -4.78 -4.53 -9.97
C ILE A 92 -5.95 -4.43 -10.95
N GLY A 93 -6.18 -3.21 -11.45
CA GLY A 93 -7.26 -3.00 -12.38
C GLY A 93 -8.61 -2.84 -11.69
N ALA A 94 -9.45 -3.86 -11.80
CA ALA A 94 -10.77 -3.83 -11.18
C ALA A 94 -11.51 -5.15 -11.39
N VAL A 95 -11.27 -6.10 -10.48
CA VAL A 95 -11.90 -7.41 -10.57
C VAL A 95 -11.66 -8.22 -9.30
N PRO A 96 -10.38 -8.50 -9.01
CA PRO A 96 -9.98 -9.26 -7.83
C PRO A 96 -10.21 -8.49 -6.53
N LYS A 97 -10.12 -7.17 -6.61
CA LYS A 97 -10.32 -6.31 -5.45
C LYS A 97 -11.32 -6.94 -4.48
N ALA A 98 -12.38 -7.51 -5.03
CA ALA A 98 -13.42 -8.14 -4.22
C ALA A 98 -12.84 -9.24 -3.34
N THR A 99 -12.12 -10.17 -3.96
CA THR A 99 -11.50 -11.28 -3.23
C THR A 99 -10.68 -10.76 -2.05
N LEU A 100 -10.08 -9.59 -2.22
CA LEU A 100 -9.27 -8.98 -1.17
C LEU A 100 -10.13 -8.58 0.02
N SER A 101 -11.34 -8.11 -0.26
CA SER A 101 -12.25 -7.68 0.80
C SER A 101 -12.58 -8.85 1.72
N GLU A 102 -12.95 -9.98 1.12
CA GLU A 102 -13.30 -11.17 1.90
C GLU A 102 -12.14 -11.60 2.78
N LYS A 103 -10.92 -11.47 2.27
CA LYS A 103 -9.73 -11.85 3.01
C LYS A 103 -9.42 -10.83 4.10
N VAL A 104 -10.00 -9.64 3.97
CA VAL A 104 -9.79 -8.58 4.95
C VAL A 104 -11.10 -8.18 5.62
N GLU A 105 -11.82 -7.26 5.00
CA GLU A 105 -13.10 -6.80 5.54
C GLU A 105 -13.95 -6.15 4.45
N LYS A 106 -13.35 -5.20 3.73
CA LYS A 106 -14.05 -4.50 2.66
C LYS A 106 -13.08 -4.04 1.59
N TYR A 107 -12.28 -3.03 1.91
CA TYR A 107 -11.29 -2.49 0.97
C TYR A 107 -11.85 -2.49 -0.45
N ILE A 108 -13.17 -2.39 -0.56
CA ILE A 108 -13.82 -2.39 -1.87
C ILE A 108 -12.95 -1.68 -2.91
N ALA A 1 1.97 18.22 9.83
CA ALA A 1 1.13 17.12 10.30
C ALA A 1 0.86 16.11 9.19
N VAL A 2 0.65 14.86 9.57
CA VAL A 2 0.37 13.81 8.60
C VAL A 2 -1.08 13.33 8.70
N ASN A 3 -1.46 12.43 7.81
CA ASN A 3 -2.82 11.89 7.80
C ASN A 3 -2.88 10.54 8.53
N GLU A 4 -2.60 9.48 7.79
CA GLU A 4 -2.62 8.14 8.36
C GLU A 4 -1.19 7.61 8.57
N VAL A 5 -0.71 6.83 7.61
CA VAL A 5 0.63 6.27 7.67
C VAL A 5 1.17 5.95 6.29
N GLN A 6 2.38 6.42 6.01
CA GLN A 6 3.01 6.19 4.72
C GLN A 6 4.48 5.81 4.88
N VAL A 7 5.10 5.38 3.80
CA VAL A 7 6.51 4.98 3.82
C VAL A 7 7.42 6.20 3.61
N VAL A 8 8.72 5.97 3.72
CA VAL A 8 9.70 7.04 3.55
C VAL A 8 10.82 6.61 2.62
N ASN A 9 11.22 5.35 2.73
CA ASN A 9 12.29 4.81 1.90
C ASN A 9 12.66 3.39 2.34
N ASP A 10 13.77 2.88 1.82
CA ASP A 10 14.23 1.54 2.15
C ASP A 10 13.90 1.21 3.60
N SER A 11 14.30 2.07 4.52
CA SER A 11 14.06 1.87 5.94
C SER A 11 12.72 1.17 6.16
N SER A 12 11.68 1.66 5.48
CA SER A 12 10.35 1.08 5.61
C SER A 12 10.39 -0.43 5.44
N TRP A 13 10.71 -0.87 4.22
CA TRP A 13 10.78 -2.29 3.92
C TRP A 13 11.84 -2.98 4.78
N ASP A 14 12.62 -2.17 5.49
CA ASP A 14 13.68 -2.70 6.36
C ASP A 14 13.08 -3.46 7.54
N GLU A 15 12.32 -2.75 8.37
CA GLU A 15 11.70 -3.35 9.54
C GLU A 15 10.33 -2.74 9.80
N LEU A 16 9.85 -1.95 8.85
CA LEU A 16 8.56 -1.29 8.99
C LEU A 16 7.43 -2.18 8.45
N VAL A 17 7.41 -2.36 7.14
CA VAL A 17 6.39 -3.19 6.51
C VAL A 17 6.67 -4.68 6.73
N ILE A 18 7.83 -4.96 7.32
CA ILE A 18 8.22 -6.34 7.60
C ILE A 18 8.77 -6.48 9.00
N GLY A 19 8.61 -5.44 9.81
CA GLY A 19 9.10 -5.47 11.18
C GLY A 19 8.25 -4.62 12.11
N SER A 20 7.10 -4.16 11.61
CA SER A 20 6.21 -3.33 12.41
C SER A 20 4.88 -4.03 12.65
N GLU A 21 4.08 -3.50 13.55
CA GLU A 21 2.78 -4.08 13.88
C GLU A 21 1.87 -4.08 12.65
N THR A 22 1.74 -5.24 12.02
CA THR A 22 0.90 -5.37 10.83
C THR A 22 1.36 -4.43 9.73
N PRO A 23 1.70 -5.00 8.56
CA PRO A 23 2.16 -4.23 7.41
C PRO A 23 1.03 -3.40 6.78
N VAL A 24 -0.19 -3.92 6.84
CA VAL A 24 -1.35 -3.23 6.28
C VAL A 24 -1.24 -3.14 4.77
N LEU A 25 -2.29 -2.61 4.15
CA LEU A 25 -2.32 -2.44 2.69
C LEU A 25 -1.67 -1.13 2.27
N VAL A 26 -0.75 -1.22 1.32
CA VAL A 26 -0.06 -0.03 0.82
C VAL A 26 -0.47 0.28 -0.61
N ASP A 27 -0.51 1.57 -0.94
CA ASP A 27 -0.88 2.01 -2.28
C ASP A 27 0.32 1.97 -3.22
N PHE A 28 0.19 1.19 -4.29
CA PHE A 28 1.27 1.07 -5.27
C PHE A 28 1.11 2.10 -6.38
N TRP A 29 1.87 3.18 -6.29
CA TRP A 29 1.82 4.25 -7.28
C TRP A 29 2.75 3.94 -8.46
N ALA A 30 2.85 4.88 -9.39
CA ALA A 30 3.72 4.71 -10.55
C ALA A 30 4.19 6.05 -11.08
N PRO A 31 5.50 6.14 -11.37
CA PRO A 31 6.11 7.38 -11.88
C PRO A 31 5.68 7.68 -13.31
N TRP A 32 5.02 6.71 -13.95
CA TRP A 32 4.56 6.87 -15.32
C TRP A 32 4.07 8.29 -15.57
N CYS A 33 2.93 8.62 -15.00
CA CYS A 33 2.35 9.96 -15.16
C CYS A 33 2.89 10.92 -14.10
N GLY A 34 3.38 12.07 -14.55
CA GLY A 34 3.92 13.05 -13.63
C GLY A 34 3.19 13.08 -12.31
N PRO A 35 2.01 13.72 -12.29
CA PRO A 35 1.18 13.83 -11.08
C PRO A 35 0.58 12.49 -10.67
N CYS A 36 1.44 11.53 -10.36
CA CYS A 36 0.97 10.20 -9.96
C CYS A 36 1.82 9.67 -8.80
N ARG A 37 2.73 10.50 -8.30
CA ARG A 37 3.60 10.11 -7.20
C ARG A 37 2.82 9.36 -6.13
N MET A 38 2.36 10.08 -5.12
CA MET A 38 1.60 9.49 -4.03
C MET A 38 0.12 9.40 -4.39
N ILE A 39 -0.65 8.72 -3.54
CA ILE A 39 -2.08 8.56 -3.77
C ILE A 39 -2.79 8.07 -2.51
N ALA A 40 -4.11 8.11 -2.53
CA ALA A 40 -4.91 7.67 -1.39
C ALA A 40 -6.40 7.69 -1.72
N PRO A 41 -6.77 7.02 -2.83
CA PRO A 41 -8.16 6.95 -3.27
C PRO A 41 -9.03 6.10 -2.35
N ILE A 42 -10.20 5.70 -2.84
CA ILE A 42 -11.12 4.89 -2.06
C ILE A 42 -10.39 3.70 -1.43
N ILE A 43 -9.40 3.17 -2.15
CA ILE A 43 -8.63 2.04 -1.65
C ILE A 43 -8.15 2.27 -0.23
N ASP A 44 -7.61 3.45 0.03
CA ASP A 44 -7.11 3.80 1.35
C ASP A 44 -8.27 4.05 2.31
N GLU A 45 -9.18 4.92 1.91
CA GLU A 45 -10.34 5.24 2.74
C GLU A 45 -10.90 3.99 3.42
N LEU A 46 -11.01 2.91 2.66
CA LEU A 46 -11.52 1.66 3.19
C LEU A 46 -10.43 0.88 3.91
N ALA A 47 -9.17 1.17 3.56
CA ALA A 47 -8.03 0.50 4.18
C ALA A 47 -7.89 0.91 5.64
N LYS A 48 -8.55 2.01 6.02
CA LYS A 48 -8.49 2.50 7.39
C LYS A 48 -9.88 2.83 7.91
N GLU A 49 -10.89 2.64 7.05
CA GLU A 49 -12.27 2.91 7.42
C GLU A 49 -12.61 2.27 8.77
N TYR A 50 -11.98 1.14 9.06
CA TYR A 50 -12.23 0.43 10.30
C TYR A 50 -11.59 1.16 11.48
N ALA A 51 -10.48 1.85 11.21
CA ALA A 51 -9.79 2.60 12.25
C ALA A 51 -9.48 1.73 13.46
N GLY A 52 -8.33 1.08 13.44
CA GLY A 52 -7.94 0.22 14.54
C GLY A 52 -7.54 -1.17 14.07
N LYS A 53 -7.95 -1.52 12.86
CA LYS A 53 -7.63 -2.83 12.30
C LYS A 53 -6.54 -2.72 11.24
N ILE A 54 -6.38 -1.52 10.68
CA ILE A 54 -5.38 -1.28 9.67
C ILE A 54 -5.13 0.21 9.47
N LYS A 55 -4.32 0.55 8.47
CA LYS A 55 -4.01 1.95 8.18
C LYS A 55 -3.44 2.09 6.77
N CYS A 56 -4.25 2.60 5.86
CA CYS A 56 -3.83 2.79 4.47
C CYS A 56 -2.36 3.16 4.40
N TYR A 57 -1.71 2.81 3.30
CA TYR A 57 -0.30 3.10 3.11
C TYR A 57 -0.01 3.53 1.67
N LYS A 58 1.23 3.92 1.42
CA LYS A 58 1.64 4.36 0.08
C LYS A 58 3.15 4.33 -0.07
N LEU A 59 3.63 3.70 -1.13
CA LEU A 59 5.06 3.61 -1.39
C LEU A 59 5.74 4.97 -1.20
N ASN A 60 7.07 4.97 -1.29
CA ASN A 60 7.84 6.20 -1.12
C ASN A 60 8.01 6.91 -2.46
N THR A 61 8.92 7.88 -2.49
CA THR A 61 9.18 8.64 -3.70
C THR A 61 10.65 9.00 -3.83
N ASP A 62 11.47 8.42 -2.95
CA ASP A 62 12.91 8.69 -2.96
C ASP A 62 13.64 7.65 -3.81
N GLU A 63 13.09 7.38 -4.99
CA GLU A 63 13.70 6.40 -5.90
C GLU A 63 13.29 4.98 -5.52
N SER A 64 12.68 4.84 -4.34
CA SER A 64 12.24 3.53 -3.87
C SER A 64 13.22 2.44 -4.29
N PRO A 65 14.42 2.44 -3.69
CA PRO A 65 15.46 1.46 -3.99
C PRO A 65 15.10 0.07 -3.49
N ASN A 66 14.47 0.00 -2.33
CA ASN A 66 14.07 -1.28 -1.75
C ASN A 66 12.94 -1.91 -2.55
N THR A 67 12.10 -1.07 -3.14
CA THR A 67 10.97 -1.55 -3.93
C THR A 67 11.42 -2.00 -5.31
N ALA A 68 12.47 -1.35 -5.83
CA ALA A 68 13.00 -1.69 -7.14
C ALA A 68 13.63 -3.08 -7.14
N THR A 69 14.29 -3.42 -6.04
CA THR A 69 14.94 -4.72 -5.91
C THR A 69 13.95 -5.78 -5.43
N LYS A 70 12.87 -5.33 -4.82
CA LYS A 70 11.84 -6.23 -4.31
C LYS A 70 10.67 -6.32 -5.28
N TYR A 71 9.88 -5.25 -5.33
CA TYR A 71 8.72 -5.21 -6.22
C TYR A 71 9.11 -4.73 -7.61
N GLY A 72 9.32 -3.42 -7.74
CA GLY A 72 9.70 -2.85 -9.02
C GLY A 72 8.58 -2.04 -9.65
N ILE A 73 8.70 -0.72 -9.57
CA ILE A 73 7.69 0.17 -10.13
C ILE A 73 8.15 0.75 -11.47
N ARG A 74 7.35 0.55 -12.51
CA ARG A 74 7.68 1.05 -13.83
C ARG A 74 6.63 2.04 -14.31
N SER A 75 5.61 1.53 -15.01
CA SER A 75 4.54 2.37 -15.52
C SER A 75 3.18 1.78 -15.17
N ILE A 76 3.07 1.25 -13.96
CA ILE A 76 1.82 0.67 -13.49
C ILE A 76 1.75 0.66 -11.96
N PRO A 77 0.91 1.54 -11.41
CA PRO A 77 0.73 1.66 -9.96
C PRO A 77 0.01 0.45 -9.37
N THR A 78 -1.32 0.54 -9.28
CA THR A 78 -2.13 -0.53 -8.73
C THR A 78 -2.10 -0.52 -7.21
N VAL A 79 -2.89 -1.40 -6.61
CA VAL A 79 -2.97 -1.50 -5.15
C VAL A 79 -2.54 -2.87 -4.67
N LEU A 80 -1.93 -2.92 -3.49
CA LEU A 80 -1.48 -4.18 -2.91
C LEU A 80 -1.74 -4.22 -1.41
N PHE A 81 -2.27 -5.35 -0.94
CA PHE A 81 -2.57 -5.52 0.48
C PHE A 81 -1.53 -6.39 1.16
N PHE A 82 -0.98 -5.91 2.27
CA PHE A 82 0.03 -6.65 3.01
C PHE A 82 -0.43 -6.90 4.45
N LYS A 83 -0.35 -8.16 4.88
CA LYS A 83 -0.76 -8.54 6.23
C LYS A 83 0.11 -9.68 6.75
N ASN A 84 0.30 -9.72 8.07
CA ASN A 84 1.10 -10.77 8.69
C ASN A 84 2.59 -10.45 8.59
N GLY A 85 2.94 -9.59 7.64
CA GLY A 85 4.33 -9.21 7.45
C GLY A 85 4.79 -9.38 6.02
N GLU A 86 3.84 -9.64 5.12
CA GLU A 86 4.15 -9.82 3.71
C GLU A 86 2.95 -9.46 2.84
N LYS A 87 2.98 -9.93 1.60
CA LYS A 87 1.89 -9.66 0.66
C LYS A 87 0.69 -10.54 0.95
N LYS A 88 -0.49 -10.10 0.52
CA LYS A 88 -1.72 -10.85 0.73
C LYS A 88 -2.55 -10.90 -0.55
N ASP A 89 -2.57 -9.78 -1.27
CA ASP A 89 -3.32 -9.69 -2.52
C ASP A 89 -3.05 -8.38 -3.23
N SER A 90 -3.53 -8.26 -4.47
CA SER A 90 -3.34 -7.05 -5.26
C SER A 90 -4.41 -6.91 -6.32
N VAL A 91 -4.59 -5.70 -6.84
CA VAL A 91 -5.58 -5.43 -7.86
C VAL A 91 -5.26 -4.15 -8.63
N ILE A 92 -5.75 -4.07 -9.86
CA ILE A 92 -5.51 -2.89 -10.69
C ILE A 92 -6.83 -2.20 -11.04
N GLY A 93 -6.72 -1.05 -11.71
CA GLY A 93 -7.90 -0.31 -12.10
C GLY A 93 -9.05 -1.21 -12.50
N ALA A 94 -10.00 -1.42 -11.59
CA ALA A 94 -11.14 -2.27 -11.86
C ALA A 94 -11.82 -2.70 -10.57
N VAL A 95 -12.76 -1.90 -10.10
CA VAL A 95 -13.49 -2.21 -8.86
C VAL A 95 -12.65 -3.09 -7.94
N PRO A 96 -11.47 -2.58 -7.56
CA PRO A 96 -10.55 -3.30 -6.67
C PRO A 96 -11.08 -3.41 -5.24
N LYS A 97 -11.80 -2.38 -4.81
CA LYS A 97 -12.37 -2.35 -3.47
C LYS A 97 -13.22 -3.60 -3.22
N ALA A 98 -13.63 -4.26 -4.29
CA ALA A 98 -14.44 -5.46 -4.18
C ALA A 98 -13.59 -6.67 -3.83
N THR A 99 -12.58 -6.94 -4.65
CA THR A 99 -11.69 -8.07 -4.43
C THR A 99 -11.07 -8.01 -3.04
N LEU A 100 -10.80 -6.79 -2.56
CA LEU A 100 -10.20 -6.61 -1.25
C LEU A 100 -11.21 -6.91 -0.15
N SER A 101 -12.15 -5.98 0.06
CA SER A 101 -13.17 -6.14 1.08
C SER A 101 -13.84 -7.51 0.98
N GLU A 102 -14.35 -7.82 -0.21
CA GLU A 102 -15.02 -9.10 -0.44
C GLU A 102 -14.14 -10.26 0.01
N LYS A 103 -12.85 -10.16 -0.26
CA LYS A 103 -11.90 -11.19 0.13
C LYS A 103 -11.17 -10.82 1.41
N VAL A 104 -11.64 -9.76 2.07
CA VAL A 104 -11.03 -9.30 3.31
C VAL A 104 -12.09 -9.07 4.38
N GLU A 105 -12.71 -7.90 4.35
CA GLU A 105 -13.75 -7.56 5.32
C GLU A 105 -13.12 -7.08 6.63
N LYS A 106 -12.18 -7.86 7.13
CA LYS A 106 -11.50 -7.52 8.38
C LYS A 106 -10.07 -8.05 8.38
N TYR A 107 -9.60 -8.50 7.22
CA TYR A 107 -8.25 -9.02 7.09
C TYR A 107 -8.00 -10.13 8.12
N ILE A 108 -9.08 -10.73 8.60
CA ILE A 108 -8.96 -11.80 9.59
C ILE A 108 -8.85 -13.16 8.92
N ALA A 1 -0.36 12.58 12.79
CA ALA A 1 0.58 13.08 13.78
C ALA A 1 1.24 11.94 14.55
N VAL A 2 2.47 12.15 14.97
CA VAL A 2 3.21 11.12 15.71
C VAL A 2 2.91 9.73 15.18
N ASN A 3 3.52 9.38 14.05
CA ASN A 3 3.32 8.08 13.44
C ASN A 3 4.47 7.73 12.49
N GLU A 4 4.17 6.92 11.49
CA GLU A 4 5.18 6.51 10.51
C GLU A 4 4.57 6.44 9.11
N VAL A 5 3.33 6.88 8.98
CA VAL A 5 2.63 6.86 7.70
C VAL A 5 3.48 7.52 6.62
N GLN A 6 3.13 7.26 5.36
CA GLN A 6 3.86 7.84 4.23
C GLN A 6 5.26 7.24 4.13
N VAL A 7 5.52 6.51 3.06
CA VAL A 7 6.82 5.90 2.85
C VAL A 7 7.90 6.95 2.64
N VAL A 8 9.15 6.57 2.86
CA VAL A 8 10.27 7.49 2.69
C VAL A 8 11.40 6.83 1.89
N ASN A 9 11.56 5.52 2.06
CA ASN A 9 12.59 4.78 1.35
C ASN A 9 12.69 3.35 1.87
N ASP A 10 13.75 2.65 1.48
CA ASP A 10 13.96 1.27 1.91
C ASP A 10 13.35 1.04 3.29
N SER A 11 13.63 1.94 4.22
CA SER A 11 13.11 1.82 5.58
C SER A 11 11.72 1.20 5.59
N SER A 12 10.81 1.79 4.82
CA SER A 12 9.44 1.29 4.74
C SER A 12 9.43 -0.21 4.49
N TRP A 13 9.95 -0.63 3.33
CA TRP A 13 10.00 -2.04 2.97
C TRP A 13 10.96 -2.80 3.89
N ASP A 14 11.67 -2.06 4.73
CA ASP A 14 12.62 -2.67 5.66
C ASP A 14 11.89 -3.51 6.71
N GLU A 15 11.18 -2.83 7.61
CA GLU A 15 10.43 -3.51 8.66
C GLU A 15 9.17 -2.73 9.04
N LEU A 16 8.85 -1.73 8.23
CA LEU A 16 7.66 -0.91 8.47
C LEU A 16 6.49 -1.38 7.62
N VAL A 17 6.80 -1.91 6.44
CA VAL A 17 5.76 -2.40 5.53
C VAL A 17 5.54 -3.89 5.72
N ILE A 18 6.51 -4.56 6.32
CA ILE A 18 6.42 -6.00 6.57
C ILE A 18 7.12 -6.38 7.86
N GLY A 19 7.50 -5.39 8.64
CA GLY A 19 8.17 -5.63 9.90
C GLY A 19 7.41 -5.07 11.10
N SER A 20 6.45 -4.21 10.82
CA SER A 20 5.65 -3.59 11.88
C SER A 20 4.64 -4.58 12.44
N GLU A 21 3.72 -4.08 13.25
CA GLU A 21 2.70 -4.93 13.87
C GLU A 21 2.28 -6.04 12.92
N THR A 22 1.55 -5.68 11.87
CA THR A 22 1.08 -6.65 10.89
C THR A 22 0.22 -5.99 9.81
N PRO A 23 -0.87 -5.36 10.24
CA PRO A 23 -1.80 -4.67 9.35
C PRO A 23 -1.20 -3.41 8.75
N VAL A 24 -0.84 -3.47 7.47
CA VAL A 24 -0.25 -2.33 6.79
C VAL A 24 -0.72 -2.27 5.33
N LEU A 25 -1.43 -1.21 4.99
CA LEU A 25 -1.93 -1.02 3.63
C LEU A 25 -0.98 -0.15 2.81
N VAL A 26 -0.57 -0.65 1.66
CA VAL A 26 0.33 0.09 0.78
C VAL A 26 -0.39 0.57 -0.46
N ASP A 27 0.08 1.69 -1.02
CA ASP A 27 -0.53 2.26 -2.22
C ASP A 27 0.49 2.33 -3.36
N PHE A 28 0.02 2.14 -4.58
CA PHE A 28 0.88 2.18 -5.76
C PHE A 28 0.57 3.40 -6.62
N TRP A 29 1.46 3.70 -7.55
CA TRP A 29 1.28 4.84 -8.44
C TRP A 29 2.27 4.78 -9.60
N ALA A 30 2.29 5.83 -10.41
CA ALA A 30 3.19 5.91 -11.56
C ALA A 30 3.80 7.30 -11.69
N PRO A 31 5.13 7.35 -11.83
CA PRO A 31 5.86 8.61 -11.98
C PRO A 31 5.60 9.29 -13.31
N TRP A 32 4.71 8.70 -14.11
CA TRP A 32 4.36 9.25 -15.41
C TRP A 32 4.18 10.76 -15.33
N CYS A 33 2.94 11.20 -15.11
CA CYS A 33 2.65 12.62 -15.01
C CYS A 33 3.60 13.32 -14.04
N GLY A 34 4.07 14.50 -14.43
CA GLY A 34 4.98 15.25 -13.59
C GLY A 34 4.60 15.20 -12.13
N PRO A 35 3.39 15.69 -11.82
CA PRO A 35 2.88 15.72 -10.44
C PRO A 35 2.55 14.32 -9.92
N CYS A 36 2.58 13.33 -10.81
CA CYS A 36 2.29 11.95 -10.45
C CYS A 36 0.90 11.84 -9.82
N ARG A 37 0.35 10.63 -9.85
CA ARG A 37 -0.97 10.39 -9.29
C ARG A 37 -0.90 10.13 -7.79
N MET A 38 0.32 10.16 -7.25
CA MET A 38 0.53 9.93 -5.83
C MET A 38 -0.49 8.93 -5.28
N ILE A 39 -1.59 9.45 -4.75
CA ILE A 39 -2.63 8.60 -4.20
C ILE A 39 -4.00 8.96 -4.77
N ALA A 40 -5.06 8.62 -4.04
CA ALA A 40 -6.42 8.92 -4.48
C ALA A 40 -7.44 8.49 -3.43
N PRO A 41 -8.68 8.99 -3.56
CA PRO A 41 -9.76 8.68 -2.63
C PRO A 41 -10.23 7.23 -2.76
N ILE A 42 -9.75 6.55 -3.79
CA ILE A 42 -10.12 5.16 -4.02
C ILE A 42 -9.54 4.25 -2.95
N ILE A 43 -8.23 4.34 -2.74
CA ILE A 43 -7.56 3.54 -1.74
C ILE A 43 -7.94 3.97 -0.32
N ASP A 44 -8.16 5.27 -0.15
CA ASP A 44 -8.54 5.82 1.14
C ASP A 44 -9.88 5.25 1.60
N GLU A 45 -10.93 5.50 0.82
CA GLU A 45 -12.27 5.02 1.14
C GLU A 45 -12.23 3.53 1.48
N LEU A 46 -11.58 2.74 0.63
CA LEU A 46 -11.48 1.30 0.84
C LEU A 46 -10.50 0.99 1.96
N ALA A 47 -9.80 2.01 2.44
CA ALA A 47 -8.83 1.83 3.51
C ALA A 47 -9.48 2.04 4.87
N LYS A 48 -10.65 2.65 4.88
CA LYS A 48 -11.38 2.90 6.12
C LYS A 48 -12.85 2.50 5.97
N GLU A 49 -13.22 2.05 4.78
CA GLU A 49 -14.60 1.63 4.52
C GLU A 49 -15.14 0.79 5.66
N TYR A 50 -14.28 -0.01 6.26
CA TYR A 50 -14.66 -0.87 7.37
C TYR A 50 -14.45 -0.16 8.71
N ALA A 51 -13.62 0.87 8.70
CA ALA A 51 -13.34 1.64 9.91
C ALA A 51 -12.29 2.72 9.65
N GLY A 52 -11.02 2.32 9.69
CA GLY A 52 -9.94 3.26 9.45
C GLY A 52 -8.79 3.08 10.43
N LYS A 53 -8.98 2.21 11.40
CA LYS A 53 -7.95 1.95 12.41
C LYS A 53 -6.67 1.42 11.75
N ILE A 54 -6.80 0.97 10.50
CA ILE A 54 -5.65 0.45 9.76
C ILE A 54 -4.90 1.57 9.05
N LYS A 55 -3.58 1.46 9.01
CA LYS A 55 -2.75 2.46 8.35
C LYS A 55 -3.06 2.52 6.85
N CYS A 56 -2.43 3.47 6.17
CA CYS A 56 -2.64 3.64 4.73
C CYS A 56 -1.68 4.67 4.16
N TYR A 57 -0.89 4.25 3.18
CA TYR A 57 0.08 5.14 2.55
C TYR A 57 0.63 4.52 1.26
N LYS A 58 1.45 5.28 0.55
CA LYS A 58 2.05 4.82 -0.69
C LYS A 58 3.57 4.75 -0.58
N LEU A 59 4.18 3.93 -1.43
CA LEU A 59 5.63 3.77 -1.42
C LEU A 59 6.29 4.81 -2.32
N ASN A 60 7.42 5.34 -1.87
CA ASN A 60 8.15 6.35 -2.64
C ASN A 60 9.45 5.77 -3.20
N THR A 61 10.13 6.56 -4.03
CA THR A 61 11.39 6.12 -4.63
C THR A 61 12.59 6.77 -3.93
N ASP A 62 12.94 7.96 -4.38
CA ASP A 62 14.07 8.69 -3.81
C ASP A 62 15.28 7.78 -3.64
N GLU A 63 15.27 6.66 -4.36
CA GLU A 63 16.38 5.71 -4.29
C GLU A 63 15.92 4.32 -4.74
N SER A 64 14.62 4.05 -4.57
CA SER A 64 14.05 2.76 -4.96
C SER A 64 15.00 1.62 -4.57
N PRO A 65 15.41 1.60 -3.29
CA PRO A 65 16.31 0.57 -2.76
C PRO A 65 15.64 -0.80 -2.69
N ASN A 66 14.88 -1.02 -1.61
CA ASN A 66 14.19 -2.29 -1.41
C ASN A 66 12.91 -2.34 -2.22
N THR A 67 12.37 -1.16 -2.55
CA THR A 67 11.14 -1.08 -3.33
C THR A 67 11.34 -1.62 -4.73
N ALA A 68 12.45 -1.24 -5.36
CA ALA A 68 12.76 -1.70 -6.71
C ALA A 68 13.27 -3.13 -6.70
N THR A 69 14.02 -3.48 -5.66
CA THR A 69 14.58 -4.83 -5.53
C THR A 69 13.53 -5.80 -5.01
N LYS A 70 12.40 -5.27 -4.56
CA LYS A 70 11.32 -6.09 -4.03
C LYS A 70 10.12 -6.08 -4.97
N TYR A 71 9.88 -4.94 -5.61
CA TYR A 71 8.76 -4.79 -6.53
C TYR A 71 9.16 -3.96 -7.74
N GLY A 72 9.28 -2.66 -7.54
CA GLY A 72 9.66 -1.77 -8.63
C GLY A 72 8.46 -1.21 -9.37
N ILE A 73 7.90 -0.11 -8.85
CA ILE A 73 6.74 0.51 -9.48
C ILE A 73 6.93 0.64 -10.99
N ARG A 74 6.40 -0.33 -11.72
CA ARG A 74 6.50 -0.34 -13.17
C ARG A 74 5.53 0.67 -13.78
N SER A 75 5.54 1.90 -13.26
CA SER A 75 4.66 2.94 -13.75
C SER A 75 3.21 2.45 -13.81
N ILE A 76 2.48 2.63 -12.72
CA ILE A 76 1.09 2.21 -12.65
C ILE A 76 0.63 2.04 -11.20
N PRO A 77 -0.46 2.72 -10.84
CA PRO A 77 -1.02 2.66 -9.49
C PRO A 77 -1.66 1.31 -9.18
N THR A 78 -1.72 0.97 -7.90
CA THR A 78 -2.30 -0.29 -7.47
C THR A 78 -2.53 -0.31 -5.96
N VAL A 79 -3.25 -1.32 -5.49
CA VAL A 79 -3.54 -1.46 -4.07
C VAL A 79 -3.06 -2.80 -3.54
N LEU A 80 -2.05 -2.76 -2.67
CA LEU A 80 -1.50 -3.98 -2.09
C LEU A 80 -1.64 -3.96 -0.57
N PHE A 81 -2.05 -5.10 -0.01
CA PHE A 81 -2.21 -5.22 1.43
C PHE A 81 -1.39 -6.38 1.98
N PHE A 82 -0.59 -6.09 3.00
CA PHE A 82 0.25 -7.10 3.62
C PHE A 82 -0.08 -7.27 5.10
N LYS A 83 -0.21 -8.51 5.54
CA LYS A 83 -0.54 -8.80 6.93
C LYS A 83 0.29 -9.97 7.45
N ASN A 84 1.16 -9.70 8.41
CA ASN A 84 2.02 -10.73 8.99
C ASN A 84 3.03 -11.25 7.96
N GLY A 85 3.35 -10.41 6.99
CA GLY A 85 4.30 -10.79 5.96
C GLY A 85 3.79 -11.93 5.10
N GLU A 86 2.70 -11.71 4.39
CA GLU A 86 2.11 -12.72 3.53
C GLU A 86 1.47 -12.10 2.30
N LYS A 87 1.84 -10.85 2.02
CA LYS A 87 1.30 -10.14 0.87
C LYS A 87 -0.14 -10.54 0.60
N LYS A 88 -1.04 -10.06 1.45
CA LYS A 88 -2.46 -10.35 1.31
C LYS A 88 -2.86 -10.45 -0.17
N ASP A 89 -2.87 -9.30 -0.84
CA ASP A 89 -3.23 -9.25 -2.25
C ASP A 89 -2.72 -7.96 -2.90
N SER A 90 -2.90 -7.86 -4.21
CA SER A 90 -2.45 -6.68 -4.95
C SER A 90 -3.12 -6.61 -6.32
N VAL A 91 -3.82 -5.51 -6.57
CA VAL A 91 -4.51 -5.32 -7.84
C VAL A 91 -4.86 -3.85 -8.06
N ILE A 92 -5.42 -3.55 -9.22
CA ILE A 92 -5.80 -2.18 -9.55
C ILE A 92 -7.11 -2.15 -10.32
N GLY A 93 -7.93 -1.13 -10.06
CA GLY A 93 -9.20 -1.00 -10.75
C GLY A 93 -10.38 -1.07 -9.79
N ALA A 94 -10.12 -1.56 -8.58
CA ALA A 94 -11.17 -1.68 -7.57
C ALA A 94 -12.11 -2.83 -7.89
N VAL A 95 -11.90 -3.46 -9.05
CA VAL A 95 -12.74 -4.58 -9.46
C VAL A 95 -12.49 -5.81 -8.59
N PRO A 96 -11.23 -6.28 -8.56
CA PRO A 96 -10.85 -7.44 -7.77
C PRO A 96 -10.89 -7.17 -6.27
N LYS A 97 -10.58 -5.94 -5.89
CA LYS A 97 -10.58 -5.54 -4.49
C LYS A 97 -11.79 -6.13 -3.76
N ALA A 98 -12.83 -6.44 -4.51
CA ALA A 98 -14.05 -7.01 -3.94
C ALA A 98 -13.81 -8.45 -3.49
N THR A 99 -13.18 -9.24 -4.35
CA THR A 99 -12.90 -10.64 -4.03
C THR A 99 -12.00 -10.75 -2.81
N LEU A 100 -11.03 -9.84 -2.71
CA LEU A 100 -10.10 -9.85 -1.58
C LEU A 100 -10.71 -9.18 -0.36
N SER A 101 -11.52 -8.15 -0.60
CA SER A 101 -12.18 -7.42 0.48
C SER A 101 -13.29 -8.26 1.10
N GLU A 102 -13.94 -9.08 0.28
CA GLU A 102 -15.03 -9.93 0.73
C GLU A 102 -14.49 -11.16 1.44
N LYS A 103 -13.32 -11.62 1.00
CA LYS A 103 -12.69 -12.80 1.59
C LYS A 103 -11.90 -12.43 2.85
N VAL A 104 -11.34 -11.23 2.85
CA VAL A 104 -10.56 -10.75 4.00
C VAL A 104 -11.48 -10.29 5.12
N GLU A 105 -12.59 -9.65 4.76
CA GLU A 105 -13.55 -9.16 5.73
C GLU A 105 -13.02 -7.91 6.43
N LYS A 106 -11.88 -8.04 7.09
CA LYS A 106 -11.26 -6.92 7.80
C LYS A 106 -9.74 -7.01 7.73
N TYR A 107 -9.24 -7.92 6.90
CA TYR A 107 -7.80 -8.11 6.76
C TYR A 107 -7.14 -8.39 8.10
N ILE A 108 -7.95 -8.84 9.07
CA ILE A 108 -7.45 -9.15 10.40
C ILE A 108 -6.30 -10.16 10.33
N ALA A 1 -3.65 10.62 17.17
CA ALA A 1 -2.33 10.82 16.59
C ALA A 1 -1.76 9.52 16.05
N VAL A 2 -1.48 9.49 14.75
CA VAL A 2 -0.93 8.29 14.12
C VAL A 2 0.58 8.25 14.23
N ASN A 3 1.20 7.33 13.51
CA ASN A 3 2.65 7.19 13.54
C ASN A 3 3.30 7.96 12.38
N GLU A 4 3.04 7.52 11.17
CA GLU A 4 3.59 8.17 9.98
C GLU A 4 3.08 7.51 8.71
N VAL A 5 2.50 8.31 7.82
CA VAL A 5 1.97 7.80 6.56
C VAL A 5 3.05 7.78 5.47
N GLN A 6 2.70 7.24 4.31
CA GLN A 6 3.64 7.16 3.20
C GLN A 6 4.88 6.36 3.58
N VAL A 7 5.46 5.68 2.61
CA VAL A 7 6.66 4.88 2.85
C VAL A 7 7.88 5.76 3.06
N VAL A 8 8.29 5.90 4.31
CA VAL A 8 9.45 6.71 4.66
C VAL A 8 10.53 6.62 3.59
N ASN A 9 11.17 5.45 3.50
CA ASN A 9 12.22 5.23 2.52
C ASN A 9 13.09 4.04 2.92
N ASP A 10 12.94 2.93 2.21
CA ASP A 10 13.71 1.72 2.48
C ASP A 10 13.19 1.01 3.73
N SER A 11 13.18 1.73 4.85
CA SER A 11 12.71 1.16 6.10
C SER A 11 11.43 0.36 5.89
N SER A 12 10.59 0.82 4.97
CA SER A 12 9.33 0.15 4.67
C SER A 12 9.56 -1.33 4.41
N TRP A 13 10.15 -1.65 3.27
CA TRP A 13 10.42 -3.03 2.90
C TRP A 13 11.53 -3.61 3.77
N ASP A 14 12.08 -2.79 4.65
CA ASP A 14 13.14 -3.23 5.55
C ASP A 14 12.62 -4.25 6.55
N GLU A 15 11.76 -3.79 7.47
CA GLU A 15 11.18 -4.66 8.49
C GLU A 15 9.75 -4.25 8.81
N LEU A 16 9.21 -3.35 8.00
CA LEU A 16 7.85 -2.87 8.20
C LEU A 16 6.85 -3.67 7.37
N VAL A 17 6.91 -3.50 6.06
CA VAL A 17 6.02 -4.22 5.15
C VAL A 17 6.14 -5.73 5.35
N ILE A 18 7.19 -6.15 6.04
CA ILE A 18 7.41 -7.56 6.30
C ILE A 18 7.55 -7.83 7.80
N GLY A 19 7.26 -6.82 8.60
CA GLY A 19 7.36 -6.96 10.04
C GLY A 19 6.37 -6.10 10.79
N SER A 20 5.43 -5.51 10.05
CA SER A 20 4.42 -4.65 10.65
C SER A 20 3.70 -5.36 11.79
N GLU A 21 3.09 -4.58 12.67
CA GLU A 21 2.38 -5.13 13.82
C GLU A 21 0.90 -5.37 13.48
N THR A 22 0.55 -5.14 12.22
CA THR A 22 -0.82 -5.33 11.76
C THR A 22 -0.91 -5.23 10.24
N PRO A 23 -2.04 -5.70 9.68
CA PRO A 23 -2.28 -5.67 8.24
C PRO A 23 -2.47 -4.26 7.70
N VAL A 24 -1.89 -3.99 6.54
CA VAL A 24 -2.00 -2.67 5.92
C VAL A 24 -2.02 -2.78 4.40
N LEU A 25 -2.56 -1.76 3.75
CA LEU A 25 -2.65 -1.74 2.29
C LEU A 25 -1.72 -0.68 1.71
N VAL A 26 -0.91 -1.08 0.73
CA VAL A 26 0.02 -0.16 0.08
C VAL A 26 -0.42 0.15 -1.35
N ASP A 27 -0.36 1.43 -1.71
CA ASP A 27 -0.75 1.85 -3.05
C ASP A 27 0.41 1.67 -4.03
N PHE A 28 0.24 0.72 -4.95
CA PHE A 28 1.26 0.44 -5.95
C PHE A 28 1.08 1.32 -7.18
N TRP A 29 1.13 2.63 -6.98
CA TRP A 29 0.98 3.58 -8.07
C TRP A 29 2.08 3.41 -9.10
N ALA A 30 2.13 4.33 -10.07
CA ALA A 30 3.15 4.29 -11.11
C ALA A 30 3.61 5.69 -11.49
N PRO A 31 4.94 5.89 -11.50
CA PRO A 31 5.53 7.19 -11.83
C PRO A 31 5.37 7.53 -13.31
N TRP A 32 5.27 6.50 -14.15
CA TRP A 32 5.11 6.70 -15.59
C TRP A 32 3.80 7.42 -15.89
N CYS A 33 2.76 7.08 -15.15
CA CYS A 33 1.46 7.70 -15.34
C CYS A 33 1.59 9.16 -15.74
N GLY A 34 1.67 10.04 -14.74
CA GLY A 34 1.80 11.45 -15.01
C GLY A 34 1.24 12.31 -13.89
N PRO A 35 -0.08 12.22 -13.67
CA PRO A 35 -0.76 12.99 -12.63
C PRO A 35 -0.40 12.51 -11.23
N CYS A 36 0.52 11.55 -11.16
CA CYS A 36 0.94 11.00 -9.87
C CYS A 36 -0.24 10.49 -9.07
N ARG A 37 -0.34 9.18 -8.92
CA ARG A 37 -1.43 8.57 -8.18
C ARG A 37 -1.14 8.55 -6.68
N MET A 38 -0.64 9.68 -6.17
CA MET A 38 -0.32 9.81 -4.77
C MET A 38 -1.42 9.21 -3.90
N ILE A 39 -1.13 9.05 -2.60
CA ILE A 39 -2.11 8.50 -1.67
C ILE A 39 -3.42 9.28 -1.72
N ALA A 40 -4.28 8.93 -2.67
CA ALA A 40 -5.57 9.59 -2.81
C ALA A 40 -6.43 9.40 -1.57
N PRO A 41 -7.43 10.27 -1.40
CA PRO A 41 -8.35 10.22 -0.26
C PRO A 41 -9.27 9.00 -0.30
N ILE A 42 -9.28 8.31 -1.44
CA ILE A 42 -10.11 7.13 -1.61
C ILE A 42 -9.50 5.92 -0.90
N ILE A 43 -8.23 5.65 -1.19
CA ILE A 43 -7.54 4.52 -0.58
C ILE A 43 -7.70 4.53 0.93
N ASP A 44 -7.48 5.70 1.54
CA ASP A 44 -7.61 5.85 2.98
C ASP A 44 -9.06 5.72 3.42
N GLU A 45 -9.98 6.15 2.56
CA GLU A 45 -11.40 6.09 2.86
C GLU A 45 -11.83 4.65 3.15
N LEU A 46 -11.35 3.72 2.34
CA LEU A 46 -11.68 2.31 2.51
C LEU A 46 -10.78 1.66 3.55
N ALA A 47 -9.68 2.33 3.88
CA ALA A 47 -8.73 1.83 4.86
C ALA A 47 -9.30 1.93 6.27
N LYS A 48 -10.21 2.88 6.48
CA LYS A 48 -10.82 3.08 7.78
C LYS A 48 -12.34 2.92 7.69
N GLU A 49 -12.84 2.70 6.48
CA GLU A 49 -14.27 2.53 6.26
C GLU A 49 -14.86 1.53 7.24
N TYR A 50 -14.07 0.51 7.58
CA TYR A 50 -14.51 -0.52 8.51
C TYR A 50 -14.28 -0.09 9.96
N ALA A 51 -13.43 0.91 10.13
CA ALA A 51 -13.11 1.43 11.46
C ALA A 51 -12.47 0.35 12.32
N GLY A 52 -11.14 0.27 12.27
CA GLY A 52 -10.43 -0.71 13.05
C GLY A 52 -9.10 -0.20 13.58
N LYS A 53 -8.95 1.13 13.59
CA LYS A 53 -7.72 1.75 14.06
C LYS A 53 -6.53 1.34 13.20
N ILE A 54 -6.82 0.80 12.02
CA ILE A 54 -5.77 0.36 11.10
C ILE A 54 -5.05 1.56 10.48
N LYS A 55 -4.51 1.37 9.29
CA LYS A 55 -3.79 2.43 8.59
C LYS A 55 -3.38 1.97 7.19
N CYS A 56 -2.88 2.92 6.40
CA CYS A 56 -2.44 2.62 5.04
C CYS A 56 -1.49 3.68 4.52
N TYR A 57 -0.93 3.46 3.34
CA TYR A 57 0.00 4.40 2.73
C TYR A 57 0.33 4.00 1.30
N LYS A 58 1.10 4.85 0.62
CA LYS A 58 1.49 4.57 -0.76
C LYS A 58 3.01 4.53 -0.90
N LEU A 59 3.48 4.12 -2.07
CA LEU A 59 4.92 4.03 -2.32
C LEU A 59 5.51 5.41 -2.59
N ASN A 60 6.83 5.47 -2.70
CA ASN A 60 7.52 6.73 -2.95
C ASN A 60 8.66 6.54 -3.94
N THR A 61 9.06 7.62 -4.60
CA THR A 61 10.13 7.57 -5.58
C THR A 61 11.35 8.36 -5.10
N ASP A 62 11.21 9.00 -3.95
CA ASP A 62 12.31 9.79 -3.38
C ASP A 62 13.61 9.02 -3.41
N GLU A 63 13.51 7.69 -3.43
CA GLU A 63 14.69 6.83 -3.46
C GLU A 63 14.31 5.40 -3.85
N SER A 64 13.14 4.97 -3.43
CA SER A 64 12.66 3.63 -3.72
C SER A 64 13.82 2.64 -3.76
N PRO A 65 14.56 2.55 -2.65
CA PRO A 65 15.70 1.65 -2.53
C PRO A 65 15.29 0.18 -2.48
N ASN A 66 14.90 -0.28 -1.30
CA ASN A 66 14.48 -1.67 -1.12
C ASN A 66 13.41 -2.05 -2.15
N THR A 67 12.51 -1.10 -2.45
CA THR A 67 11.46 -1.35 -3.42
C THR A 67 12.02 -1.86 -4.74
N ALA A 68 13.11 -1.26 -5.19
CA ALA A 68 13.75 -1.67 -6.44
C ALA A 68 14.40 -3.04 -6.29
N THR A 69 14.85 -3.34 -5.08
CA THR A 69 15.51 -4.62 -4.81
C THR A 69 14.52 -5.77 -4.88
N LYS A 70 13.24 -5.46 -4.77
CA LYS A 70 12.18 -6.46 -4.83
C LYS A 70 11.05 -6.02 -5.75
N TYR A 71 10.31 -5.01 -5.32
CA TYR A 71 9.19 -4.50 -6.12
C TYR A 71 9.70 -3.61 -7.25
N GLY A 72 9.74 -2.31 -6.99
CA GLY A 72 10.22 -1.36 -7.99
C GLY A 72 9.11 -0.93 -8.93
N ILE A 73 8.59 0.28 -8.70
CA ILE A 73 7.52 0.81 -9.54
C ILE A 73 8.07 1.41 -10.83
N ARG A 74 7.88 0.69 -11.93
CA ARG A 74 8.35 1.14 -13.23
C ARG A 74 7.27 1.91 -13.97
N SER A 75 6.02 1.48 -13.80
CA SER A 75 4.89 2.12 -14.46
C SER A 75 3.59 1.37 -14.18
N ILE A 76 2.46 2.00 -14.47
CA ILE A 76 1.16 1.39 -14.24
C ILE A 76 0.89 1.19 -12.76
N PRO A 77 -0.07 1.95 -12.22
CA PRO A 77 -0.45 1.88 -10.81
C PRO A 77 -1.16 0.57 -10.47
N THR A 78 -1.31 0.31 -9.17
CA THR A 78 -1.98 -0.91 -8.71
C THR A 78 -2.14 -0.91 -7.20
N VAL A 79 -3.05 -1.74 -6.70
CA VAL A 79 -3.29 -1.84 -5.27
C VAL A 79 -2.91 -3.22 -4.74
N LEU A 80 -2.22 -3.23 -3.60
CA LEU A 80 -1.79 -4.49 -2.99
C LEU A 80 -1.99 -4.44 -1.48
N PHE A 81 -1.81 -5.59 -0.83
CA PHE A 81 -1.97 -5.69 0.61
C PHE A 81 -1.08 -6.79 1.19
N PHE A 82 -0.47 -6.52 2.33
CA PHE A 82 0.40 -7.49 2.99
C PHE A 82 0.38 -7.30 4.50
N LYS A 83 0.99 -8.25 5.21
CA LYS A 83 1.04 -8.19 6.67
C LYS A 83 2.15 -9.09 7.21
N ASN A 84 3.16 -8.47 7.80
CA ASN A 84 4.30 -9.21 8.36
C ASN A 84 5.14 -9.84 7.25
N GLY A 85 4.74 -9.59 6.01
CA GLY A 85 5.47 -10.12 4.87
C GLY A 85 4.85 -11.40 4.33
N GLU A 86 3.55 -11.56 4.57
CA GLU A 86 2.84 -12.74 4.10
C GLU A 86 2.22 -12.50 2.73
N LYS A 87 2.29 -11.25 2.26
CA LYS A 87 1.74 -10.88 0.96
C LYS A 87 0.29 -11.34 0.83
N LYS A 88 -0.64 -10.40 0.97
CA LYS A 88 -2.05 -10.70 0.87
C LYS A 88 -2.46 -10.91 -0.59
N ASP A 89 -2.54 -9.82 -1.34
CA ASP A 89 -2.91 -9.88 -2.74
C ASP A 89 -2.56 -8.59 -3.47
N SER A 90 -2.69 -8.59 -4.79
CA SER A 90 -2.37 -7.42 -5.59
C SER A 90 -3.17 -7.42 -6.90
N VAL A 91 -3.71 -6.26 -7.25
CA VAL A 91 -4.50 -6.11 -8.48
C VAL A 91 -4.63 -4.65 -8.88
N ILE A 92 -4.57 -4.41 -10.19
CA ILE A 92 -4.67 -3.05 -10.71
C ILE A 92 -6.09 -2.51 -10.55
N GLY A 93 -6.22 -1.18 -10.58
CA GLY A 93 -7.52 -0.57 -10.45
C GLY A 93 -8.55 -1.14 -11.42
N ALA A 94 -9.81 -1.11 -11.02
CA ALA A 94 -10.88 -1.63 -11.87
C ALA A 94 -10.93 -3.16 -11.82
N VAL A 95 -10.92 -3.71 -10.62
CA VAL A 95 -10.96 -5.16 -10.45
C VAL A 95 -10.97 -5.54 -8.97
N PRO A 96 -9.91 -5.11 -8.26
CA PRO A 96 -9.76 -5.40 -6.83
C PRO A 96 -10.77 -4.62 -5.98
N LYS A 97 -10.38 -3.44 -5.54
CA LYS A 97 -11.25 -2.60 -4.72
C LYS A 97 -12.19 -3.46 -3.87
N ALA A 98 -13.38 -3.71 -4.38
CA ALA A 98 -14.36 -4.51 -3.67
C ALA A 98 -13.86 -5.95 -3.48
N THR A 99 -13.63 -6.64 -4.58
CA THR A 99 -13.15 -8.02 -4.53
C THR A 99 -12.13 -8.20 -3.41
N LEU A 100 -11.29 -7.19 -3.21
CA LEU A 100 -10.28 -7.24 -2.16
C LEU A 100 -10.88 -6.94 -0.79
N SER A 101 -11.86 -6.06 -0.77
CA SER A 101 -12.52 -5.69 0.48
C SER A 101 -13.54 -6.75 0.89
N GLU A 102 -13.92 -7.60 -0.06
CA GLU A 102 -14.89 -8.66 0.20
C GLU A 102 -14.19 -9.91 0.74
N LYS A 103 -12.98 -10.15 0.26
CA LYS A 103 -12.21 -11.31 0.69
C LYS A 103 -11.52 -11.05 2.03
N VAL A 104 -11.10 -9.80 2.24
CA VAL A 104 -10.44 -9.42 3.48
C VAL A 104 -11.43 -9.28 4.62
N GLU A 105 -12.46 -8.47 4.40
CA GLU A 105 -13.49 -8.25 5.41
C GLU A 105 -12.93 -7.45 6.59
N LYS A 106 -11.65 -7.12 6.51
CA LYS A 106 -10.99 -6.36 7.58
C LYS A 106 -9.47 -6.57 7.53
N TYR A 107 -9.05 -7.58 6.78
CA TYR A 107 -7.63 -7.89 6.66
C TYR A 107 -7.12 -8.61 7.91
N ILE A 108 -8.04 -9.17 8.69
CA ILE A 108 -7.68 -9.88 9.91
C ILE A 108 -6.72 -11.02 9.62
N ALA A 1 5.20 11.06 18.14
CA ALA A 1 6.20 10.27 17.44
C ALA A 1 6.25 8.85 17.99
N VAL A 2 5.41 7.97 17.44
CA VAL A 2 5.36 6.58 17.87
C VAL A 2 5.14 5.65 16.69
N ASN A 3 4.20 6.01 15.82
CA ASN A 3 3.89 5.21 14.64
C ASN A 3 4.65 5.71 13.42
N GLU A 4 4.16 5.36 12.24
CA GLU A 4 4.80 5.78 10.99
C GLU A 4 4.01 5.26 9.78
N VAL A 5 3.90 6.10 8.75
CA VAL A 5 3.19 5.74 7.54
C VAL A 5 3.12 6.91 6.57
N GLN A 6 2.57 6.66 5.39
CA GLN A 6 2.45 7.69 4.37
C GLN A 6 3.80 8.02 3.76
N VAL A 7 4.02 7.57 2.53
CA VAL A 7 5.27 7.82 1.83
C VAL A 7 6.43 7.97 2.82
N VAL A 8 7.08 6.84 3.13
CA VAL A 8 8.20 6.84 4.05
C VAL A 8 9.51 6.47 3.35
N ASN A 9 9.45 5.39 2.56
CA ASN A 9 10.61 4.92 1.82
C ASN A 9 11.69 4.44 2.78
N ASP A 10 12.24 3.26 2.49
CA ASP A 10 13.29 2.68 3.33
C ASP A 10 12.72 2.19 4.66
N SER A 11 12.24 3.13 5.47
CA SER A 11 11.66 2.79 6.77
C SER A 11 10.57 1.73 6.63
N SER A 12 9.79 1.84 5.55
CA SER A 12 8.70 0.91 5.30
C SER A 12 9.24 -0.52 5.17
N TRP A 13 10.02 -0.75 4.12
CA TRP A 13 10.59 -2.08 3.88
C TRP A 13 11.77 -2.34 4.81
N ASP A 14 11.98 -1.44 5.76
CA ASP A 14 13.07 -1.57 6.72
C ASP A 14 12.65 -2.45 7.90
N GLU A 15 11.69 -1.98 8.68
CA GLU A 15 11.20 -2.73 9.84
C GLU A 15 9.71 -2.47 10.06
N LEU A 16 9.07 -1.84 9.09
CA LEU A 16 7.65 -1.54 9.18
C LEU A 16 6.82 -2.68 8.61
N VAL A 17 6.87 -2.84 7.28
CA VAL A 17 6.12 -3.89 6.61
C VAL A 17 6.62 -5.28 7.04
N ILE A 18 7.67 -5.30 7.85
CA ILE A 18 8.24 -6.55 8.33
C ILE A 18 8.48 -6.50 9.84
N GLY A 19 8.08 -5.41 10.45
CA GLY A 19 8.26 -5.25 11.88
C GLY A 19 7.20 -4.37 12.52
N SER A 20 6.16 -4.05 11.74
CA SER A 20 5.07 -3.22 12.24
C SER A 20 3.89 -4.06 12.70
N GLU A 21 2.79 -3.39 13.04
CA GLU A 21 1.59 -4.09 13.50
C GLU A 21 1.17 -5.16 12.49
N THR A 22 0.84 -6.34 13.00
CA THR A 22 0.41 -7.45 12.15
C THR A 22 -0.31 -6.94 10.91
N PRO A 23 -1.37 -6.15 11.13
CA PRO A 23 -2.17 -5.58 10.03
C PRO A 23 -1.40 -4.51 9.25
N VAL A 24 -1.27 -4.73 7.94
CA VAL A 24 -0.56 -3.79 7.08
C VAL A 24 -1.20 -3.72 5.71
N LEU A 25 -1.09 -2.56 5.07
CA LEU A 25 -1.67 -2.36 3.74
C LEU A 25 -0.87 -1.33 2.95
N VAL A 26 -0.66 -1.59 1.66
CA VAL A 26 0.09 -0.69 0.81
C VAL A 26 -0.77 -0.21 -0.36
N ASP A 27 -0.36 0.90 -0.97
CA ASP A 27 -1.09 1.46 -2.10
C ASP A 27 -0.15 1.75 -3.27
N PHE A 28 -0.61 1.44 -4.48
CA PHE A 28 0.20 1.66 -5.67
C PHE A 28 -0.29 2.90 -6.43
N TRP A 29 0.66 3.73 -6.84
CA TRP A 29 0.32 4.96 -7.58
C TRP A 29 0.55 4.76 -9.07
N ALA A 30 1.71 5.20 -9.56
CA ALA A 30 2.04 5.08 -10.97
C ALA A 30 3.11 6.09 -11.36
N PRO A 31 4.35 5.62 -11.50
CA PRO A 31 5.49 6.47 -11.88
C PRO A 31 5.41 6.93 -13.33
N TRP A 32 4.32 6.56 -14.00
CA TRP A 32 4.13 6.93 -15.40
C TRP A 32 4.70 8.32 -15.68
N CYS A 33 3.90 9.35 -15.42
CA CYS A 33 4.34 10.72 -15.64
C CYS A 33 5.30 11.17 -14.55
N GLY A 34 6.12 12.16 -14.87
CA GLY A 34 7.07 12.68 -13.90
C GLY A 34 6.47 12.85 -12.52
N PRO A 35 5.84 14.01 -12.29
CA PRO A 35 5.21 14.31 -11.00
C PRO A 35 3.96 13.47 -10.74
N CYS A 36 3.66 12.58 -11.69
CA CYS A 36 2.49 11.71 -11.56
C CYS A 36 1.34 12.44 -10.89
N ARG A 37 0.46 11.68 -10.24
CA ARG A 37 -0.70 12.25 -9.56
C ARG A 37 -0.82 11.70 -8.14
N MET A 38 0.05 10.76 -7.81
CA MET A 38 0.04 10.15 -6.48
C MET A 38 -1.38 10.08 -5.93
N ILE A 39 -1.76 11.10 -5.16
CA ILE A 39 -3.08 11.15 -4.58
C ILE A 39 -4.13 10.59 -5.53
N ALA A 40 -5.22 10.06 -4.97
CA ALA A 40 -6.29 9.50 -5.77
C ALA A 40 -7.52 9.20 -4.93
N PRO A 41 -8.72 9.41 -5.50
CA PRO A 41 -9.99 9.18 -4.81
C PRO A 41 -10.25 7.70 -4.57
N ILE A 42 -10.93 7.06 -5.53
CA ILE A 42 -11.25 5.65 -5.42
C ILE A 42 -10.14 4.88 -4.71
N ILE A 43 -8.89 5.23 -5.03
CA ILE A 43 -7.75 4.58 -4.41
C ILE A 43 -7.73 4.81 -2.90
N ASP A 44 -7.09 5.89 -2.48
CA ASP A 44 -7.01 6.22 -1.06
C ASP A 44 -8.33 5.95 -0.36
N GLU A 45 -9.42 6.37 -0.99
CA GLU A 45 -10.75 6.17 -0.42
C GLU A 45 -10.91 4.75 0.10
N LEU A 46 -10.42 3.79 -0.68
CA LEU A 46 -10.52 2.38 -0.30
C LEU A 46 -9.34 1.97 0.58
N ALA A 47 -8.35 2.84 0.67
CA ALA A 47 -7.16 2.58 1.49
C ALA A 47 -7.41 2.94 2.95
N LYS A 48 -8.45 3.75 3.18
CA LYS A 48 -8.78 4.17 4.54
C LYS A 48 -10.25 3.84 4.85
N GLU A 49 -10.97 3.36 3.85
CA GLU A 49 -12.38 3.02 4.02
C GLU A 49 -12.64 2.47 5.41
N TYR A 50 -12.17 1.26 5.67
CA TYR A 50 -12.35 0.62 6.97
C TYR A 50 -11.01 0.44 7.68
N ALA A 51 -9.92 0.66 6.95
CA ALA A 51 -8.58 0.52 7.51
C ALA A 51 -8.20 1.75 8.32
N GLY A 52 -9.17 2.63 8.56
CA GLY A 52 -8.92 3.84 9.32
C GLY A 52 -8.15 3.57 10.60
N LYS A 53 -8.14 2.32 11.02
CA LYS A 53 -7.44 1.93 12.24
C LYS A 53 -6.32 0.94 11.94
N ILE A 54 -6.38 0.34 10.75
CA ILE A 54 -5.38 -0.63 10.33
C ILE A 54 -4.24 0.05 9.57
N LYS A 55 -3.02 -0.40 9.80
CA LYS A 55 -1.85 0.16 9.14
C LYS A 55 -2.03 0.17 7.63
N CYS A 56 -1.97 1.35 7.04
CA CYS A 56 -2.13 1.51 5.59
C CYS A 56 -1.47 2.79 5.10
N TYR A 57 -1.05 2.79 3.84
CA TYR A 57 -0.40 3.96 3.25
C TYR A 57 -0.04 3.70 1.80
N LYS A 58 0.44 4.74 1.12
CA LYS A 58 0.83 4.62 -0.28
C LYS A 58 2.34 4.79 -0.43
N LEU A 59 2.94 3.89 -1.21
CA LEU A 59 4.39 3.93 -1.44
C LEU A 59 4.84 5.35 -1.79
N ASN A 60 6.15 5.52 -1.93
CA ASN A 60 6.71 6.83 -2.27
C ASN A 60 7.63 6.72 -3.47
N THR A 61 8.09 7.87 -3.98
CA THR A 61 8.98 7.91 -5.13
C THR A 61 10.31 8.55 -4.76
N ASP A 62 10.35 9.21 -3.62
CA ASP A 62 11.58 9.87 -3.16
C ASP A 62 12.81 9.06 -3.55
N GLU A 63 12.65 7.73 -3.56
CA GLU A 63 13.76 6.85 -3.92
C GLU A 63 13.33 5.38 -3.82
N SER A 64 12.69 5.03 -2.70
CA SER A 64 12.23 3.66 -2.48
C SER A 64 13.19 2.66 -3.11
N PRO A 65 14.41 2.58 -2.56
CA PRO A 65 15.45 1.67 -3.04
C PRO A 65 15.11 0.20 -2.76
N ASN A 66 14.75 -0.08 -1.51
CA ASN A 66 14.40 -1.44 -1.12
C ASN A 66 13.04 -1.84 -1.67
N THR A 67 12.19 -0.85 -1.93
CA THR A 67 10.86 -1.10 -2.47
C THR A 67 10.89 -1.21 -3.99
N ALA A 68 11.71 -0.37 -4.62
CA ALA A 68 11.84 -0.37 -6.07
C ALA A 68 12.40 -1.70 -6.57
N THR A 69 13.30 -2.29 -5.78
CA THR A 69 13.91 -3.56 -6.15
C THR A 69 13.15 -4.73 -5.56
N LYS A 70 12.36 -4.46 -4.52
CA LYS A 70 11.57 -5.49 -3.87
C LYS A 70 10.11 -5.43 -4.33
N TYR A 71 9.77 -4.39 -5.08
CA TYR A 71 8.41 -4.22 -5.58
C TYR A 71 8.42 -3.54 -6.94
N GLY A 72 8.98 -2.32 -6.99
CA GLY A 72 9.03 -1.59 -8.24
C GLY A 72 7.67 -1.38 -8.85
N ILE A 73 7.22 -0.12 -8.88
CA ILE A 73 5.92 0.20 -9.45
C ILE A 73 5.94 0.09 -10.97
N ARG A 74 5.42 -1.02 -11.48
CA ARG A 74 5.37 -1.25 -12.92
C ARG A 74 4.24 -0.45 -13.56
N SER A 75 4.22 0.85 -13.30
CA SER A 75 3.20 1.73 -13.85
C SER A 75 1.81 1.33 -13.34
N ILE A 76 0.87 2.26 -13.43
CA ILE A 76 -0.50 2.00 -12.98
C ILE A 76 -0.53 1.66 -11.49
N PRO A 77 -1.52 2.22 -10.78
CA PRO A 77 -1.69 1.99 -9.34
C PRO A 77 -2.15 0.56 -9.04
N THR A 78 -2.65 0.35 -7.83
CA THR A 78 -3.12 -0.97 -7.41
C THR A 78 -3.15 -1.08 -5.89
N VAL A 79 -3.90 -2.06 -5.39
CA VAL A 79 -4.01 -2.28 -3.95
C VAL A 79 -3.21 -3.50 -3.52
N LEU A 80 -2.72 -3.47 -2.29
CA LEU A 80 -1.94 -4.58 -1.76
C LEU A 80 -2.10 -4.69 -0.24
N PHE A 81 -2.30 -5.91 0.24
CA PHE A 81 -2.47 -6.14 1.67
C PHE A 81 -1.34 -7.02 2.22
N PHE A 82 -0.50 -6.43 3.07
CA PHE A 82 0.61 -7.16 3.67
C PHE A 82 0.48 -7.20 5.18
N LYS A 83 1.40 -7.92 5.83
CA LYS A 83 1.39 -8.04 7.29
C LYS A 83 2.76 -7.72 7.86
N ASN A 84 3.65 -8.70 7.86
CA ASN A 84 5.01 -8.52 8.38
C ASN A 84 6.02 -9.25 7.52
N GLY A 85 5.63 -9.57 6.29
CA GLY A 85 6.53 -10.27 5.39
C GLY A 85 5.87 -11.49 4.74
N GLU A 86 4.57 -11.40 4.52
CA GLU A 86 3.82 -12.50 3.91
C GLU A 86 3.00 -12.01 2.72
N LYS A 87 2.97 -10.70 2.53
CA LYS A 87 2.23 -10.09 1.43
C LYS A 87 0.95 -10.88 1.14
N LYS A 88 -0.14 -10.51 1.80
CA LYS A 88 -1.42 -11.17 1.60
C LYS A 88 -1.74 -11.34 0.12
N ASP A 89 -2.06 -10.22 -0.53
CA ASP A 89 -2.38 -10.24 -1.96
C ASP A 89 -2.18 -8.86 -2.57
N SER A 90 -2.35 -8.77 -3.89
CA SER A 90 -2.19 -7.52 -4.60
C SER A 90 -3.02 -7.51 -5.89
N VAL A 91 -3.59 -6.36 -6.20
CA VAL A 91 -4.40 -6.21 -7.41
C VAL A 91 -4.99 -4.81 -7.51
N ILE A 92 -5.27 -4.38 -8.74
CA ILE A 92 -5.84 -3.06 -8.97
C ILE A 92 -6.76 -2.65 -7.83
N GLY A 93 -6.86 -1.34 -7.59
CA GLY A 93 -7.71 -0.84 -6.52
C GLY A 93 -8.97 -0.18 -7.05
N ALA A 94 -9.75 -0.94 -7.81
CA ALA A 94 -10.99 -0.42 -8.37
C ALA A 94 -12.08 -1.49 -8.38
N VAL A 95 -12.17 -2.22 -9.49
CA VAL A 95 -13.16 -3.28 -9.62
C VAL A 95 -12.88 -4.43 -8.66
N PRO A 96 -11.65 -4.95 -8.70
CA PRO A 96 -11.23 -6.06 -7.84
C PRO A 96 -11.10 -5.63 -6.38
N LYS A 97 -10.72 -4.39 -6.16
CA LYS A 97 -10.57 -3.86 -4.81
C LYS A 97 -11.59 -4.47 -3.86
N ALA A 98 -12.82 -4.63 -4.36
CA ALA A 98 -13.89 -5.22 -3.55
C ALA A 98 -13.63 -6.70 -3.29
N THR A 99 -13.39 -7.45 -4.36
CA THR A 99 -13.14 -8.88 -4.25
C THR A 99 -12.29 -9.19 -3.01
N LEU A 100 -11.27 -8.38 -2.78
CA LEU A 100 -10.39 -8.57 -1.63
C LEU A 100 -11.09 -8.17 -0.33
N SER A 101 -11.85 -7.08 -0.38
CA SER A 101 -12.56 -6.61 0.79
C SER A 101 -13.61 -7.62 1.25
N GLU A 102 -14.22 -8.31 0.28
CA GLU A 102 -15.23 -9.30 0.58
C GLU A 102 -14.60 -10.54 1.23
N LYS A 103 -13.39 -10.88 0.80
CA LYS A 103 -12.69 -12.03 1.33
C LYS A 103 -12.17 -11.75 2.73
N VAL A 104 -12.08 -10.47 3.08
CA VAL A 104 -11.59 -10.07 4.40
C VAL A 104 -12.43 -8.92 4.95
N GLU A 105 -12.30 -7.75 4.33
CA GLU A 105 -13.05 -6.57 4.76
C GLU A 105 -12.31 -5.85 5.89
N LYS A 106 -11.29 -6.51 6.42
CA LYS A 106 -10.50 -5.94 7.51
C LYS A 106 -9.04 -6.36 7.41
N TYR A 107 -8.68 -6.95 6.28
CA TYR A 107 -7.31 -7.41 6.06
C TYR A 107 -6.74 -8.07 7.31
N ILE A 108 -7.63 -8.56 8.17
CA ILE A 108 -7.21 -9.21 9.41
C ILE A 108 -5.91 -9.99 9.21
N ALA A 1 5.96 7.53 19.32
CA ALA A 1 7.08 7.36 18.40
C ALA A 1 7.24 5.89 18.01
N VAL A 2 6.36 5.41 17.15
CA VAL A 2 6.40 4.03 16.70
C VAL A 2 6.19 3.93 15.19
N ASN A 3 4.92 3.95 14.78
CA ASN A 3 4.57 3.87 13.36
C ASN A 3 4.62 5.24 12.72
N GLU A 4 3.88 5.39 11.61
CA GLU A 4 3.83 6.66 10.90
C GLU A 4 2.94 6.56 9.67
N VAL A 5 2.86 5.36 9.09
CA VAL A 5 2.04 5.12 7.91
C VAL A 5 2.43 6.06 6.78
N GLN A 6 2.02 5.71 5.56
CA GLN A 6 2.32 6.53 4.40
C GLN A 6 3.84 6.69 4.22
N VAL A 7 4.26 6.85 2.98
CA VAL A 7 5.68 7.01 2.67
C VAL A 7 6.49 5.81 3.14
N VAL A 8 7.53 5.47 2.39
CA VAL A 8 8.39 4.34 2.72
C VAL A 8 9.64 4.81 3.46
N ASN A 9 10.31 5.80 2.90
CA ASN A 9 11.53 6.33 3.50
C ASN A 9 12.53 5.21 3.78
N ASP A 10 12.31 4.06 3.16
CA ASP A 10 13.20 2.92 3.34
C ASP A 10 12.90 2.19 4.65
N SER A 11 12.71 2.97 5.72
CA SER A 11 12.42 2.40 7.03
C SER A 11 11.21 1.46 6.96
N SER A 12 10.31 1.73 6.02
CA SER A 12 9.11 0.92 5.85
C SER A 12 9.48 -0.53 5.53
N TRP A 13 9.92 -0.76 4.29
CA TRP A 13 10.31 -2.09 3.85
C TRP A 13 11.55 -2.57 4.60
N ASP A 14 12.20 -1.65 5.30
CA ASP A 14 13.40 -1.98 6.06
C ASP A 14 13.08 -2.94 7.19
N GLU A 15 12.29 -2.47 8.16
CA GLU A 15 11.90 -3.29 9.30
C GLU A 15 10.49 -2.95 9.76
N LEU A 16 9.79 -2.16 8.96
CA LEU A 16 8.42 -1.76 9.29
C LEU A 16 7.41 -2.74 8.70
N VAL A 17 7.24 -2.69 7.38
CA VAL A 17 6.31 -3.57 6.70
C VAL A 17 6.71 -5.03 6.86
N ILE A 18 7.92 -5.25 7.36
CA ILE A 18 8.43 -6.60 7.56
C ILE A 18 8.90 -6.81 9.00
N GLY A 19 8.65 -5.81 9.84
CA GLY A 19 9.05 -5.90 11.23
C GLY A 19 8.13 -5.12 12.15
N SER A 20 7.01 -4.65 11.61
CA SER A 20 6.06 -3.88 12.39
C SER A 20 4.92 -4.77 12.90
N GLU A 21 3.84 -4.13 13.34
CA GLU A 21 2.68 -4.87 13.85
C GLU A 21 2.33 -6.04 12.92
N THR A 22 1.36 -5.81 12.04
CA THR A 22 0.93 -6.83 11.10
C THR A 22 -0.12 -6.30 10.14
N PRO A 23 -1.24 -5.80 10.70
CA PRO A 23 -2.34 -5.24 9.91
C PRO A 23 -1.97 -3.92 9.24
N VAL A 24 -1.63 -3.98 7.96
CA VAL A 24 -1.26 -2.79 7.21
C VAL A 24 -1.36 -3.03 5.70
N LEU A 25 -1.57 -1.96 4.95
CA LEU A 25 -1.69 -2.06 3.50
C LEU A 25 -1.04 -0.85 2.82
N VAL A 26 -0.52 -1.07 1.61
CA VAL A 26 0.13 -0.01 0.86
C VAL A 26 -0.54 0.19 -0.49
N ASP A 27 -0.50 1.42 -1.00
CA ASP A 27 -1.10 1.74 -2.29
C ASP A 27 -0.04 2.16 -3.30
N PHE A 28 -0.38 2.09 -4.57
CA PHE A 28 0.55 2.47 -5.63
C PHE A 28 0.18 3.83 -6.23
N TRP A 29 1.01 4.31 -7.15
CA TRP A 29 0.76 5.59 -7.79
C TRP A 29 1.10 5.53 -9.28
N ALA A 30 2.13 4.75 -9.61
CA ALA A 30 2.55 4.60 -11.00
C ALA A 30 3.32 5.84 -11.47
N PRO A 31 4.59 5.64 -11.84
CA PRO A 31 5.45 6.72 -12.31
C PRO A 31 5.04 7.24 -13.69
N TRP A 32 4.11 6.53 -14.32
CA TRP A 32 3.62 6.91 -15.64
C TRP A 32 2.98 8.29 -15.60
N CYS A 33 2.39 8.70 -16.72
CA CYS A 33 1.72 9.99 -16.81
C CYS A 33 2.74 11.12 -16.71
N GLY A 34 3.28 11.34 -15.51
CA GLY A 34 4.25 12.38 -15.30
C GLY A 34 4.04 13.12 -14.00
N PRO A 35 2.87 13.78 -13.87
CA PRO A 35 2.52 14.54 -12.66
C PRO A 35 2.27 13.64 -11.46
N CYS A 36 2.47 12.34 -11.65
CA CYS A 36 2.25 11.36 -10.58
C CYS A 36 0.85 11.49 -10.01
N ARG A 37 0.03 10.47 -10.27
CA ARG A 37 -1.35 10.45 -9.78
C ARG A 37 -1.39 10.35 -8.26
N MET A 38 -0.27 9.95 -7.67
CA MET A 38 -0.18 9.81 -6.22
C MET A 38 -1.51 9.38 -5.63
N ILE A 39 -1.79 9.83 -4.41
CA ILE A 39 -3.04 9.48 -3.74
C ILE A 39 -4.23 9.71 -4.65
N ALA A 40 -5.43 9.42 -4.13
CA ALA A 40 -6.65 9.59 -4.90
C ALA A 40 -7.88 9.44 -4.01
N PRO A 41 -9.06 9.81 -4.56
CA PRO A 41 -10.32 9.72 -3.83
C PRO A 41 -10.76 8.27 -3.61
N ILE A 42 -11.55 7.74 -4.54
CA ILE A 42 -12.03 6.37 -4.46
C ILE A 42 -11.00 5.47 -3.78
N ILE A 43 -9.80 5.43 -4.33
CA ILE A 43 -8.73 4.61 -3.78
C ILE A 43 -8.59 4.82 -2.27
N ASP A 44 -8.69 6.08 -1.86
CA ASP A 44 -8.57 6.42 -0.44
C ASP A 44 -9.77 5.89 0.35
N GLU A 45 -10.97 6.16 -0.16
CA GLU A 45 -12.19 5.70 0.48
C GLU A 45 -12.02 4.29 1.02
N LEU A 46 -11.42 3.42 0.22
CA LEU A 46 -11.20 2.04 0.61
C LEU A 46 -9.93 1.89 1.46
N ALA A 47 -9.04 2.88 1.34
CA ALA A 47 -7.80 2.87 2.09
C ALA A 47 -8.03 3.23 3.55
N LYS A 48 -9.20 3.81 3.84
CA LYS A 48 -9.55 4.20 5.19
C LYS A 48 -10.92 3.66 5.58
N GLU A 49 -11.58 3.00 4.63
CA GLU A 49 -12.91 2.44 4.87
C GLU A 49 -12.96 1.73 6.22
N TYR A 50 -11.84 1.10 6.60
CA TYR A 50 -11.76 0.40 7.87
C TYR A 50 -11.24 1.31 8.98
N ALA A 51 -10.59 2.39 8.57
CA ALA A 51 -10.04 3.35 9.52
C ALA A 51 -9.38 4.52 8.81
N GLY A 52 -8.08 4.41 8.54
CA GLY A 52 -7.36 5.46 7.86
C GLY A 52 -6.07 5.82 8.56
N LYS A 53 -5.91 5.34 9.79
CA LYS A 53 -4.71 5.61 10.56
C LYS A 53 -4.02 4.32 10.98
N ILE A 54 -4.72 3.20 10.82
CA ILE A 54 -4.16 1.90 11.17
C ILE A 54 -3.46 1.26 9.98
N LYS A 55 -4.25 0.62 9.11
CA LYS A 55 -3.70 -0.03 7.93
C LYS A 55 -3.80 0.88 6.71
N CYS A 56 -2.79 1.71 6.51
CA CYS A 56 -2.77 2.63 5.38
C CYS A 56 -1.34 3.04 5.04
N TYR A 57 -0.98 2.90 3.77
CA TYR A 57 0.36 3.26 3.32
C TYR A 57 0.34 3.72 1.86
N LYS A 58 1.50 4.16 1.37
CA LYS A 58 1.61 4.64 0.00
C LYS A 58 3.07 4.83 -0.39
N LEU A 59 3.56 3.98 -1.28
CA LEU A 59 4.95 4.06 -1.74
C LEU A 59 5.32 5.50 -2.10
N ASN A 60 6.53 5.89 -1.76
CA ASN A 60 7.01 7.24 -2.06
C ASN A 60 8.19 7.20 -3.03
N THR A 61 8.75 8.37 -3.31
CA THR A 61 9.89 8.48 -4.22
C THR A 61 11.07 9.17 -3.56
N ASP A 62 10.80 9.85 -2.45
CA ASP A 62 11.85 10.56 -1.72
C ASP A 62 12.79 9.57 -1.02
N GLU A 63 12.44 8.29 -1.08
CA GLU A 63 13.25 7.26 -0.46
C GLU A 63 12.53 5.90 -0.50
N SER A 64 12.79 5.14 -1.55
CA SER A 64 12.16 3.83 -1.72
C SER A 64 13.05 2.89 -2.52
N PRO A 65 14.30 2.72 -2.05
CA PRO A 65 15.29 1.85 -2.70
C PRO A 65 14.93 0.37 -2.57
N ASN A 66 14.66 -0.06 -1.34
CA ASN A 66 14.31 -1.45 -1.08
C ASN A 66 12.89 -1.74 -1.53
N THR A 67 12.05 -0.70 -1.57
CA THR A 67 10.67 -0.85 -1.98
C THR A 67 10.57 -1.19 -3.46
N ALA A 68 10.89 -0.21 -4.31
CA ALA A 68 10.83 -0.41 -5.75
C ALA A 68 11.70 -1.59 -6.18
N THR A 69 12.77 -1.82 -5.44
CA THR A 69 13.69 -2.91 -5.74
C THR A 69 13.08 -4.26 -5.39
N LYS A 70 12.10 -4.24 -4.48
CA LYS A 70 11.43 -5.47 -4.05
C LYS A 70 10.15 -5.68 -4.86
N TYR A 71 9.72 -4.65 -5.58
CA TYR A 71 8.51 -4.74 -6.39
C TYR A 71 8.67 -3.93 -7.68
N GLY A 72 9.01 -2.65 -7.53
CA GLY A 72 9.18 -1.80 -8.69
C GLY A 72 8.00 -0.87 -8.90
N ILE A 73 6.93 -1.40 -9.48
CA ILE A 73 5.74 -0.60 -9.74
C ILE A 73 6.03 0.54 -10.69
N ARG A 74 6.56 0.20 -11.87
CA ARG A 74 6.90 1.20 -12.87
C ARG A 74 5.64 1.72 -13.55
N SER A 75 4.48 1.28 -13.07
CA SER A 75 3.21 1.71 -13.63
C SER A 75 2.05 0.90 -13.03
N ILE A 76 0.84 1.40 -13.21
CA ILE A 76 -0.35 0.73 -12.68
C ILE A 76 -0.43 0.85 -11.16
N PRO A 77 -1.22 1.82 -10.69
CA PRO A 77 -1.40 2.06 -9.25
C PRO A 77 -2.18 0.95 -8.57
N THR A 78 -1.59 -0.24 -8.50
CA THR A 78 -2.22 -1.39 -7.88
C THR A 78 -2.29 -1.23 -6.37
N VAL A 79 -2.95 -2.17 -5.70
CA VAL A 79 -3.09 -2.14 -4.24
C VAL A 79 -2.84 -3.51 -3.63
N LEU A 80 -2.02 -3.55 -2.59
CA LEU A 80 -1.70 -4.80 -1.91
C LEU A 80 -1.64 -4.60 -0.41
N PHE A 81 -2.04 -5.64 0.34
CA PHE A 81 -2.03 -5.57 1.79
C PHE A 81 -0.99 -6.53 2.37
N PHE A 82 -0.38 -6.13 3.48
CA PHE A 82 0.63 -6.95 4.13
C PHE A 82 0.25 -7.25 5.58
N LYS A 83 0.49 -8.49 6.01
CA LYS A 83 0.16 -8.91 7.36
C LYS A 83 1.43 -9.07 8.20
N ASN A 84 2.55 -9.30 7.51
CA ASN A 84 3.83 -9.47 8.20
C ASN A 84 4.90 -9.99 7.24
N GLY A 85 4.45 -10.68 6.19
CA GLY A 85 5.38 -11.22 5.21
C GLY A 85 5.60 -10.29 4.05
N GLU A 86 4.75 -9.27 3.93
CA GLU A 86 4.86 -8.29 2.86
C GLU A 86 4.19 -8.81 1.59
N LYS A 87 3.72 -10.05 1.64
CA LYS A 87 3.04 -10.66 0.49
C LYS A 87 1.78 -11.39 0.93
N LYS A 88 0.65 -10.69 0.88
CA LYS A 88 -0.63 -11.27 1.26
C LYS A 88 -1.65 -11.15 0.13
N ASP A 89 -2.10 -9.93 -0.12
CA ASP A 89 -3.07 -9.68 -1.18
C ASP A 89 -2.63 -8.52 -2.06
N SER A 90 -2.95 -8.61 -3.35
CA SER A 90 -2.58 -7.57 -4.30
C SER A 90 -3.51 -7.58 -5.51
N VAL A 91 -3.84 -6.39 -6.01
CA VAL A 91 -4.71 -6.27 -7.17
C VAL A 91 -4.88 -4.81 -7.57
N ILE A 92 -5.18 -4.58 -8.85
CA ILE A 92 -5.37 -3.24 -9.36
C ILE A 92 -6.85 -2.86 -9.39
N GLY A 93 -7.13 -1.58 -9.13
CA GLY A 93 -8.51 -1.12 -9.13
C GLY A 93 -9.06 -0.96 -10.53
N ALA A 94 -10.28 -1.46 -10.74
CA ALA A 94 -10.92 -1.37 -12.05
C ALA A 94 -12.03 -2.41 -12.19
N VAL A 95 -12.01 -3.40 -11.30
CA VAL A 95 -13.02 -4.46 -11.33
C VAL A 95 -12.78 -5.47 -10.21
N PRO A 96 -11.58 -6.08 -10.21
CA PRO A 96 -11.21 -7.07 -9.19
C PRO A 96 -11.01 -6.45 -7.82
N LYS A 97 -10.53 -5.20 -7.81
CA LYS A 97 -10.29 -4.48 -6.56
C LYS A 97 -11.38 -4.80 -5.54
N ALA A 98 -12.56 -5.15 -6.03
CA ALA A 98 -13.68 -5.46 -5.16
C ALA A 98 -13.61 -6.91 -4.67
N THR A 99 -13.24 -7.81 -5.57
CA THR A 99 -13.13 -9.23 -5.23
C THR A 99 -12.25 -9.43 -4.00
N LEU A 100 -11.23 -8.60 -3.87
CA LEU A 100 -10.32 -8.69 -2.74
C LEU A 100 -10.87 -7.95 -1.52
N SER A 101 -11.45 -6.77 -1.77
CA SER A 101 -12.02 -5.97 -0.69
C SER A 101 -13.24 -6.66 -0.09
N GLU A 102 -13.89 -7.51 -0.88
CA GLU A 102 -15.06 -8.23 -0.42
C GLU A 102 -14.68 -9.58 0.19
N LYS A 103 -13.55 -10.11 -0.26
CA LYS A 103 -13.06 -11.39 0.24
C LYS A 103 -12.50 -11.26 1.65
N VAL A 104 -12.01 -10.06 1.96
CA VAL A 104 -11.44 -9.79 3.28
C VAL A 104 -12.51 -9.25 4.24
N GLU A 105 -13.31 -8.32 3.77
CA GLU A 105 -14.37 -7.73 4.58
C GLU A 105 -13.81 -6.59 5.44
N LYS A 106 -12.64 -6.81 6.02
CA LYS A 106 -12.02 -5.81 6.88
C LYS A 106 -10.53 -5.66 6.54
N TYR A 107 -9.84 -6.79 6.41
CA TYR A 107 -8.42 -6.79 6.09
C TYR A 107 -7.79 -8.15 6.40
N ILE A 108 -8.43 -8.91 7.27
CA ILE A 108 -7.94 -10.22 7.65
C ILE A 108 -7.79 -11.13 6.43
N ALA A 1 1.35 7.98 20.47
CA ALA A 1 1.13 6.54 20.48
C ALA A 1 1.48 5.91 19.14
N VAL A 2 1.36 6.70 18.08
CA VAL A 2 1.67 6.23 16.73
C VAL A 2 2.08 7.37 15.82
N ASN A 3 2.75 7.04 14.72
CA ASN A 3 3.21 8.05 13.77
C ASN A 3 2.15 8.30 12.69
N GLU A 4 2.13 7.44 11.68
CA GLU A 4 1.17 7.57 10.60
C GLU A 4 1.59 6.72 9.39
N VAL A 5 2.87 6.41 9.32
CA VAL A 5 3.40 5.60 8.23
C VAL A 5 3.19 6.29 6.89
N GLN A 6 4.26 6.39 6.10
CA GLN A 6 4.19 7.02 4.79
C GLN A 6 5.58 7.43 4.31
N VAL A 7 5.83 7.23 3.03
CA VAL A 7 7.12 7.58 2.44
C VAL A 7 8.28 7.00 3.25
N VAL A 8 9.50 7.18 2.75
CA VAL A 8 10.67 6.68 3.44
C VAL A 8 10.95 5.23 3.08
N ASN A 9 11.21 4.98 1.81
CA ASN A 9 11.49 3.62 1.32
C ASN A 9 12.76 3.07 1.96
N ASP A 10 13.07 1.81 1.66
CA ASP A 10 14.25 1.16 2.20
C ASP A 10 14.00 0.64 3.61
N SER A 11 13.82 1.55 4.56
CA SER A 11 13.58 1.17 5.95
C SER A 11 12.23 0.48 6.09
N SER A 12 11.28 0.88 5.25
CA SER A 12 9.93 0.30 5.29
C SER A 12 9.98 -1.18 4.95
N TRP A 13 10.24 -1.50 3.69
CA TRP A 13 10.32 -2.88 3.25
C TRP A 13 11.51 -3.60 3.87
N ASP A 14 12.32 -2.85 4.61
CA ASP A 14 13.50 -3.41 5.27
C ASP A 14 13.10 -4.27 6.46
N GLU A 15 12.45 -3.65 7.44
CA GLU A 15 12.01 -4.35 8.63
C GLU A 15 10.73 -3.75 9.20
N LEU A 16 10.12 -2.86 8.41
CA LEU A 16 8.88 -2.20 8.82
C LEU A 16 7.66 -3.05 8.46
N VAL A 17 7.41 -3.19 7.17
CA VAL A 17 6.28 -3.98 6.69
C VAL A 17 6.53 -5.46 6.88
N ILE A 18 7.67 -5.80 7.49
CA ILE A 18 8.02 -7.19 7.74
C ILE A 18 8.42 -7.40 9.19
N GLY A 19 8.22 -6.39 10.02
CA GLY A 19 8.57 -6.48 11.42
C GLY A 19 7.67 -5.64 12.30
N SER A 20 6.60 -5.11 11.72
CA SER A 20 5.66 -4.28 12.46
C SER A 20 4.91 -5.10 13.52
N GLU A 21 4.36 -4.41 14.50
CA GLU A 21 3.61 -5.07 15.58
C GLU A 21 2.15 -5.27 15.19
N THR A 22 1.83 -4.93 13.94
CA THR A 22 0.46 -5.07 13.44
C THR A 22 0.40 -4.88 11.93
N PRO A 23 -0.74 -5.23 11.32
CA PRO A 23 -0.95 -5.11 9.88
C PRO A 23 -1.04 -3.66 9.43
N VAL A 24 -0.74 -3.41 8.16
CA VAL A 24 -0.81 -2.07 7.61
C VAL A 24 -1.18 -2.09 6.13
N LEU A 25 -1.97 -1.12 5.71
CA LEU A 25 -2.41 -1.02 4.31
C LEU A 25 -1.47 -0.13 3.50
N VAL A 26 -1.10 -0.59 2.31
CA VAL A 26 -0.22 0.17 1.45
C VAL A 26 -0.85 0.39 0.07
N ASP A 27 -0.63 1.57 -0.49
CA ASP A 27 -1.18 1.91 -1.80
C ASP A 27 -0.08 2.40 -2.74
N PHE A 28 -0.24 2.11 -4.03
CA PHE A 28 0.74 2.52 -5.03
C PHE A 28 0.39 3.89 -5.61
N TRP A 29 1.26 4.41 -6.45
CA TRP A 29 1.04 5.71 -7.08
C TRP A 29 1.56 5.72 -8.52
N ALA A 30 2.65 4.99 -8.76
CA ALA A 30 3.23 4.91 -10.09
C ALA A 30 3.82 6.24 -10.51
N PRO A 31 5.13 6.25 -10.80
CA PRO A 31 5.84 7.46 -11.22
C PRO A 31 5.43 7.93 -12.62
N TRP A 32 4.48 7.21 -13.22
CA TRP A 32 4.00 7.56 -14.54
C TRP A 32 2.83 8.53 -14.46
N CYS A 33 2.29 8.90 -15.63
CA CYS A 33 1.17 9.83 -15.68
C CYS A 33 1.59 11.22 -15.23
N GLY A 34 1.83 11.37 -13.93
CA GLY A 34 2.24 12.65 -13.39
C GLY A 34 1.40 13.07 -12.20
N PRO A 35 0.08 13.19 -12.41
CA PRO A 35 -0.85 13.59 -11.35
C PRO A 35 -1.02 12.51 -10.29
N CYS A 36 -0.25 11.44 -10.40
CA CYS A 36 -0.30 10.34 -9.46
C CYS A 36 0.55 10.64 -8.22
N ARG A 37 1.81 10.99 -8.46
CA ARG A 37 2.73 11.31 -7.37
C ARG A 37 2.39 10.48 -6.12
N MET A 38 1.55 11.06 -5.26
CA MET A 38 1.13 10.39 -4.04
C MET A 38 -0.38 10.39 -3.90
N ILE A 39 -0.87 10.20 -2.67
CA ILE A 39 -2.30 10.18 -2.40
C ILE A 39 -3.03 9.38 -3.47
N ALA A 40 -4.36 9.50 -3.48
CA ALA A 40 -5.19 8.80 -4.45
C ALA A 40 -6.64 8.73 -3.98
N PRO A 41 -7.57 8.84 -4.94
CA PRO A 41 -9.01 8.80 -4.65
C PRO A 41 -9.47 7.41 -4.22
N ILE A 42 -9.90 6.60 -5.19
CA ILE A 42 -10.36 5.25 -4.91
C ILE A 42 -9.47 4.56 -3.88
N ILE A 43 -8.18 4.86 -3.93
CA ILE A 43 -7.22 4.28 -3.00
C ILE A 43 -7.67 4.47 -1.55
N ASP A 44 -7.35 5.64 -0.99
CA ASP A 44 -7.73 5.95 0.38
C ASP A 44 -9.09 5.34 0.72
N GLU A 45 -10.01 5.40 -0.23
CA GLU A 45 -11.35 4.87 -0.03
C GLU A 45 -11.29 3.47 0.58
N LEU A 46 -10.50 2.60 -0.03
CA LEU A 46 -10.36 1.23 0.45
C LEU A 46 -9.35 1.15 1.59
N ALA A 47 -8.69 2.27 1.86
CA ALA A 47 -7.70 2.34 2.93
C ALA A 47 -8.37 2.60 4.27
N LYS A 48 -9.60 3.08 4.23
CA LYS A 48 -10.35 3.38 5.45
C LYS A 48 -11.74 2.75 5.40
N GLU A 49 -12.04 2.07 4.30
CA GLU A 49 -13.34 1.43 4.13
C GLU A 49 -13.89 0.97 5.47
N TYR A 50 -13.19 0.05 6.11
CA TYR A 50 -13.61 -0.48 7.40
C TYR A 50 -12.94 0.27 8.54
N ALA A 51 -11.78 0.84 8.27
CA ALA A 51 -11.04 1.59 9.27
C ALA A 51 -10.35 0.66 10.26
N GLY A 52 -11.11 -0.27 10.82
CA GLY A 52 -10.56 -1.22 11.77
C GLY A 52 -9.67 -0.56 12.79
N LYS A 53 -9.82 0.75 12.95
CA LYS A 53 -9.02 1.51 13.90
C LYS A 53 -7.54 1.45 13.54
N ILE A 54 -7.25 0.87 12.39
CA ILE A 54 -5.86 0.75 11.92
C ILE A 54 -5.41 2.01 11.19
N LYS A 55 -4.26 1.92 10.53
CA LYS A 55 -3.72 3.06 9.79
C LYS A 55 -3.33 2.64 8.38
N CYS A 56 -3.10 3.62 7.52
CA CYS A 56 -2.71 3.36 6.14
C CYS A 56 -1.67 4.36 5.66
N TYR A 57 -1.13 4.13 4.47
CA TYR A 57 -0.12 5.01 3.90
C TYR A 57 0.21 4.60 2.47
N LYS A 58 1.05 5.40 1.81
CA LYS A 58 1.45 5.12 0.43
C LYS A 58 2.98 5.07 0.31
N LEU A 59 3.46 4.41 -0.73
CA LEU A 59 4.89 4.28 -0.96
C LEU A 59 5.53 5.64 -1.22
N ASN A 60 6.85 5.66 -1.34
CA ASN A 60 7.57 6.90 -1.59
C ASN A 60 7.11 7.55 -2.89
N THR A 61 8.02 8.26 -3.56
CA THR A 61 7.70 8.93 -4.81
C THR A 61 8.94 9.05 -5.69
N ASP A 62 10.09 9.26 -5.06
CA ASP A 62 11.35 9.39 -5.79
C ASP A 62 11.35 8.52 -7.04
N GLU A 63 11.18 7.21 -6.85
CA GLU A 63 11.17 6.26 -7.95
C GLU A 63 11.08 4.83 -7.45
N SER A 64 10.42 4.64 -6.32
CA SER A 64 10.28 3.32 -5.72
C SER A 64 11.54 2.49 -5.94
N PRO A 65 12.62 2.84 -5.22
CA PRO A 65 13.89 2.14 -5.32
C PRO A 65 13.84 0.74 -4.72
N ASN A 66 14.02 0.65 -3.40
CA ASN A 66 13.98 -0.63 -2.71
C ASN A 66 12.62 -1.31 -2.89
N THR A 67 11.57 -0.50 -2.94
CA THR A 67 10.21 -1.02 -3.11
C THR A 67 10.07 -1.74 -4.44
N ALA A 68 10.18 -0.98 -5.53
CA ALA A 68 10.05 -1.55 -6.87
C ALA A 68 10.80 -2.86 -6.98
N THR A 69 11.95 -2.95 -6.31
CA THR A 69 12.76 -4.16 -6.34
C THR A 69 12.03 -5.34 -5.69
N LYS A 70 11.27 -5.04 -4.64
CA LYS A 70 10.51 -6.07 -3.94
C LYS A 70 9.45 -6.68 -4.84
N TYR A 71 8.75 -5.83 -5.58
CA TYR A 71 7.69 -6.28 -6.49
C TYR A 71 7.89 -5.69 -7.87
N GLY A 72 7.25 -4.54 -8.13
CA GLY A 72 7.37 -3.90 -9.42
C GLY A 72 6.34 -2.80 -9.61
N ILE A 73 6.62 -1.63 -9.07
CA ILE A 73 5.71 -0.49 -9.19
C ILE A 73 6.12 0.42 -10.33
N ARG A 74 6.77 -0.15 -11.34
CA ARG A 74 7.21 0.61 -12.50
C ARG A 74 6.22 1.72 -12.83
N SER A 75 5.00 1.32 -13.21
CA SER A 75 3.96 2.28 -13.56
C SER A 75 2.58 1.65 -13.45
N ILE A 76 2.10 1.49 -12.22
CA ILE A 76 0.79 0.90 -11.97
C ILE A 76 0.38 1.05 -10.51
N PRO A 77 -0.40 2.11 -10.23
CA PRO A 77 -0.88 2.40 -8.88
C PRO A 77 -1.91 1.38 -8.40
N THR A 78 -1.44 0.19 -8.03
CA THR A 78 -2.32 -0.87 -7.55
C THR A 78 -2.50 -0.80 -6.04
N VAL A 79 -3.38 -1.64 -5.51
CA VAL A 79 -3.64 -1.68 -4.09
C VAL A 79 -3.26 -3.04 -3.49
N LEU A 80 -2.58 -3.01 -2.35
CA LEU A 80 -2.16 -4.24 -1.69
C LEU A 80 -2.05 -4.03 -0.17
N PHE A 81 -2.43 -5.04 0.59
CA PHE A 81 -2.38 -4.97 2.04
C PHE A 81 -1.31 -5.91 2.59
N PHE A 82 -0.39 -5.35 3.38
CA PHE A 82 0.69 -6.14 3.96
C PHE A 82 0.57 -6.18 5.48
N LYS A 83 1.44 -6.95 6.12
CA LYS A 83 1.44 -7.06 7.58
C LYS A 83 2.80 -7.54 8.09
N ASN A 84 3.42 -8.44 7.34
CA ASN A 84 4.73 -8.99 7.71
C ASN A 84 5.49 -9.46 6.48
N GLY A 85 5.18 -8.87 5.33
CA GLY A 85 5.85 -9.25 4.10
C GLY A 85 5.24 -10.48 3.47
N GLU A 86 4.00 -10.79 3.83
CA GLU A 86 3.32 -11.96 3.29
C GLU A 86 2.42 -11.57 2.12
N LYS A 87 2.36 -10.28 1.83
CA LYS A 87 1.54 -9.77 0.73
C LYS A 87 0.09 -10.25 0.87
N LYS A 88 -0.55 -9.83 1.97
CA LYS A 88 -1.93 -10.20 2.23
C LYS A 88 -2.72 -10.30 0.92
N ASP A 89 -2.99 -9.15 0.31
CA ASP A 89 -3.74 -9.10 -0.94
C ASP A 89 -3.09 -8.12 -1.91
N SER A 90 -3.62 -8.09 -3.14
CA SER A 90 -3.09 -7.19 -4.17
C SER A 90 -3.93 -7.28 -5.44
N VAL A 91 -4.43 -6.13 -5.89
CA VAL A 91 -5.25 -6.08 -7.09
C VAL A 91 -5.40 -4.64 -7.59
N ILE A 92 -5.29 -4.45 -8.90
CA ILE A 92 -5.40 -3.13 -9.50
C ILE A 92 -6.86 -2.68 -9.54
N GLY A 93 -7.09 -1.40 -9.33
CA GLY A 93 -8.43 -0.86 -9.35
C GLY A 93 -9.17 -1.21 -10.62
N ALA A 94 -10.27 -1.93 -10.48
CA ALA A 94 -11.08 -2.33 -11.64
C ALA A 94 -12.36 -3.03 -11.20
N VAL A 95 -12.91 -3.85 -12.09
CA VAL A 95 -14.14 -4.59 -11.80
C VAL A 95 -13.89 -5.65 -10.74
N PRO A 96 -12.89 -6.51 -10.99
CA PRO A 96 -12.53 -7.60 -10.08
C PRO A 96 -11.90 -7.09 -8.78
N LYS A 97 -11.18 -5.98 -8.89
CA LYS A 97 -10.52 -5.37 -7.73
C LYS A 97 -11.42 -5.44 -6.50
N ALA A 98 -12.72 -5.52 -6.73
CA ALA A 98 -13.69 -5.59 -5.64
C ALA A 98 -13.87 -7.04 -5.16
N THR A 99 -13.85 -7.97 -6.10
CA THR A 99 -14.01 -9.39 -5.77
C THR A 99 -12.97 -9.84 -4.76
N LEU A 100 -11.78 -9.23 -4.83
CA LEU A 100 -10.70 -9.58 -3.92
C LEU A 100 -10.82 -8.78 -2.61
N SER A 101 -10.81 -7.46 -2.74
CA SER A 101 -10.91 -6.59 -1.58
C SER A 101 -12.16 -6.90 -0.76
N GLU A 102 -13.20 -7.38 -1.45
CA GLU A 102 -14.46 -7.72 -0.80
C GLU A 102 -14.46 -9.18 -0.35
N LYS A 103 -13.67 -10.01 -1.02
CA LYS A 103 -13.58 -11.42 -0.70
C LYS A 103 -12.84 -11.63 0.63
N VAL A 104 -12.11 -10.60 1.05
CA VAL A 104 -11.37 -10.67 2.30
C VAL A 104 -12.07 -9.90 3.41
N GLU A 105 -12.46 -8.67 3.11
CA GLU A 105 -13.15 -7.82 4.08
C GLU A 105 -12.70 -8.15 5.49
N LYS A 106 -11.63 -7.50 5.94
CA LYS A 106 -11.10 -7.72 7.27
C LYS A 106 -9.77 -6.99 7.46
N TYR A 107 -9.08 -6.74 6.36
CA TYR A 107 -7.80 -6.05 6.39
C TYR A 107 -7.96 -4.62 6.87
N ILE A 108 -9.21 -4.17 6.98
CA ILE A 108 -9.50 -2.82 7.44
C ILE A 108 -8.43 -1.84 6.98
N ALA A 1 2.66 10.86 20.18
CA ALA A 1 3.03 10.72 18.78
C ALA A 1 2.72 9.32 18.26
N VAL A 2 2.61 9.19 16.95
CA VAL A 2 2.32 7.91 16.32
C VAL A 2 3.56 7.34 15.62
N ASN A 3 3.78 6.05 15.75
CA ASN A 3 4.92 5.40 15.12
C ASN A 3 5.26 6.05 13.79
N GLU A 4 4.42 5.80 12.79
CA GLU A 4 4.63 6.37 11.46
C GLU A 4 3.54 5.91 10.50
N VAL A 5 3.66 6.32 9.24
CA VAL A 5 2.69 5.94 8.21
C VAL A 5 2.89 6.76 6.94
N GLN A 6 2.80 6.10 5.80
CA GLN A 6 2.97 6.76 4.51
C GLN A 6 4.38 7.31 4.36
N VAL A 7 5.04 6.96 3.26
CA VAL A 7 6.40 7.42 3.00
C VAL A 7 7.34 7.01 4.13
N VAL A 8 8.63 6.90 3.80
CA VAL A 8 9.63 6.51 4.79
C VAL A 8 10.88 5.96 4.12
N ASN A 9 10.73 5.53 2.86
CA ASN A 9 11.85 4.98 2.10
C ASN A 9 12.04 3.50 2.43
N ASP A 10 13.09 2.91 1.86
CA ASP A 10 13.38 1.50 2.08
C ASP A 10 13.07 1.10 3.52
N SER A 11 13.37 2.00 4.46
CA SER A 11 13.12 1.73 5.87
C SER A 11 11.86 0.89 6.05
N SER A 12 10.82 1.22 5.28
CA SER A 12 9.56 0.50 5.36
C SER A 12 9.77 -1.00 5.10
N TRP A 13 10.19 -1.33 3.88
CA TRP A 13 10.43 -2.72 3.51
C TRP A 13 11.61 -3.29 4.28
N ASP A 14 12.34 -2.43 4.97
CA ASP A 14 13.49 -2.86 5.76
C ASP A 14 13.06 -3.73 6.92
N GLU A 15 12.29 -3.15 7.83
CA GLU A 15 11.80 -3.88 9.00
C GLU A 15 10.42 -3.39 9.42
N LEU A 16 9.79 -2.59 8.55
CA LEU A 16 8.47 -2.06 8.82
C LEU A 16 7.39 -3.00 8.32
N VAL A 17 7.28 -3.12 6.99
CA VAL A 17 6.29 -3.99 6.37
C VAL A 17 6.55 -5.45 6.73
N ILE A 18 7.69 -5.71 7.36
CA ILE A 18 8.05 -7.06 7.76
C ILE A 18 8.45 -7.11 9.23
N GLY A 19 8.27 -5.99 9.92
CA GLY A 19 8.61 -5.93 11.33
C GLY A 19 7.79 -4.91 12.09
N SER A 20 6.76 -4.39 11.44
CA SER A 20 5.89 -3.40 12.06
C SER A 20 4.60 -4.03 12.56
N GLU A 21 3.73 -3.20 13.14
CA GLU A 21 2.46 -3.69 13.65
C GLU A 21 1.80 -4.66 12.68
N THR A 22 1.50 -5.86 13.16
CA THR A 22 0.87 -6.88 12.33
C THR A 22 -0.04 -6.24 11.29
N PRO A 23 -1.05 -5.49 11.74
CA PRO A 23 -2.01 -4.83 10.86
C PRO A 23 -1.38 -3.68 10.09
N VAL A 24 -1.13 -3.89 8.80
CA VAL A 24 -0.54 -2.87 7.95
C VAL A 24 -1.15 -2.88 6.56
N LEU A 25 -0.93 -1.81 5.80
CA LEU A 25 -1.46 -1.70 4.45
C LEU A 25 -0.86 -0.49 3.73
N VAL A 26 -0.15 -0.76 2.64
CA VAL A 26 0.47 0.30 1.85
C VAL A 26 -0.32 0.59 0.58
N ASP A 27 -0.34 1.85 0.17
CA ASP A 27 -1.07 2.26 -1.02
C ASP A 27 -0.11 2.47 -2.19
N PHE A 28 -0.63 2.36 -3.41
CA PHE A 28 0.17 2.53 -4.61
C PHE A 28 -0.24 3.79 -5.37
N TRP A 29 0.67 4.31 -6.18
CA TRP A 29 0.41 5.51 -6.96
C TRP A 29 0.81 5.32 -8.42
N ALA A 30 0.48 6.29 -9.25
CA ALA A 30 0.81 6.22 -10.67
C ALA A 30 1.84 7.28 -11.05
N PRO A 31 3.00 6.84 -11.54
CA PRO A 31 4.09 7.74 -11.95
C PRO A 31 3.75 8.52 -13.20
N TRP A 32 2.59 8.24 -13.78
CA TRP A 32 2.14 8.93 -14.99
C TRP A 32 2.62 10.38 -14.98
N CYS A 33 1.84 11.26 -14.37
CA CYS A 33 2.18 12.67 -14.30
C CYS A 33 3.69 12.87 -14.21
N GLY A 34 4.21 12.91 -12.98
CA GLY A 34 5.64 13.10 -12.80
C GLY A 34 5.99 13.36 -11.34
N PRO A 35 5.43 14.45 -10.78
CA PRO A 35 5.68 14.83 -9.39
C PRO A 35 5.04 13.87 -8.40
N CYS A 36 4.46 12.79 -8.91
CA CYS A 36 3.82 11.79 -8.07
C CYS A 36 2.60 12.38 -7.36
N ARG A 37 1.47 11.68 -7.45
CA ARG A 37 0.23 12.13 -6.82
C ARG A 37 -0.11 11.25 -5.62
N MET A 38 0.79 10.35 -5.27
CA MET A 38 0.58 9.45 -4.14
C MET A 38 -0.89 9.06 -4.04
N ILE A 39 -1.32 8.74 -2.82
CA ILE A 39 -2.71 8.35 -2.58
C ILE A 39 -3.68 9.38 -3.14
N ALA A 40 -4.87 8.93 -3.52
CA ALA A 40 -5.88 9.82 -4.08
C ALA A 40 -7.07 9.02 -4.61
N PRO A 41 -6.83 8.29 -5.70
CA PRO A 41 -7.86 7.46 -6.35
C PRO A 41 -8.26 6.26 -5.50
N ILE A 42 -8.97 5.32 -6.12
CA ILE A 42 -9.40 4.11 -5.42
C ILE A 42 -8.37 3.64 -4.42
N ILE A 43 -7.10 3.94 -4.71
CA ILE A 43 -6.00 3.55 -3.83
C ILE A 43 -6.34 3.84 -2.37
N ASP A 44 -6.33 5.12 -2.01
CA ASP A 44 -6.63 5.54 -0.65
C ASP A 44 -8.10 5.33 -0.33
N GLU A 45 -8.93 5.26 -1.38
CA GLU A 45 -10.36 5.06 -1.20
C GLU A 45 -10.65 3.75 -0.50
N LEU A 46 -10.12 2.66 -1.05
CA LEU A 46 -10.32 1.33 -0.47
C LEU A 46 -9.32 1.08 0.65
N ALA A 47 -8.32 1.93 0.75
CA ALA A 47 -7.30 1.81 1.79
C ALA A 47 -7.73 2.51 3.07
N LYS A 48 -8.72 3.38 2.96
CA LYS A 48 -9.23 4.12 4.11
C LYS A 48 -10.74 3.96 4.24
N GLU A 49 -11.36 3.38 3.21
CA GLU A 49 -12.80 3.17 3.21
C GLU A 49 -13.22 2.30 4.40
N TYR A 50 -12.25 1.65 5.02
CA TYR A 50 -12.52 0.79 6.16
C TYR A 50 -12.56 1.59 7.46
N ALA A 51 -11.97 2.78 7.42
CA ALA A 51 -11.94 3.66 8.59
C ALA A 51 -10.86 4.72 8.45
N GLY A 52 -9.61 4.33 8.68
CA GLY A 52 -8.51 5.27 8.58
C GLY A 52 -7.65 5.30 9.83
N LYS A 53 -8.01 4.48 10.81
CA LYS A 53 -7.28 4.42 12.07
C LYS A 53 -6.17 3.38 12.00
N ILE A 54 -6.27 2.48 11.02
CA ILE A 54 -5.29 1.42 10.84
C ILE A 54 -3.98 1.98 10.30
N LYS A 55 -2.93 1.16 10.32
CA LYS A 55 -1.63 1.58 9.83
C LYS A 55 -1.58 1.55 8.31
N CYS A 56 -1.71 2.73 7.70
CA CYS A 56 -1.70 2.85 6.25
C CYS A 56 -0.31 3.22 5.76
N TYR A 57 -0.12 3.20 4.44
CA TYR A 57 1.16 3.53 3.84
C TYR A 57 0.98 4.02 2.41
N LYS A 58 2.08 4.44 1.79
CA LYS A 58 2.04 4.93 0.41
C LYS A 58 3.47 5.12 -0.13
N LEU A 59 3.86 4.24 -1.05
CA LEU A 59 5.19 4.31 -1.64
C LEU A 59 5.64 5.75 -1.81
N ASN A 60 6.92 6.00 -1.56
CA ASN A 60 7.48 7.34 -1.69
C ASN A 60 7.94 7.62 -3.12
N THR A 61 8.54 8.78 -3.32
CA THR A 61 9.03 9.16 -4.64
C THR A 61 10.43 9.76 -4.56
N ASP A 62 10.97 9.83 -3.35
CA ASP A 62 12.30 10.37 -3.14
C ASP A 62 13.34 9.27 -3.02
N GLU A 63 12.88 8.02 -3.15
CA GLU A 63 13.77 6.88 -3.06
C GLU A 63 12.98 5.59 -2.78
N SER A 64 12.58 4.90 -3.84
CA SER A 64 11.81 3.67 -3.71
C SER A 64 12.47 2.53 -4.48
N PRO A 65 13.76 2.29 -4.19
CA PRO A 65 14.53 1.23 -4.84
C PRO A 65 14.08 -0.16 -4.43
N ASN A 66 13.98 -0.38 -3.13
CA ASN A 66 13.56 -1.68 -2.60
C ASN A 66 12.24 -2.11 -3.23
N THR A 67 11.34 -1.15 -3.44
CA THR A 67 10.04 -1.43 -4.04
C THR A 67 10.18 -1.76 -5.51
N ALA A 68 11.16 -1.14 -6.18
CA ALA A 68 11.40 -1.38 -7.59
C ALA A 68 12.04 -2.74 -7.82
N THR A 69 12.51 -3.35 -6.74
CA THR A 69 13.15 -4.67 -6.84
C THR A 69 12.17 -5.78 -6.49
N LYS A 70 11.16 -5.45 -5.70
CA LYS A 70 10.16 -6.42 -5.29
C LYS A 70 8.76 -5.93 -5.63
N TYR A 71 8.68 -4.85 -6.39
CA TYR A 71 7.40 -4.28 -6.79
C TYR A 71 7.56 -3.37 -8.00
N GLY A 72 7.71 -2.06 -7.74
CA GLY A 72 7.87 -1.11 -8.81
C GLY A 72 6.63 -0.99 -9.68
N ILE A 73 5.85 0.06 -9.44
CA ILE A 73 4.63 0.28 -10.21
C ILE A 73 4.82 -0.06 -11.68
N ARG A 74 4.12 -1.08 -12.15
CA ARG A 74 4.22 -1.51 -13.54
C ARG A 74 3.17 -0.82 -14.40
N SER A 75 1.98 -0.65 -13.84
CA SER A 75 0.89 0.00 -14.56
C SER A 75 -0.30 0.27 -13.63
N ILE A 76 -0.61 1.54 -13.43
CA ILE A 76 -1.72 1.93 -12.56
C ILE A 76 -1.50 1.43 -11.14
N PRO A 77 -1.81 2.28 -10.15
CA PRO A 77 -1.65 1.95 -8.73
C PRO A 77 -2.67 0.91 -8.28
N THR A 78 -2.83 0.79 -6.96
CA THR A 78 -3.78 -0.17 -6.39
C THR A 78 -3.62 -0.25 -4.87
N VAL A 79 -4.51 -1.01 -4.24
CA VAL A 79 -4.48 -1.18 -2.79
C VAL A 79 -3.82 -2.50 -2.40
N LEU A 80 -2.66 -2.40 -1.76
CA LEU A 80 -1.92 -3.59 -1.33
C LEU A 80 -1.93 -3.71 0.19
N PHE A 81 -2.52 -4.78 0.69
CA PHE A 81 -2.59 -5.02 2.13
C PHE A 81 -1.46 -5.94 2.58
N PHE A 82 -0.82 -5.58 3.69
CA PHE A 82 0.28 -6.38 4.23
C PHE A 82 0.08 -6.65 5.72
N LYS A 83 0.77 -7.66 6.22
CA LYS A 83 0.66 -8.02 7.64
C LYS A 83 1.54 -9.23 7.96
N ASN A 84 1.90 -9.38 9.23
CA ASN A 84 2.73 -10.50 9.67
C ASN A 84 3.81 -10.79 8.63
N GLY A 85 4.19 -9.78 7.86
CA GLY A 85 5.21 -9.95 6.85
C GLY A 85 4.96 -11.15 5.96
N GLU A 86 3.82 -11.15 5.26
CA GLU A 86 3.46 -12.25 4.38
C GLU A 86 2.70 -11.74 3.16
N LYS A 87 2.68 -10.41 2.99
CA LYS A 87 1.98 -9.80 1.86
C LYS A 87 0.59 -10.38 1.69
N LYS A 88 -0.41 -9.68 2.21
CA LYS A 88 -1.79 -10.13 2.11
C LYS A 88 -2.20 -10.34 0.65
N ASP A 89 -2.44 -9.24 -0.06
CA ASP A 89 -2.83 -9.31 -1.45
C ASP A 89 -2.97 -7.90 -2.05
N SER A 90 -3.23 -7.85 -3.34
CA SER A 90 -3.38 -6.57 -4.04
C SER A 90 -4.72 -6.50 -4.77
N VAL A 91 -5.22 -5.28 -4.97
CA VAL A 91 -6.49 -5.09 -5.65
C VAL A 91 -6.45 -3.84 -6.53
N ILE A 92 -6.16 -4.04 -7.82
CA ILE A 92 -6.09 -2.94 -8.76
C ILE A 92 -7.36 -2.85 -9.59
N GLY A 93 -7.92 -1.64 -9.69
CA GLY A 93 -9.13 -1.44 -10.46
C GLY A 93 -9.22 -2.37 -11.64
N ALA A 94 -10.12 -3.35 -11.56
CA ALA A 94 -10.30 -4.31 -12.65
C ALA A 94 -11.42 -5.29 -12.33
N VAL A 95 -11.49 -6.37 -13.09
CA VAL A 95 -12.52 -7.40 -12.88
C VAL A 95 -12.30 -8.14 -11.57
N PRO A 96 -11.09 -8.71 -11.42
CA PRO A 96 -10.73 -9.46 -10.21
C PRO A 96 -10.57 -8.57 -8.99
N LYS A 97 -10.17 -7.32 -9.22
CA LYS A 97 -9.99 -6.36 -8.13
C LYS A 97 -11.01 -6.60 -7.04
N ALA A 98 -12.20 -7.03 -7.42
CA ALA A 98 -13.28 -7.28 -6.46
C ALA A 98 -13.06 -8.62 -5.74
N THR A 99 -12.75 -9.66 -6.52
CA THR A 99 -12.52 -10.98 -5.97
C THR A 99 -11.63 -10.91 -4.72
N LEU A 100 -10.43 -10.38 -4.90
CA LEU A 100 -9.48 -10.25 -3.80
C LEU A 100 -10.04 -9.36 -2.70
N SER A 101 -10.44 -8.14 -3.07
CA SER A 101 -10.98 -7.19 -2.12
C SER A 101 -12.08 -7.84 -1.27
N GLU A 102 -12.83 -8.76 -1.89
CA GLU A 102 -13.91 -9.45 -1.20
C GLU A 102 -13.36 -10.38 -0.12
N LYS A 103 -12.23 -11.02 -0.42
CA LYS A 103 -11.60 -11.93 0.53
C LYS A 103 -11.03 -11.18 1.73
N VAL A 104 -10.80 -9.88 1.54
CA VAL A 104 -10.27 -9.03 2.60
C VAL A 104 -11.38 -8.34 3.37
N GLU A 105 -11.81 -7.19 2.88
CA GLU A 105 -12.87 -6.43 3.52
C GLU A 105 -12.33 -5.65 4.73
N LYS A 106 -11.52 -6.33 5.53
CA LYS A 106 -10.94 -5.70 6.72
C LYS A 106 -9.60 -6.34 7.06
N TYR A 107 -9.08 -7.15 6.14
CA TYR A 107 -7.80 -7.82 6.35
C TYR A 107 -7.84 -8.68 7.61
N ILE A 108 -9.04 -9.00 8.07
CA ILE A 108 -9.20 -9.81 9.27
C ILE A 108 -10.52 -10.60 9.22
N ALA A 1 9.76 2.42 14.23
CA ALA A 1 10.61 3.20 13.34
C ALA A 1 9.79 4.27 12.61
N VAL A 2 8.66 3.86 12.04
CA VAL A 2 7.80 4.78 11.31
C VAL A 2 6.33 4.40 11.48
N ASN A 3 5.45 5.07 10.72
CA ASN A 3 4.03 4.80 10.78
C ASN A 3 3.28 5.58 9.72
N GLU A 4 2.01 5.87 9.98
CA GLU A 4 1.18 6.62 9.03
C GLU A 4 1.35 6.07 7.62
N VAL A 5 0.77 6.77 6.65
CA VAL A 5 0.85 6.35 5.25
C VAL A 5 2.00 7.06 4.54
N GLN A 6 3.07 6.32 4.27
CA GLN A 6 4.23 6.88 3.59
C GLN A 6 5.40 5.89 3.61
N VAL A 7 5.73 5.35 2.44
CA VAL A 7 6.81 4.40 2.32
C VAL A 7 8.17 5.10 2.37
N VAL A 8 8.77 5.11 3.56
CA VAL A 8 10.07 5.76 3.75
C VAL A 8 11.05 5.34 2.65
N ASN A 9 10.75 4.23 2.00
CA ASN A 9 11.61 3.72 0.93
C ASN A 9 12.76 2.90 1.51
N ASP A 10 12.68 2.58 2.79
CA ASP A 10 13.71 1.80 3.46
C ASP A 10 13.19 1.21 4.76
N SER A 11 13.04 2.05 5.77
CA SER A 11 12.55 1.60 7.07
C SER A 11 11.23 0.84 6.93
N SER A 12 10.32 1.40 6.13
CA SER A 12 9.02 0.79 5.91
C SER A 12 9.18 -0.69 5.54
N TRP A 13 9.86 -0.95 4.44
CA TRP A 13 10.08 -2.31 3.97
C TRP A 13 11.16 -3.00 4.80
N ASP A 14 11.70 -2.28 5.77
CA ASP A 14 12.74 -2.82 6.63
C ASP A 14 12.17 -3.85 7.62
N GLU A 15 11.34 -3.36 8.55
CA GLU A 15 10.73 -4.23 9.54
C GLU A 15 9.32 -3.75 9.89
N LEU A 16 8.83 -2.79 9.12
CA LEU A 16 7.49 -2.24 9.35
C LEU A 16 6.44 -2.99 8.55
N VAL A 17 6.44 -2.78 7.24
CA VAL A 17 5.49 -3.44 6.36
C VAL A 17 5.61 -4.95 6.45
N ILE A 18 6.72 -5.41 7.01
CA ILE A 18 6.97 -6.84 7.15
C ILE A 18 6.96 -7.25 8.62
N GLY A 19 6.53 -6.33 9.48
CA GLY A 19 6.48 -6.62 10.91
C GLY A 19 5.37 -5.85 11.61
N SER A 20 4.51 -5.21 10.83
CA SER A 20 3.40 -4.43 11.37
C SER A 20 2.47 -5.33 12.18
N GLU A 21 1.81 -4.74 13.18
CA GLU A 21 0.89 -5.47 14.04
C GLU A 21 -0.54 -5.40 13.48
N THR A 22 -0.90 -4.24 12.94
CA THR A 22 -2.23 -4.04 12.38
C THR A 22 -2.20 -4.14 10.85
N PRO A 23 -3.39 -4.25 10.26
CA PRO A 23 -3.53 -4.35 8.79
C PRO A 23 -3.19 -3.05 8.09
N VAL A 24 -2.01 -3.00 7.48
CA VAL A 24 -1.56 -1.81 6.77
C VAL A 24 -1.65 -2.01 5.26
N LEU A 25 -2.61 -1.35 4.64
CA LEU A 25 -2.80 -1.46 3.20
C LEU A 25 -2.13 -0.30 2.47
N VAL A 26 -1.10 -0.61 1.69
CA VAL A 26 -0.36 0.41 0.95
C VAL A 26 -0.88 0.52 -0.48
N ASP A 27 -0.77 1.70 -1.06
CA ASP A 27 -1.22 1.93 -2.42
C ASP A 27 -0.09 2.50 -3.28
N PHE A 28 -0.19 2.31 -4.59
CA PHE A 28 0.82 2.80 -5.52
C PHE A 28 0.30 4.00 -6.30
N TRP A 29 1.17 4.60 -7.10
CA TRP A 29 0.81 5.76 -7.90
C TRP A 29 1.59 5.80 -9.21
N ALA A 30 2.84 5.35 -9.15
CA ALA A 30 3.69 5.33 -10.33
C ALA A 30 4.09 6.75 -10.75
N PRO A 31 5.40 6.98 -10.86
CA PRO A 31 5.94 8.29 -11.26
C PRO A 31 5.65 8.62 -12.72
N TRP A 32 5.51 7.58 -13.54
CA TRP A 32 5.24 7.76 -14.95
C TRP A 32 4.00 8.61 -15.17
N CYS A 33 3.10 8.61 -14.18
CA CYS A 33 1.87 9.39 -14.26
C CYS A 33 2.06 10.76 -13.63
N GLY A 34 2.51 11.73 -14.43
CA GLY A 34 2.72 13.07 -13.93
C GLY A 34 1.71 13.46 -12.87
N PRO A 35 0.49 13.80 -13.30
CA PRO A 35 -0.58 14.20 -12.38
C PRO A 35 -1.09 13.04 -11.55
N CYS A 36 -0.22 12.47 -10.73
CA CYS A 36 -0.58 11.34 -9.87
C CYS A 36 0.18 11.40 -8.56
N ARG A 37 1.51 11.37 -8.64
CA ARG A 37 2.35 11.42 -7.45
C ARG A 37 1.67 10.74 -6.27
N MET A 38 1.01 11.53 -5.43
CA MET A 38 0.32 10.99 -4.26
C MET A 38 -1.19 10.98 -4.50
N ILE A 39 -1.91 10.29 -3.61
CA ILE A 39 -3.36 10.19 -3.72
C ILE A 39 -3.94 9.38 -2.57
N ALA A 40 -5.25 9.47 -2.40
CA ALA A 40 -5.93 8.74 -1.33
C ALA A 40 -7.45 8.82 -1.50
N PRO A 41 -7.93 8.49 -2.71
CA PRO A 41 -9.36 8.53 -3.01
C PRO A 41 -10.14 7.43 -2.30
N ILE A 42 -11.36 7.16 -2.76
CA ILE A 42 -12.20 6.12 -2.17
C ILE A 42 -11.35 4.96 -1.66
N ILE A 43 -10.57 4.37 -2.55
CA ILE A 43 -9.71 3.25 -2.17
C ILE A 43 -9.20 3.39 -0.75
N ASP A 44 -8.59 4.52 -0.46
CA ASP A 44 -8.05 4.79 0.88
C ASP A 44 -9.18 5.14 1.85
N GLU A 45 -10.03 6.08 1.46
CA GLU A 45 -11.14 6.49 2.29
C GLU A 45 -11.90 5.29 2.83
N LEU A 46 -12.52 4.53 1.93
CA LEU A 46 -13.28 3.35 2.30
C LEU A 46 -12.39 2.32 2.98
N ALA A 47 -11.11 2.32 2.62
CA ALA A 47 -10.15 1.39 3.22
C ALA A 47 -10.07 1.56 4.72
N LYS A 48 -10.38 2.76 5.19
CA LYS A 48 -10.35 3.06 6.62
C LYS A 48 -11.74 3.01 7.22
N GLU A 49 -12.76 3.11 6.37
CA GLU A 49 -14.15 3.06 6.83
C GLU A 49 -14.44 1.76 7.55
N TYR A 50 -13.62 0.74 7.29
CA TYR A 50 -13.79 -0.56 7.91
C TYR A 50 -13.80 -0.44 9.43
N ALA A 51 -13.35 0.71 9.94
CA ALA A 51 -13.30 0.95 11.36
C ALA A 51 -12.43 2.16 11.69
N GLY A 52 -11.12 1.92 11.85
CA GLY A 52 -10.20 2.99 12.16
C GLY A 52 -8.94 2.49 12.82
N LYS A 53 -8.98 1.25 13.33
CA LYS A 53 -7.83 0.66 14.00
C LYS A 53 -6.71 0.37 13.00
N ILE A 54 -7.05 0.35 11.72
CA ILE A 54 -6.08 0.08 10.67
C ILE A 54 -5.38 1.36 10.22
N LYS A 55 -4.57 1.25 9.17
CA LYS A 55 -3.85 2.39 8.64
C LYS A 55 -3.45 2.16 7.19
N CYS A 56 -3.78 3.12 6.33
CA CYS A 56 -3.45 3.01 4.91
C CYS A 56 -1.99 3.40 4.66
N TYR A 57 -1.56 3.25 3.41
CA TYR A 57 -0.18 3.57 3.04
C TYR A 57 -0.11 4.06 1.60
N LYS A 58 1.08 4.48 1.18
CA LYS A 58 1.28 4.97 -0.17
C LYS A 58 2.74 5.36 -0.40
N LEU A 59 3.35 4.79 -1.42
CA LEU A 59 4.75 5.08 -1.75
C LEU A 59 5.04 6.57 -1.60
N ASN A 60 6.32 6.92 -1.56
CA ASN A 60 6.73 8.32 -1.44
C ASN A 60 7.10 8.90 -2.79
N THR A 61 8.40 8.93 -3.09
CA THR A 61 8.89 9.46 -4.36
C THR A 61 10.41 9.30 -4.47
N ASP A 62 10.93 8.24 -3.86
CA ASP A 62 12.36 7.97 -3.90
C ASP A 62 12.74 7.25 -5.20
N GLU A 63 11.87 7.35 -6.20
CA GLU A 63 12.11 6.71 -7.49
C GLU A 63 11.70 5.24 -7.45
N SER A 64 10.89 4.88 -6.45
CA SER A 64 10.44 3.50 -6.30
C SER A 64 11.50 2.52 -6.77
N PRO A 65 12.69 2.59 -6.15
CA PRO A 65 13.82 1.71 -6.47
C PRO A 65 13.57 0.28 -6.04
N ASN A 66 13.83 -0.01 -4.77
CA ASN A 66 13.64 -1.35 -4.23
C ASN A 66 12.19 -1.77 -4.33
N THR A 67 11.29 -0.79 -4.35
CA THR A 67 9.85 -1.07 -4.44
C THR A 67 9.47 -1.53 -5.84
N ALA A 68 10.13 -0.96 -6.86
CA ALA A 68 9.86 -1.31 -8.24
C ALA A 68 10.55 -2.63 -8.61
N THR A 69 11.51 -3.03 -7.79
CA THR A 69 12.24 -4.27 -8.02
C THR A 69 11.69 -5.42 -7.19
N LYS A 70 10.85 -5.07 -6.22
CA LYS A 70 10.24 -6.07 -5.34
C LYS A 70 8.72 -6.00 -5.41
N TYR A 71 8.21 -5.23 -6.37
CA TYR A 71 6.77 -5.08 -6.54
C TYR A 71 6.44 -4.48 -7.90
N GLY A 72 6.53 -3.16 -8.00
CA GLY A 72 6.23 -2.49 -9.25
C GLY A 72 5.54 -1.16 -9.05
N ILE A 73 6.33 -0.10 -8.92
CA ILE A 73 5.79 1.25 -8.72
C ILE A 73 6.46 2.25 -9.65
N ARG A 74 7.26 1.75 -10.58
CA ARG A 74 7.95 2.61 -11.54
C ARG A 74 6.99 3.17 -12.57
N SER A 75 5.81 2.57 -12.66
CA SER A 75 4.79 3.01 -13.61
C SER A 75 3.58 2.07 -13.59
N ILE A 76 3.30 1.52 -12.42
CA ILE A 76 2.17 0.61 -12.25
C ILE A 76 1.54 0.76 -10.87
N PRO A 77 0.53 1.64 -10.78
CA PRO A 77 -0.19 1.89 -9.53
C PRO A 77 -1.05 0.71 -9.10
N THR A 78 -0.41 -0.28 -8.47
CA THR A 78 -1.12 -1.47 -8.01
C THR A 78 -1.47 -1.37 -6.54
N VAL A 79 -2.22 -2.34 -6.04
CA VAL A 79 -2.62 -2.36 -4.64
C VAL A 79 -2.03 -3.56 -3.90
N LEU A 80 -1.61 -3.35 -2.66
CA LEU A 80 -1.03 -4.41 -1.85
C LEU A 80 -1.35 -4.20 -0.37
N PHE A 81 -1.49 -5.31 0.35
CA PHE A 81 -1.79 -5.24 1.78
C PHE A 81 -0.98 -6.29 2.55
N PHE A 82 -0.37 -5.86 3.65
CA PHE A 82 0.44 -6.74 4.47
C PHE A 82 0.33 -6.36 5.95
N LYS A 83 0.73 -7.29 6.82
CA LYS A 83 0.68 -7.05 8.26
C LYS A 83 1.33 -8.20 9.02
N ASN A 84 2.30 -7.87 9.87
CA ASN A 84 3.00 -8.88 10.66
C ASN A 84 4.10 -9.53 9.84
N GLY A 85 4.03 -9.37 8.53
CA GLY A 85 5.03 -9.96 7.65
C GLY A 85 4.46 -11.05 6.77
N GLU A 86 3.18 -10.92 6.42
CA GLU A 86 2.52 -11.90 5.57
C GLU A 86 1.72 -11.22 4.47
N LYS A 87 2.38 -10.95 3.35
CA LYS A 87 1.73 -10.29 2.21
C LYS A 87 0.26 -10.73 2.11
N LYS A 88 -0.64 -9.85 2.54
CA LYS A 88 -2.07 -10.14 2.49
C LYS A 88 -2.50 -10.53 1.07
N ASP A 89 -2.23 -9.64 0.12
CA ASP A 89 -2.57 -9.89 -1.27
C ASP A 89 -2.09 -8.75 -2.17
N SER A 90 -2.20 -8.94 -3.47
CA SER A 90 -1.77 -7.93 -4.44
C SER A 90 -2.55 -8.06 -5.75
N VAL A 91 -3.01 -6.93 -6.27
CA VAL A 91 -3.77 -6.92 -7.51
C VAL A 91 -3.52 -5.63 -8.29
N ILE A 92 -3.45 -5.74 -9.61
CA ILE A 92 -3.23 -4.59 -10.46
C ILE A 92 -4.52 -4.13 -11.14
N GLY A 93 -4.45 -3.02 -11.86
CA GLY A 93 -5.62 -2.50 -12.55
C GLY A 93 -6.48 -3.60 -13.14
N ALA A 94 -7.75 -3.62 -12.75
CA ALA A 94 -8.68 -4.63 -13.25
C ALA A 94 -10.00 -4.59 -12.49
N VAL A 95 -10.14 -5.46 -11.50
CA VAL A 95 -11.35 -5.52 -10.68
C VAL A 95 -11.04 -5.95 -9.26
N PRO A 96 -9.99 -5.35 -8.68
CA PRO A 96 -9.56 -5.65 -7.31
C PRO A 96 -10.55 -5.13 -6.27
N LYS A 97 -10.33 -3.90 -5.81
CA LYS A 97 -11.20 -3.29 -4.82
C LYS A 97 -11.96 -4.35 -4.03
N ALA A 98 -13.19 -4.63 -4.45
CA ALA A 98 -14.02 -5.63 -3.79
C ALA A 98 -13.28 -6.96 -3.67
N THR A 99 -12.90 -7.51 -4.82
CA THR A 99 -12.19 -8.79 -4.85
C THR A 99 -11.20 -8.89 -3.69
N LEU A 100 -10.56 -7.77 -3.36
CA LEU A 100 -9.59 -7.73 -2.28
C LEU A 100 -10.29 -7.75 -0.91
N SER A 101 -11.37 -6.99 -0.80
CA SER A 101 -12.13 -6.92 0.45
C SER A 101 -12.75 -8.27 0.78
N GLU A 102 -13.05 -9.05 -0.26
CA GLU A 102 -13.66 -10.37 -0.07
C GLU A 102 -12.60 -11.39 0.34
N LYS A 103 -11.38 -11.21 -0.16
CA LYS A 103 -10.29 -12.12 0.16
C LYS A 103 -9.70 -11.80 1.54
N VAL A 104 -9.83 -10.55 1.95
CA VAL A 104 -9.32 -10.12 3.25
C VAL A 104 -10.39 -10.25 4.33
N GLU A 105 -11.59 -9.78 4.03
CA GLU A 105 -12.70 -9.85 4.98
C GLU A 105 -12.66 -8.67 5.94
N LYS A 106 -11.46 -8.29 6.37
CA LYS A 106 -11.29 -7.17 7.29
C LYS A 106 -9.82 -7.02 7.68
N TYR A 107 -8.93 -7.67 6.93
CA TYR A 107 -7.51 -7.60 7.20
C TYR A 107 -7.20 -8.03 8.63
N ILE A 108 -8.19 -8.64 9.28
CA ILE A 108 -8.02 -9.10 10.66
C ILE A 108 -7.30 -10.44 10.70
N ALA A 1 1.28 17.41 9.36
CA ALA A 1 1.10 16.01 9.00
C ALA A 1 -0.06 15.39 9.78
N VAL A 2 -0.67 14.36 9.19
CA VAL A 2 -1.79 13.69 9.82
C VAL A 2 -1.34 12.42 10.54
N ASN A 3 -0.48 11.65 9.88
CA ASN A 3 0.04 10.41 10.45
C ASN A 3 1.55 10.33 10.28
N GLU A 4 2.08 9.10 10.34
CA GLU A 4 3.51 8.89 10.20
C GLU A 4 3.79 7.67 9.32
N VAL A 5 2.73 7.07 8.78
CA VAL A 5 2.85 5.91 7.92
C VAL A 5 3.09 6.31 6.48
N GLN A 6 3.32 5.32 5.62
CA GLN A 6 3.58 5.57 4.21
C GLN A 6 4.77 6.50 4.02
N VAL A 7 5.25 6.60 2.79
CA VAL A 7 6.39 7.46 2.48
C VAL A 7 7.70 6.79 2.85
N VAL A 8 8.81 7.41 2.44
CA VAL A 8 10.13 6.86 2.74
C VAL A 8 10.30 5.46 2.15
N ASN A 9 9.70 4.47 2.81
CA ASN A 9 9.78 3.09 2.36
C ASN A 9 11.08 2.44 2.81
N ASP A 10 12.19 3.14 2.62
CA ASP A 10 13.50 2.64 3.02
C ASP A 10 13.38 1.77 4.27
N SER A 11 13.25 2.42 5.42
CA SER A 11 13.15 1.71 6.69
C SER A 11 11.99 0.73 6.67
N SER A 12 10.87 1.14 6.08
CA SER A 12 9.68 0.31 5.99
C SER A 12 10.03 -1.06 5.40
N TRP A 13 10.30 -1.08 4.09
CA TRP A 13 10.65 -2.32 3.41
C TRP A 13 11.80 -3.03 4.11
N ASP A 14 12.49 -2.31 4.98
CA ASP A 14 13.62 -2.87 5.72
C ASP A 14 13.16 -4.02 6.61
N GLU A 15 12.41 -3.68 7.66
CA GLU A 15 11.91 -4.69 8.59
C GLU A 15 10.46 -4.39 8.98
N LEU A 16 9.85 -3.44 8.28
CA LEU A 16 8.46 -3.07 8.55
C LEU A 16 7.50 -3.94 7.76
N VAL A 17 7.55 -3.82 6.44
CA VAL A 17 6.68 -4.60 5.56
C VAL A 17 6.83 -6.08 5.82
N ILE A 18 7.87 -6.44 6.56
CA ILE A 18 8.13 -7.85 6.89
C ILE A 18 8.31 -8.04 8.39
N GLY A 19 7.99 -7.00 9.16
CA GLY A 19 8.11 -7.08 10.60
C GLY A 19 7.15 -6.16 11.31
N SER A 20 6.20 -5.61 10.57
CA SER A 20 5.20 -4.71 11.15
C SER A 20 4.02 -5.48 11.72
N GLU A 21 3.20 -4.81 12.51
CA GLU A 21 2.05 -5.44 13.13
C GLU A 21 0.75 -4.94 12.48
N THR A 22 -0.30 -5.75 12.57
CA THR A 22 -1.59 -5.40 11.99
C THR A 22 -1.54 -5.41 10.47
N PRO A 23 -2.70 -5.59 9.83
CA PRO A 23 -2.82 -5.63 8.37
C PRO A 23 -2.56 -4.27 7.73
N VAL A 24 -1.34 -4.08 7.22
CA VAL A 24 -0.96 -2.82 6.59
C VAL A 24 -1.19 -2.88 5.08
N LEU A 25 -2.07 -2.02 4.58
CA LEU A 25 -2.37 -1.99 3.15
C LEU A 25 -1.56 -0.90 2.45
N VAL A 26 -0.61 -1.33 1.63
CA VAL A 26 0.24 -0.39 0.89
C VAL A 26 -0.39 0.01 -0.44
N ASP A 27 -0.11 1.22 -0.88
CA ASP A 27 -0.66 1.72 -2.15
C ASP A 27 0.44 1.83 -3.20
N PHE A 28 0.04 1.72 -4.46
CA PHE A 28 0.99 1.81 -5.57
C PHE A 28 0.78 3.08 -6.38
N TRP A 29 0.89 4.22 -5.71
CA TRP A 29 0.70 5.51 -6.37
C TRP A 29 0.95 5.40 -7.87
N ALA A 30 2.16 5.01 -8.24
CA ALA A 30 2.52 4.86 -9.65
C ALA A 30 2.93 6.20 -10.26
N PRO A 31 4.02 6.19 -11.03
CA PRO A 31 4.54 7.39 -11.69
C PRO A 31 3.63 7.87 -12.81
N TRP A 32 2.52 7.17 -13.01
CA TRP A 32 1.56 7.53 -14.06
C TRP A 32 1.43 9.04 -14.18
N CYS A 33 1.69 9.75 -13.08
CA CYS A 33 1.59 11.20 -13.07
C CYS A 33 2.73 11.80 -12.24
N GLY A 34 3.37 12.83 -12.79
CA GLY A 34 4.47 13.48 -12.09
C GLY A 34 4.25 13.50 -10.59
N PRO A 35 3.44 14.44 -10.11
CA PRO A 35 3.15 14.59 -8.68
C PRO A 35 2.30 13.45 -8.14
N CYS A 36 1.98 12.49 -9.01
CA CYS A 36 1.17 11.34 -8.63
C CYS A 36 0.05 11.75 -7.69
N ARG A 37 -0.50 10.79 -6.97
CA ARG A 37 -1.59 11.05 -6.03
C ARG A 37 -1.31 10.42 -4.67
N MET A 38 -0.13 9.82 -4.54
CA MET A 38 0.26 9.18 -3.28
C MET A 38 -0.95 8.61 -2.56
N ILE A 39 -1.51 9.40 -1.65
CA ILE A 39 -2.68 8.97 -0.90
C ILE A 39 -3.71 10.09 -0.79
N ALA A 40 -4.99 9.72 -0.74
CA ALA A 40 -6.06 10.69 -0.64
C ALA A 40 -7.40 10.09 -1.05
N PRO A 41 -7.47 9.59 -2.30
CA PRO A 41 -8.68 8.96 -2.84
C PRO A 41 -8.98 7.63 -2.17
N ILE A 42 -9.83 6.84 -2.82
CA ILE A 42 -10.21 5.53 -2.30
C ILE A 42 -9.11 4.95 -1.43
N ILE A 43 -7.89 4.92 -1.96
CA ILE A 43 -6.75 4.39 -1.23
C ILE A 43 -6.87 4.68 0.26
N ASP A 44 -7.02 5.95 0.60
CA ASP A 44 -7.15 6.36 2.00
C ASP A 44 -8.49 5.92 2.57
N GLU A 45 -9.53 6.03 1.77
CA GLU A 45 -10.87 5.64 2.20
C GLU A 45 -10.87 4.21 2.74
N LEU A 46 -10.36 3.29 1.95
CA LEU A 46 -10.31 1.88 2.35
C LEU A 46 -9.33 1.68 3.50
N ALA A 47 -8.36 2.59 3.61
CA ALA A 47 -7.37 2.52 4.68
C ALA A 47 -8.04 2.55 6.05
N LYS A 48 -9.07 3.38 6.19
CA LYS A 48 -9.78 3.50 7.45
C LYS A 48 -11.17 2.87 7.35
N GLU A 49 -11.46 2.28 6.19
CA GLU A 49 -12.76 1.64 5.97
C GLU A 49 -13.27 0.98 7.26
N TYR A 50 -12.50 0.03 7.76
CA TYR A 50 -12.88 -0.68 8.98
C TYR A 50 -13.18 0.30 10.11
N ALA A 51 -12.41 1.39 10.15
CA ALA A 51 -12.60 2.41 11.18
C ALA A 51 -11.35 3.30 11.31
N GLY A 52 -10.42 2.88 12.15
CA GLY A 52 -9.21 3.64 12.34
C GLY A 52 -8.15 2.88 13.12
N LYS A 53 -8.26 1.55 13.13
CA LYS A 53 -7.32 0.70 13.83
C LYS A 53 -6.41 -0.03 12.86
N ILE A 54 -6.76 0.03 11.58
CA ILE A 54 -5.97 -0.62 10.54
C ILE A 54 -4.65 0.12 10.29
N LYS A 55 -4.13 0.00 9.08
CA LYS A 55 -2.89 0.66 8.71
C LYS A 55 -2.77 0.80 7.20
N CYS A 56 -1.96 1.76 6.75
CA CYS A 56 -1.76 2.00 5.33
C CYS A 56 -0.32 2.38 5.04
N TYR A 57 0.00 2.53 3.76
CA TYR A 57 1.35 2.89 3.35
C TYR A 57 1.38 3.27 1.87
N LYS A 58 2.53 3.78 1.42
CA LYS A 58 2.70 4.18 0.03
C LYS A 58 4.15 4.03 -0.41
N LEU A 59 4.38 3.21 -1.44
CA LEU A 59 5.71 2.98 -1.95
C LEU A 59 6.48 4.29 -2.08
N ASN A 60 7.78 4.19 -2.34
CA ASN A 60 8.63 5.36 -2.49
C ASN A 60 8.09 6.27 -3.59
N THR A 61 8.97 7.10 -4.15
CA THR A 61 8.60 8.03 -5.21
C THR A 61 9.70 9.05 -5.47
N ASP A 62 10.53 9.27 -4.46
CA ASP A 62 11.63 10.22 -4.59
C ASP A 62 12.90 9.53 -5.06
N GLU A 63 13.18 8.35 -4.51
CA GLU A 63 14.36 7.59 -4.87
C GLU A 63 14.00 6.13 -5.16
N SER A 64 12.99 5.63 -4.45
CA SER A 64 12.55 4.24 -4.63
C SER A 64 13.75 3.32 -4.86
N PRO A 65 14.72 3.38 -3.95
CA PRO A 65 15.93 2.56 -4.04
C PRO A 65 15.65 1.08 -3.78
N ASN A 66 14.94 0.80 -2.69
CA ASN A 66 14.59 -0.57 -2.32
C ASN A 66 13.56 -1.14 -3.30
N THR A 67 12.36 -0.57 -3.28
CA THR A 67 11.29 -1.01 -4.16
C THR A 67 11.80 -1.24 -5.58
N ALA A 68 12.64 -0.34 -6.06
CA ALA A 68 13.19 -0.44 -7.40
C ALA A 68 13.99 -1.74 -7.57
N THR A 69 14.81 -2.06 -6.58
CA THR A 69 15.62 -3.27 -6.62
C THR A 69 14.74 -4.52 -6.63
N LYS A 70 13.50 -4.37 -6.20
CA LYS A 70 12.56 -5.47 -6.17
C LYS A 70 11.20 -5.06 -6.74
N TYR A 71 10.39 -4.41 -5.93
CA TYR A 71 9.07 -3.97 -6.36
C TYR A 71 9.17 -3.12 -7.63
N GLY A 72 9.35 -1.81 -7.45
CA GLY A 72 9.46 -0.92 -8.59
C GLY A 72 8.21 -0.91 -9.45
N ILE A 73 7.44 0.17 -9.38
CA ILE A 73 6.21 0.28 -10.16
C ILE A 73 6.43 -0.16 -11.60
N ARG A 74 6.23 -1.45 -11.86
CA ARG A 74 6.40 -2.01 -13.20
C ARG A 74 5.58 -1.23 -14.22
N SER A 75 4.38 -0.83 -13.83
CA SER A 75 3.50 -0.07 -14.71
C SER A 75 2.10 0.03 -14.12
N ILE A 76 1.60 1.25 -14.00
CA ILE A 76 0.26 1.48 -13.45
C ILE A 76 0.21 1.16 -11.96
N PRO A 77 -0.60 1.92 -11.22
CA PRO A 77 -0.75 1.73 -9.77
C PRO A 77 -1.49 0.45 -9.43
N THR A 78 -1.65 0.18 -8.14
CA THR A 78 -2.35 -1.02 -7.69
C THR A 78 -2.52 -1.01 -6.17
N VAL A 79 -3.23 -2.01 -5.65
CA VAL A 79 -3.47 -2.13 -4.22
C VAL A 79 -3.00 -3.46 -3.69
N LEU A 80 -2.01 -3.43 -2.79
CA LEU A 80 -1.46 -4.65 -2.21
C LEU A 80 -1.50 -4.58 -0.68
N PHE A 81 -1.88 -5.69 -0.05
CA PHE A 81 -1.96 -5.77 1.40
C PHE A 81 -0.82 -6.60 1.96
N PHE A 82 -0.13 -6.07 2.98
CA PHE A 82 0.98 -6.77 3.61
C PHE A 82 0.64 -7.14 5.05
N LYS A 83 0.91 -8.39 5.40
CA LYS A 83 0.64 -8.88 6.75
C LYS A 83 1.41 -10.17 7.03
N ASN A 84 2.05 -10.23 8.19
CA ASN A 84 2.81 -11.42 8.57
C ASN A 84 4.16 -11.44 7.86
N GLY A 85 4.33 -10.56 6.87
CA GLY A 85 5.58 -10.50 6.14
C GLY A 85 5.57 -11.39 4.91
N GLU A 86 4.42 -11.50 4.27
CA GLU A 86 4.28 -12.33 3.08
C GLU A 86 3.28 -11.72 2.10
N LYS A 87 3.30 -10.39 2.00
CA LYS A 87 2.41 -9.67 1.11
C LYS A 87 1.05 -10.37 1.02
N LYS A 88 0.15 -10.03 1.93
CA LYS A 88 -1.19 -10.61 1.96
C LYS A 88 -1.68 -10.91 0.55
N ASP A 89 -2.12 -9.86 -0.15
CA ASP A 89 -2.61 -10.01 -1.51
C ASP A 89 -2.29 -8.77 -2.35
N SER A 90 -2.53 -8.85 -3.65
CA SER A 90 -2.26 -7.75 -4.55
C SER A 90 -3.18 -7.81 -5.78
N VAL A 91 -3.59 -6.63 -6.26
CA VAL A 91 -4.47 -6.54 -7.42
C VAL A 91 -4.22 -5.27 -8.20
N ILE A 92 -3.59 -5.40 -9.37
CA ILE A 92 -3.30 -4.25 -10.21
C ILE A 92 -4.36 -4.08 -11.30
N GLY A 93 -4.53 -2.84 -11.75
CA GLY A 93 -5.51 -2.57 -12.79
C GLY A 93 -6.93 -2.60 -12.26
N ALA A 94 -7.71 -3.55 -12.76
CA ALA A 94 -9.11 -3.69 -12.32
C ALA A 94 -9.22 -4.64 -11.14
N VAL A 95 -10.46 -5.01 -10.80
CA VAL A 95 -10.71 -5.91 -9.69
C VAL A 95 -9.99 -5.44 -8.42
N PRO A 96 -10.08 -4.12 -8.15
CA PRO A 96 -9.45 -3.52 -6.98
C PRO A 96 -10.13 -3.93 -5.68
N LYS A 97 -11.12 -3.15 -5.26
CA LYS A 97 -11.85 -3.43 -4.03
C LYS A 97 -12.27 -4.90 -3.97
N ALA A 98 -12.31 -5.55 -5.13
CA ALA A 98 -12.68 -6.96 -5.21
C ALA A 98 -11.70 -7.83 -4.43
N THR A 99 -10.43 -7.78 -4.83
CA THR A 99 -9.39 -8.57 -4.18
C THR A 99 -9.19 -8.12 -2.74
N LEU A 100 -9.62 -6.89 -2.43
CA LEU A 100 -9.48 -6.35 -1.08
C LEU A 100 -10.44 -7.03 -0.12
N SER A 101 -11.73 -6.70 -0.24
CA SER A 101 -12.74 -7.28 0.61
C SER A 101 -12.77 -8.80 0.50
N GLU A 102 -12.73 -9.29 -0.73
CA GLU A 102 -12.74 -10.72 -0.98
C GLU A 102 -11.65 -11.43 -0.18
N LYS A 103 -10.47 -10.82 -0.14
CA LYS A 103 -9.34 -11.38 0.59
C LYS A 103 -9.53 -11.21 2.09
N VAL A 104 -10.41 -10.28 2.48
CA VAL A 104 -10.68 -10.01 3.88
C VAL A 104 -12.16 -10.22 4.20
N GLU A 105 -12.96 -9.18 3.98
CA GLU A 105 -14.38 -9.24 4.24
C GLU A 105 -14.99 -7.85 4.34
N LYS A 106 -14.55 -7.09 5.33
CA LYS A 106 -15.05 -5.73 5.54
C LYS A 106 -14.28 -4.74 4.67
N TYR A 107 -13.42 -5.26 3.80
CA TYR A 107 -12.62 -4.42 2.92
C TYR A 107 -13.41 -4.06 1.65
N ILE A 108 -14.73 -4.08 1.76
CA ILE A 108 -15.60 -3.76 0.64
C ILE A 108 -15.05 -2.57 -0.14
#